data_2YUO
#
_entry.id   2YUO
#
_entity_poly.entity_id   1
_entity_poly.type   'polypeptide(L)'
_entity_poly.pdbx_seq_one_letter_code
;GSSGSSGRRAKALLDFERHDDDELGFRKNDIITIISQKDEHCWVGELNGLRGWFPAKFVEVLDERSKEYSIASGPSSG
;
_entity_poly.pdbx_strand_id   A
#
# COMPACT_ATOMS: atom_id res chain seq x y z
N GLY A 1 -4.78 19.90 8.87
CA GLY A 1 -5.55 20.87 8.12
C GLY A 1 -6.79 20.26 7.48
N SER A 2 -6.72 20.02 6.18
CA SER A 2 -7.84 19.44 5.45
C SER A 2 -8.09 18.00 5.90
N SER A 3 -9.23 17.45 5.49
CA SER A 3 -9.59 16.08 5.86
C SER A 3 -10.63 15.52 4.89
N GLY A 4 -10.71 14.19 4.82
CA GLY A 4 -11.67 13.55 3.93
C GLY A 4 -11.64 12.04 4.05
N SER A 5 -11.58 11.37 2.91
CA SER A 5 -11.56 9.91 2.89
C SER A 5 -10.12 9.39 2.90
N SER A 6 -9.88 8.37 3.73
CA SER A 6 -8.55 7.78 3.83
C SER A 6 -8.57 6.32 3.43
N GLY A 7 -7.64 5.93 2.57
CA GLY A 7 -7.57 4.54 2.13
C GLY A 7 -6.41 3.80 2.74
N ARG A 8 -5.87 2.83 2.01
CA ARG A 8 -4.75 2.03 2.49
C ARG A 8 -3.48 2.33 1.69
N ARG A 9 -2.35 1.82 2.18
CA ARG A 9 -1.08 2.04 1.50
C ARG A 9 -0.14 0.85 1.73
N ALA A 10 0.41 0.32 0.64
CA ALA A 10 1.32 -0.81 0.71
C ALA A 10 2.74 -0.40 0.31
N LYS A 11 3.71 -0.90 1.06
CA LYS A 11 5.11 -0.59 0.79
C LYS A 11 5.73 -1.64 -0.14
N ALA A 12 6.39 -1.16 -1.20
CA ALA A 12 7.03 -2.05 -2.16
C ALA A 12 8.28 -2.69 -1.56
N LEU A 13 8.40 -4.01 -1.70
CA LEU A 13 9.55 -4.74 -1.18
C LEU A 13 10.66 -4.80 -2.22
N LEU A 14 10.30 -4.64 -3.49
CA LEU A 14 11.27 -4.68 -4.57
C LEU A 14 10.77 -3.87 -5.78
N ASP A 15 11.62 -3.76 -6.79
CA ASP A 15 11.26 -3.03 -8.01
C ASP A 15 10.41 -3.88 -8.93
N PHE A 16 9.30 -3.32 -9.40
CA PHE A 16 8.40 -4.02 -10.29
C PHE A 16 8.09 -3.19 -11.53
N GLU A 17 8.62 -3.61 -12.68
CA GLU A 17 8.41 -2.90 -13.93
C GLU A 17 7.15 -3.40 -14.64
N ARG A 18 6.07 -2.64 -14.52
CA ARG A 18 4.81 -3.01 -15.14
C ARG A 18 5.02 -3.38 -16.61
N HIS A 19 4.52 -4.55 -16.99
CA HIS A 19 4.64 -5.02 -18.37
C HIS A 19 3.55 -4.42 -19.25
N ASP A 20 2.33 -4.41 -18.74
CA ASP A 20 1.20 -3.86 -19.48
C ASP A 20 0.73 -2.54 -18.87
N ASP A 21 0.21 -1.66 -19.71
CA ASP A 21 -0.28 -0.36 -19.26
C ASP A 21 -1.20 -0.51 -18.06
N ASP A 22 -1.87 -1.65 -17.99
CA ASP A 22 -2.80 -1.92 -16.89
C ASP A 22 -2.03 -2.21 -15.59
N GLU A 23 -0.84 -2.81 -15.74
CA GLU A 23 -0.03 -3.14 -14.58
C GLU A 23 0.58 -1.88 -13.97
N LEU A 24 0.58 -1.83 -12.63
CA LEU A 24 1.13 -0.70 -11.91
C LEU A 24 2.53 -0.99 -11.38
N GLY A 25 3.53 -0.32 -11.94
CA GLY A 25 4.90 -0.53 -11.50
C GLY A 25 5.26 0.31 -10.29
N PHE A 26 6.43 0.05 -9.74
CA PHE A 26 6.90 0.80 -8.56
C PHE A 26 8.33 0.43 -8.22
N ARG A 27 9.03 1.34 -7.55
CA ARG A 27 10.42 1.10 -7.15
C ARG A 27 10.49 0.48 -5.76
N LYS A 28 11.64 -0.10 -5.45
CA LYS A 28 11.84 -0.74 -4.15
C LYS A 28 11.72 0.29 -3.02
N ASN A 29 10.91 -0.05 -2.02
CA ASN A 29 10.70 0.84 -0.88
C ASN A 29 9.84 2.04 -1.27
N ASP A 30 8.89 1.81 -2.17
CA ASP A 30 7.99 2.87 -2.63
C ASP A 30 6.62 2.74 -1.97
N ILE A 31 5.99 3.87 -1.73
CA ILE A 31 4.67 3.89 -1.10
C ILE A 31 3.56 4.03 -2.15
N ILE A 32 2.61 3.12 -2.11
CA ILE A 32 1.49 3.14 -3.05
C ILE A 32 0.16 3.05 -2.33
N THR A 33 -0.73 4.00 -2.61
CA THR A 33 -2.05 4.02 -1.97
C THR A 33 -2.99 3.03 -2.65
N ILE A 34 -3.50 2.09 -1.86
CA ILE A 34 -4.43 1.09 -2.38
C ILE A 34 -5.83 1.66 -2.56
N ILE A 35 -6.29 1.68 -3.81
CA ILE A 35 -7.62 2.21 -4.13
C ILE A 35 -8.67 1.10 -4.08
N SER A 36 -8.54 0.13 -4.98
CA SER A 36 -9.48 -0.99 -5.04
C SER A 36 -8.74 -2.32 -5.08
N GLN A 37 -8.85 -3.09 -4.01
CA GLN A 37 -8.19 -4.39 -3.93
C GLN A 37 -8.96 -5.44 -4.73
N LYS A 38 -8.72 -5.48 -6.03
CA LYS A 38 -9.38 -6.44 -6.91
C LYS A 38 -9.62 -7.76 -6.19
N ASP A 39 -8.56 -8.27 -5.55
CA ASP A 39 -8.65 -9.53 -4.82
C ASP A 39 -7.49 -9.69 -3.85
N GLU A 40 -7.48 -10.79 -3.11
CA GLU A 40 -6.42 -11.04 -2.14
C GLU A 40 -5.09 -11.32 -2.84
N HIS A 41 -5.13 -11.34 -4.17
CA HIS A 41 -3.94 -11.59 -4.96
C HIS A 41 -3.56 -10.36 -5.79
N CYS A 42 -4.55 -9.79 -6.45
CA CYS A 42 -4.33 -8.60 -7.28
C CYS A 42 -4.93 -7.35 -6.63
N TRP A 43 -4.09 -6.36 -6.41
CA TRP A 43 -4.54 -5.11 -5.80
C TRP A 43 -4.33 -3.93 -6.74
N VAL A 44 -5.10 -2.87 -6.53
CA VAL A 44 -5.00 -1.68 -7.36
C VAL A 44 -4.72 -0.43 -6.52
N GLY A 45 -3.52 0.10 -6.64
CA GLY A 45 -3.14 1.27 -5.89
C GLY A 45 -2.90 2.49 -6.78
N GLU A 46 -2.37 3.55 -6.19
CA GLU A 46 -2.10 4.78 -6.93
C GLU A 46 -0.65 5.23 -6.73
N LEU A 47 0.02 5.57 -7.83
CA LEU A 47 1.40 6.01 -7.77
C LEU A 47 1.77 6.79 -9.04
N ASN A 48 2.44 7.92 -8.85
CA ASN A 48 2.86 8.77 -9.97
C ASN A 48 1.66 9.16 -10.81
N GLY A 49 0.52 9.38 -10.16
CA GLY A 49 -0.68 9.78 -10.87
C GLY A 49 -1.21 8.67 -11.76
N LEU A 50 -0.87 7.43 -11.43
CA LEU A 50 -1.30 6.28 -12.21
C LEU A 50 -2.11 5.31 -11.34
N ARG A 51 -2.92 4.47 -11.99
CA ARG A 51 -3.73 3.50 -11.28
C ARG A 51 -3.78 2.18 -12.04
N GLY A 52 -3.15 1.15 -11.46
CA GLY A 52 -3.13 -0.15 -12.09
C GLY A 52 -3.07 -1.28 -11.09
N TRP A 53 -3.25 -2.50 -11.57
CA TRP A 53 -3.22 -3.68 -10.70
C TRP A 53 -1.77 -4.12 -10.45
N PHE A 54 -1.59 -5.00 -9.47
CA PHE A 54 -0.26 -5.50 -9.13
C PHE A 54 -0.35 -6.57 -8.05
N PRO A 55 0.62 -7.48 -8.04
CA PRO A 55 0.68 -8.58 -7.06
C PRO A 55 1.00 -8.10 -5.66
N ALA A 56 0.04 -8.22 -4.76
CA ALA A 56 0.23 -7.80 -3.37
C ALA A 56 1.49 -8.40 -2.77
N LYS A 57 1.77 -9.65 -3.14
CA LYS A 57 2.95 -10.35 -2.64
C LYS A 57 4.21 -9.52 -2.86
N PHE A 58 4.26 -8.82 -4.00
CA PHE A 58 5.41 -7.99 -4.33
C PHE A 58 5.56 -6.84 -3.35
N VAL A 59 4.43 -6.42 -2.76
CA VAL A 59 4.43 -5.33 -1.80
C VAL A 59 3.97 -5.81 -0.42
N GLU A 60 3.91 -4.88 0.53
CA GLU A 60 3.48 -5.21 1.88
C GLU A 60 2.42 -4.23 2.38
N VAL A 61 1.44 -4.73 3.12
CA VAL A 61 0.38 -3.89 3.65
C VAL A 61 0.87 -3.06 4.83
N LEU A 62 0.20 -1.94 5.07
CA LEU A 62 0.57 -1.05 6.16
C LEU A 62 -0.68 -0.49 6.85
N ASP A 63 -0.85 -0.83 8.12
CA ASP A 63 -1.99 -0.34 8.89
C ASP A 63 -1.54 0.48 10.09
N GLU A 64 -1.17 1.73 9.84
CA GLU A 64 -0.72 2.63 10.90
C GLU A 64 -1.83 3.59 11.31
N ARG A 65 -1.67 4.21 12.48
CA ARG A 65 -2.65 5.15 12.98
C ARG A 65 -1.97 6.42 13.49
N SER A 66 -2.20 7.53 12.80
CA SER A 66 -1.60 8.81 13.18
C SER A 66 -2.67 9.77 13.70
N LYS A 67 -2.23 10.90 14.24
CA LYS A 67 -3.14 11.91 14.76
C LYS A 67 -4.37 11.26 15.38
N GLU A 68 -4.13 10.34 16.33
CA GLU A 68 -5.22 9.64 17.00
C GLU A 68 -5.80 10.50 18.12
N TYR A 69 -7.04 10.93 17.94
CA TYR A 69 -7.71 11.76 18.94
C TYR A 69 -9.09 11.20 19.27
N SER A 70 -9.94 11.08 18.26
CA SER A 70 -11.29 10.57 18.44
C SER A 70 -11.28 9.34 19.35
N ILE A 71 -10.21 8.56 19.25
CA ILE A 71 -10.08 7.35 20.05
C ILE A 71 -8.98 7.50 21.10
N ALA A 72 -9.24 7.01 22.32
CA ALA A 72 -8.27 7.09 23.39
C ALA A 72 -8.75 6.31 24.62
N SER A 73 -7.83 6.05 25.53
CA SER A 73 -8.15 5.30 26.75
C SER A 73 -8.30 6.24 27.93
N GLY A 74 -8.99 5.77 28.97
CA GLY A 74 -9.18 6.58 30.17
C GLY A 74 -9.20 5.76 31.43
N PRO A 75 -10.41 5.36 31.86
CA PRO A 75 -10.59 4.55 33.08
C PRO A 75 -10.06 3.13 32.92
N SER A 76 -8.77 2.95 33.18
CA SER A 76 -8.15 1.64 33.07
C SER A 76 -7.85 1.05 34.44
N SER A 77 -8.58 -0.01 34.78
CA SER A 77 -8.40 -0.67 36.08
C SER A 77 -8.31 0.36 37.20
N GLY A 78 -9.16 1.37 37.14
CA GLY A 78 -9.16 2.41 38.16
C GLY A 78 -9.37 3.79 37.58
N GLY A 1 -22.24 17.18 3.86
CA GLY A 1 -20.93 16.80 4.35
C GLY A 1 -20.85 15.33 4.73
N SER A 2 -20.01 14.58 4.02
CA SER A 2 -19.85 13.15 4.28
C SER A 2 -18.58 12.89 5.08
N SER A 3 -18.60 11.83 5.89
CA SER A 3 -17.46 11.47 6.70
C SER A 3 -17.14 9.99 6.57
N GLY A 4 -15.90 9.62 6.88
CA GLY A 4 -15.49 8.23 6.79
C GLY A 4 -14.39 8.02 5.76
N SER A 5 -13.27 8.70 5.95
CA SER A 5 -12.14 8.59 5.03
C SER A 5 -11.63 7.16 4.98
N SER A 6 -11.67 6.57 3.79
CA SER A 6 -11.21 5.20 3.60
C SER A 6 -10.02 5.15 2.64
N GLY A 7 -8.98 4.43 3.02
CA GLY A 7 -7.80 4.31 2.19
C GLY A 7 -6.67 3.57 2.88
N ARG A 8 -5.89 2.82 2.11
CA ARG A 8 -4.77 2.06 2.65
C ARG A 8 -3.49 2.36 1.89
N ARG A 9 -2.37 1.84 2.38
CA ARG A 9 -1.08 2.04 1.74
C ARG A 9 -0.22 0.78 1.83
N ALA A 10 0.50 0.48 0.76
CA ALA A 10 1.36 -0.69 0.72
C ALA A 10 2.80 -0.29 0.41
N LYS A 11 3.75 -1.04 0.98
CA LYS A 11 5.16 -0.77 0.77
C LYS A 11 5.79 -1.82 -0.15
N ALA A 12 6.47 -1.36 -1.20
CA ALA A 12 7.12 -2.25 -2.14
C ALA A 12 8.37 -2.88 -1.54
N LEU A 13 8.30 -4.18 -1.29
CA LEU A 13 9.44 -4.90 -0.72
C LEU A 13 10.58 -5.02 -1.72
N LEU A 14 10.26 -4.82 -2.99
CA LEU A 14 11.26 -4.90 -4.05
C LEU A 14 10.82 -4.10 -5.27
N ASP A 15 11.61 -4.17 -6.35
CA ASP A 15 11.30 -3.46 -7.58
C ASP A 15 10.32 -4.26 -8.44
N PHE A 16 9.43 -3.54 -9.11
CA PHE A 16 8.44 -4.19 -9.97
C PHE A 16 8.29 -3.44 -11.29
N GLU A 17 8.44 -4.16 -12.39
CA GLU A 17 8.32 -3.56 -13.71
C GLU A 17 7.03 -4.00 -14.40
N ARG A 18 6.05 -3.10 -14.44
CA ARG A 18 4.77 -3.41 -15.07
C ARG A 18 4.97 -3.87 -16.51
N HIS A 19 4.53 -5.10 -16.79
CA HIS A 19 4.66 -5.67 -18.13
C HIS A 19 3.69 -5.00 -19.09
N ASP A 20 2.47 -4.77 -18.63
CA ASP A 20 1.44 -4.14 -19.46
C ASP A 20 1.24 -2.68 -19.06
N ASP A 21 0.62 -1.91 -19.94
CA ASP A 21 0.37 -0.49 -19.68
C ASP A 21 -0.53 -0.32 -18.46
N ASP A 22 -1.48 -1.24 -18.29
CA ASP A 22 -2.40 -1.19 -17.17
C ASP A 22 -1.69 -1.46 -15.86
N GLU A 23 -0.89 -2.52 -15.84
CA GLU A 23 -0.15 -2.89 -14.64
C GLU A 23 0.55 -1.67 -14.04
N LEU A 24 0.57 -1.61 -12.71
CA LEU A 24 1.20 -0.50 -12.01
C LEU A 24 2.62 -0.87 -11.57
N GLY A 25 3.59 -0.15 -12.10
CA GLY A 25 4.98 -0.41 -11.75
C GLY A 25 5.48 0.49 -10.64
N PHE A 26 6.39 -0.03 -9.82
CA PHE A 26 6.95 0.74 -8.71
C PHE A 26 8.37 0.30 -8.41
N ARG A 27 9.02 1.00 -7.50
CA ARG A 27 10.40 0.69 -7.11
C ARG A 27 10.46 0.17 -5.68
N LYS A 28 11.61 -0.36 -5.30
CA LYS A 28 11.81 -0.89 -3.96
C LYS A 28 11.70 0.22 -2.91
N ASN A 29 11.10 -0.10 -1.78
CA ASN A 29 10.94 0.88 -0.70
C ASN A 29 10.08 2.06 -1.15
N ASP A 30 9.02 1.76 -1.90
CA ASP A 30 8.13 2.79 -2.41
C ASP A 30 6.73 2.62 -1.82
N ILE A 31 6.11 3.75 -1.45
CA ILE A 31 4.78 3.73 -0.88
C ILE A 31 3.71 3.90 -1.96
N ILE A 32 2.81 2.92 -2.07
CA ILE A 32 1.75 2.97 -3.06
C ILE A 32 0.37 2.94 -2.39
N THR A 33 -0.46 3.92 -2.74
CA THR A 33 -1.81 4.01 -2.18
C THR A 33 -2.72 2.93 -2.75
N ILE A 34 -3.50 2.31 -1.88
CA ILE A 34 -4.42 1.26 -2.31
C ILE A 34 -5.81 1.82 -2.55
N ILE A 35 -6.27 1.74 -3.80
CA ILE A 35 -7.58 2.24 -4.18
C ILE A 35 -8.64 1.14 -4.08
N SER A 36 -8.46 0.09 -4.88
CA SER A 36 -9.40 -1.03 -4.89
C SER A 36 -8.65 -2.36 -4.84
N GLN A 37 -9.40 -3.45 -4.77
CA GLN A 37 -8.81 -4.79 -4.71
C GLN A 37 -9.51 -5.72 -5.70
N LYS A 38 -9.12 -5.64 -6.96
CA LYS A 38 -9.71 -6.48 -8.00
C LYS A 38 -9.64 -7.95 -7.60
N ASP A 39 -8.55 -8.34 -6.95
CA ASP A 39 -8.38 -9.71 -6.51
C ASP A 39 -7.50 -9.78 -5.26
N GLU A 40 -7.66 -10.84 -4.48
CA GLU A 40 -6.88 -11.02 -3.26
C GLU A 40 -5.39 -11.04 -3.57
N HIS A 41 -5.04 -11.58 -4.73
CA HIS A 41 -3.65 -11.66 -5.15
C HIS A 41 -3.21 -10.39 -5.87
N CYS A 42 -4.14 -9.80 -6.63
CA CYS A 42 -3.86 -8.58 -7.37
C CYS A 42 -4.68 -7.41 -6.83
N TRP A 43 -3.99 -6.37 -6.37
CA TRP A 43 -4.65 -5.19 -5.84
C TRP A 43 -4.50 -4.00 -6.78
N VAL A 44 -5.26 -2.94 -6.52
CA VAL A 44 -5.20 -1.74 -7.34
C VAL A 44 -4.84 -0.51 -6.50
N GLY A 45 -3.69 0.09 -6.81
CA GLY A 45 -3.26 1.27 -6.08
C GLY A 45 -3.06 2.47 -6.97
N GLU A 46 -2.48 3.53 -6.42
CA GLU A 46 -2.25 4.75 -7.19
C GLU A 46 -0.85 5.31 -6.92
N LEU A 47 -0.08 5.47 -7.98
CA LEU A 47 1.29 5.99 -7.87
C LEU A 47 1.70 6.71 -9.14
N ASN A 48 2.48 7.78 -8.99
CA ASN A 48 2.94 8.56 -10.13
C ASN A 48 1.78 9.04 -10.98
N GLY A 49 0.62 9.21 -10.34
CA GLY A 49 -0.55 9.67 -11.05
C GLY A 49 -1.14 8.61 -11.96
N LEU A 50 -0.92 7.35 -11.61
CA LEU A 50 -1.43 6.23 -12.39
C LEU A 50 -2.21 5.26 -11.53
N ARG A 51 -3.18 4.59 -12.13
CA ARG A 51 -4.01 3.62 -11.40
C ARG A 51 -4.04 2.29 -12.13
N GLY A 52 -3.33 1.30 -11.60
CA GLY A 52 -3.30 -0.02 -12.21
C GLY A 52 -3.24 -1.13 -11.19
N TRP A 53 -3.28 -2.37 -11.66
CA TRP A 53 -3.24 -3.53 -10.77
C TRP A 53 -1.80 -3.97 -10.52
N PHE A 54 -1.62 -4.80 -9.50
CA PHE A 54 -0.29 -5.29 -9.15
C PHE A 54 -0.37 -6.37 -8.07
N PRO A 55 0.62 -7.27 -8.07
CA PRO A 55 0.69 -8.37 -7.09
C PRO A 55 0.99 -7.88 -5.68
N ALA A 56 0.14 -8.26 -4.74
CA ALA A 56 0.32 -7.87 -3.35
C ALA A 56 1.54 -8.54 -2.73
N LYS A 57 1.86 -9.73 -3.22
CA LYS A 57 3.00 -10.49 -2.73
C LYS A 57 4.29 -9.69 -2.90
N PHE A 58 4.29 -8.75 -3.83
CA PHE A 58 5.45 -7.92 -4.09
C PHE A 58 5.59 -6.82 -3.05
N VAL A 59 4.45 -6.33 -2.57
CA VAL A 59 4.44 -5.27 -1.57
C VAL A 59 3.93 -5.80 -0.22
N GLU A 60 3.86 -4.91 0.77
CA GLU A 60 3.39 -5.29 2.09
C GLU A 60 2.40 -4.27 2.63
N VAL A 61 1.25 -4.75 3.09
CA VAL A 61 0.21 -3.89 3.64
C VAL A 61 0.74 -3.06 4.81
N LEU A 62 0.13 -1.90 5.03
CA LEU A 62 0.53 -1.02 6.11
C LEU A 62 -0.68 -0.43 6.82
N ASP A 63 -0.86 -0.78 8.08
CA ASP A 63 -1.97 -0.28 8.87
C ASP A 63 -1.53 0.85 9.79
N GLU A 64 -2.04 2.05 9.52
CA GLU A 64 -1.69 3.22 10.33
C GLU A 64 -2.77 3.50 11.37
N ARG A 65 -4.02 3.47 10.93
CA ARG A 65 -5.16 3.73 11.82
C ARG A 65 -5.63 2.43 12.48
N SER A 66 -5.13 2.17 13.69
CA SER A 66 -5.49 0.97 14.42
C SER A 66 -4.97 1.02 15.85
N LYS A 67 -5.88 1.23 16.80
CA LYS A 67 -5.52 1.30 18.21
C LYS A 67 -4.39 0.32 18.53
N GLU A 68 -3.18 0.86 18.69
CA GLU A 68 -2.02 0.03 19.00
C GLU A 68 -1.11 0.72 20.02
N TYR A 69 -0.41 -0.08 20.81
CA TYR A 69 0.49 0.45 21.83
C TYR A 69 1.93 0.07 21.52
N SER A 70 2.67 1.01 20.92
CA SER A 70 4.07 0.77 20.57
C SER A 70 4.98 1.10 21.75
N ILE A 71 4.59 2.09 22.55
CA ILE A 71 5.37 2.50 23.71
C ILE A 71 5.54 1.34 24.69
N ALA A 72 4.43 0.82 25.18
CA ALA A 72 4.45 -0.29 26.13
C ALA A 72 4.76 -1.60 25.42
N SER A 73 6.03 -1.85 25.14
CA SER A 73 6.45 -3.06 24.46
C SER A 73 7.87 -3.46 24.86
N GLY A 74 8.06 -4.71 25.26
CA GLY A 74 9.36 -5.17 25.66
C GLY A 74 9.99 -6.09 24.63
N PRO A 75 10.63 -5.50 23.61
CA PRO A 75 11.28 -6.26 22.54
C PRO A 75 12.53 -6.98 23.02
N SER A 76 12.81 -6.88 24.32
CA SER A 76 13.98 -7.53 24.91
C SER A 76 15.17 -7.48 23.94
N SER A 77 15.50 -6.28 23.50
CA SER A 77 16.62 -6.10 22.56
C SER A 77 17.93 -5.90 23.33
N GLY A 78 17.94 -4.94 24.24
CA GLY A 78 19.13 -4.66 25.02
C GLY A 78 19.42 -3.18 25.14
N GLY A 1 -12.42 14.00 -3.74
CA GLY A 1 -12.39 12.64 -3.24
C GLY A 1 -11.81 12.55 -1.84
N SER A 2 -12.63 12.89 -0.85
CA SER A 2 -12.19 12.85 0.54
C SER A 2 -12.00 11.42 1.01
N SER A 3 -11.00 11.21 1.87
CA SER A 3 -10.70 9.89 2.40
C SER A 3 -11.66 9.53 3.53
N GLY A 4 -12.27 8.35 3.43
CA GLY A 4 -13.20 7.90 4.46
C GLY A 4 -13.17 6.40 4.65
N SER A 5 -13.70 5.68 3.68
CA SER A 5 -13.74 4.22 3.75
C SER A 5 -12.54 3.61 3.03
N SER A 6 -12.39 3.95 1.75
CA SER A 6 -11.29 3.43 0.94
C SER A 6 -10.05 4.31 1.10
N GLY A 7 -9.02 3.76 1.74
CA GLY A 7 -7.79 4.50 1.94
C GLY A 7 -6.71 3.67 2.59
N ARG A 8 -5.94 2.94 1.78
CA ARG A 8 -4.87 2.09 2.29
C ARG A 8 -3.56 2.41 1.58
N ARG A 9 -2.46 1.98 2.18
CA ARG A 9 -1.13 2.21 1.61
C ARG A 9 -0.22 0.99 1.83
N ALA A 10 0.42 0.54 0.76
CA ALA A 10 1.31 -0.60 0.84
C ALA A 10 2.73 -0.21 0.47
N LYS A 11 3.71 -0.89 1.07
CA LYS A 11 5.12 -0.61 0.81
C LYS A 11 5.71 -1.64 -0.14
N ALA A 12 6.30 -1.17 -1.23
CA ALA A 12 6.90 -2.06 -2.21
C ALA A 12 8.14 -2.73 -1.65
N LEU A 13 8.08 -4.05 -1.47
CA LEU A 13 9.19 -4.81 -0.94
C LEU A 13 10.32 -4.91 -1.96
N LEU A 14 9.96 -4.80 -3.23
CA LEU A 14 10.95 -4.87 -4.31
C LEU A 14 10.53 -4.00 -5.50
N ASP A 15 11.35 -3.99 -6.53
CA ASP A 15 11.07 -3.20 -7.72
C ASP A 15 10.23 -4.00 -8.72
N PHE A 16 9.21 -3.36 -9.27
CA PHE A 16 8.32 -4.00 -10.23
C PHE A 16 8.26 -3.22 -11.54
N GLU A 17 8.43 -3.91 -12.65
CA GLU A 17 8.40 -3.29 -13.96
C GLU A 17 7.10 -3.62 -14.70
N ARG A 18 6.07 -2.81 -14.47
CA ARG A 18 4.79 -3.02 -15.11
C ARG A 18 4.95 -3.57 -16.51
N HIS A 19 4.19 -4.60 -16.83
CA HIS A 19 4.25 -5.23 -18.16
C HIS A 19 3.62 -4.32 -19.22
N ASP A 20 2.44 -3.80 -18.93
CA ASP A 20 1.74 -2.92 -19.85
C ASP A 20 1.29 -1.65 -19.15
N ASP A 21 0.91 -0.65 -19.94
CA ASP A 21 0.46 0.63 -19.40
C ASP A 21 -0.50 0.42 -18.23
N ASP A 22 -1.35 -0.60 -18.36
CA ASP A 22 -2.32 -0.91 -17.32
C ASP A 22 -1.62 -1.24 -16.00
N GLU A 23 -0.63 -2.13 -16.08
CA GLU A 23 0.12 -2.53 -14.89
C GLU A 23 0.77 -1.33 -14.22
N LEU A 24 0.90 -1.40 -12.90
CA LEU A 24 1.51 -0.32 -12.13
C LEU A 24 2.95 -0.66 -11.74
N GLY A 25 3.89 0.10 -12.28
CA GLY A 25 5.30 -0.14 -11.97
C GLY A 25 5.79 0.72 -10.83
N PHE A 26 6.28 0.09 -9.77
CA PHE A 26 6.80 0.81 -8.61
C PHE A 26 8.24 0.42 -8.33
N ARG A 27 8.89 1.17 -7.44
CA ARG A 27 10.27 0.90 -7.08
C ARG A 27 10.37 0.40 -5.63
N LYS A 28 11.44 -0.33 -5.35
CA LYS A 28 11.65 -0.86 -4.00
C LYS A 28 11.57 0.24 -2.95
N ASN A 29 10.96 -0.06 -1.82
CA ASN A 29 10.82 0.90 -0.74
C ASN A 29 9.96 2.09 -1.18
N ASP A 30 8.87 1.80 -1.86
CA ASP A 30 7.97 2.84 -2.33
C ASP A 30 6.56 2.65 -1.77
N ILE A 31 5.95 3.74 -1.29
CA ILE A 31 4.62 3.69 -0.72
C ILE A 31 3.56 3.93 -1.79
N ILE A 32 2.66 2.96 -1.94
CA ILE A 32 1.59 3.07 -2.94
C ILE A 32 0.22 3.03 -2.27
N THR A 33 -0.63 4.00 -2.61
CA THR A 33 -1.97 4.08 -2.05
C THR A 33 -2.89 3.05 -2.69
N ILE A 34 -3.34 2.08 -1.89
CA ILE A 34 -4.24 1.04 -2.38
C ILE A 34 -5.65 1.57 -2.55
N ILE A 35 -6.09 1.69 -3.80
CA ILE A 35 -7.42 2.19 -4.10
C ILE A 35 -8.46 1.08 -3.96
N SER A 36 -8.26 -0.01 -4.69
CA SER A 36 -9.18 -1.14 -4.64
C SER A 36 -8.42 -2.47 -4.59
N GLN A 37 -9.12 -3.53 -4.23
CA GLN A 37 -8.51 -4.86 -4.14
C GLN A 37 -9.27 -5.87 -5.00
N LYS A 38 -9.08 -5.79 -6.30
CA LYS A 38 -9.74 -6.70 -7.23
C LYS A 38 -9.87 -8.09 -6.63
N ASP A 39 -8.81 -8.55 -5.97
CA ASP A 39 -8.80 -9.86 -5.34
C ASP A 39 -7.65 -9.99 -4.36
N GLU A 40 -7.58 -11.13 -3.66
CA GLU A 40 -6.53 -11.37 -2.68
C GLU A 40 -5.19 -11.58 -3.38
N HIS A 41 -5.21 -11.65 -4.71
CA HIS A 41 -4.00 -11.85 -5.48
C HIS A 41 -3.71 -10.62 -6.35
N CYS A 42 -4.77 -9.93 -6.76
CA CYS A 42 -4.61 -8.74 -7.60
C CYS A 42 -5.12 -7.49 -6.87
N TRP A 43 -4.21 -6.56 -6.62
CA TRP A 43 -4.56 -5.33 -5.92
C TRP A 43 -4.41 -4.12 -6.85
N VAL A 44 -5.07 -3.02 -6.50
CA VAL A 44 -5.02 -1.80 -7.30
C VAL A 44 -4.59 -0.61 -6.44
N GLY A 45 -3.47 0.01 -6.82
CA GLY A 45 -2.99 1.16 -6.08
C GLY A 45 -2.84 2.40 -6.95
N GLU A 46 -2.37 3.49 -6.35
CA GLU A 46 -2.19 4.73 -7.08
C GLU A 46 -0.81 5.32 -6.81
N LEU A 47 -0.05 5.55 -7.88
CA LEU A 47 1.29 6.12 -7.75
C LEU A 47 1.69 6.85 -9.04
N ASN A 48 2.44 7.93 -8.88
CA ASN A 48 2.88 8.72 -10.03
C ASN A 48 1.71 9.19 -10.87
N GLY A 49 0.57 9.41 -10.20
CA GLY A 49 -0.62 9.85 -10.91
C GLY A 49 -1.18 8.79 -11.83
N LEU A 50 -0.89 7.54 -11.53
CA LEU A 50 -1.37 6.43 -12.34
C LEU A 50 -2.18 5.44 -11.50
N ARG A 51 -2.96 4.60 -12.18
CA ARG A 51 -3.79 3.61 -11.48
C ARG A 51 -3.82 2.30 -12.27
N GLY A 52 -3.40 1.22 -11.62
CA GLY A 52 -3.39 -0.08 -12.27
C GLY A 52 -3.41 -1.22 -11.28
N TRP A 53 -3.14 -2.43 -11.76
CA TRP A 53 -3.13 -3.61 -10.91
C TRP A 53 -1.70 -4.09 -10.64
N PHE A 54 -1.54 -4.94 -9.63
CA PHE A 54 -0.23 -5.45 -9.28
C PHE A 54 -0.35 -6.52 -8.19
N PRO A 55 0.61 -7.45 -8.17
CA PRO A 55 0.65 -8.53 -7.18
C PRO A 55 0.96 -8.04 -5.77
N ALA A 56 0.12 -8.40 -4.82
CA ALA A 56 0.31 -7.99 -3.43
C ALA A 56 1.60 -8.56 -2.86
N LYS A 57 1.87 -9.82 -3.17
CA LYS A 57 3.08 -10.48 -2.69
C LYS A 57 4.29 -9.59 -2.87
N PHE A 58 4.28 -8.79 -3.92
CA PHE A 58 5.39 -7.89 -4.21
C PHE A 58 5.47 -6.77 -3.16
N VAL A 59 4.30 -6.32 -2.70
CA VAL A 59 4.23 -5.27 -1.71
C VAL A 59 3.73 -5.80 -0.37
N GLU A 60 3.60 -4.91 0.61
CA GLU A 60 3.14 -5.29 1.94
C GLU A 60 2.26 -4.19 2.55
N VAL A 61 1.22 -4.60 3.25
CA VAL A 61 0.30 -3.65 3.89
C VAL A 61 0.96 -2.97 5.08
N LEU A 62 0.51 -1.76 5.39
CA LEU A 62 1.06 -1.00 6.51
C LEU A 62 -0.06 -0.33 7.31
N ASP A 63 -0.09 -0.61 8.61
CA ASP A 63 -1.11 -0.03 9.48
C ASP A 63 -0.54 1.14 10.27
N GLU A 64 0.34 1.92 9.63
CA GLU A 64 0.96 3.07 10.28
C GLU A 64 1.24 2.77 11.76
N ARG A 65 1.74 1.58 12.04
CA ARG A 65 2.06 1.17 13.40
C ARG A 65 3.54 1.34 13.69
N SER A 66 3.86 1.84 14.88
CA SER A 66 5.24 2.05 15.28
C SER A 66 5.37 2.10 16.80
N LYS A 67 6.43 1.50 17.32
CA LYS A 67 6.67 1.47 18.76
C LYS A 67 8.02 0.84 19.08
N GLU A 68 8.73 1.41 20.06
CA GLU A 68 10.03 0.89 20.45
C GLU A 68 10.18 0.89 21.97
N TYR A 69 11.09 0.07 22.47
CA TYR A 69 11.33 -0.02 23.91
C TYR A 69 12.81 0.14 24.23
N SER A 70 13.13 0.17 25.51
CA SER A 70 14.51 0.32 25.95
C SER A 70 15.26 -1.00 25.86
N ILE A 71 16.45 -0.96 25.25
CA ILE A 71 17.27 -2.15 25.09
C ILE A 71 17.71 -2.70 26.44
N ALA A 72 17.65 -4.01 26.60
CA ALA A 72 18.05 -4.66 27.84
C ALA A 72 19.56 -4.89 27.88
N SER A 73 20.27 -4.02 28.58
CA SER A 73 21.72 -4.11 28.70
C SER A 73 22.11 -5.15 29.74
N GLY A 74 23.40 -5.53 29.75
CA GLY A 74 23.88 -6.51 30.70
C GLY A 74 25.17 -6.08 31.36
N PRO A 75 25.92 -7.06 31.90
CA PRO A 75 27.19 -6.81 32.57
C PRO A 75 28.29 -6.37 31.60
N SER A 76 29.14 -5.47 32.06
CA SER A 76 30.23 -4.96 31.23
C SER A 76 31.46 -5.86 31.34
N SER A 77 31.64 -6.72 30.34
CA SER A 77 32.77 -7.64 30.32
C SER A 77 34.08 -6.90 30.57
N GLY A 78 34.28 -5.81 29.84
CA GLY A 78 35.49 -5.03 29.98
C GLY A 78 36.74 -5.81 29.62
N GLY A 1 -12.59 4.82 11.56
CA GLY A 1 -12.29 4.63 10.16
C GLY A 1 -13.55 4.59 9.31
N SER A 2 -13.41 4.90 8.01
CA SER A 2 -14.54 4.90 7.10
C SER A 2 -15.24 3.54 7.09
N SER A 3 -16.38 3.48 6.43
CA SER A 3 -17.15 2.24 6.35
C SER A 3 -17.15 1.70 4.92
N GLY A 4 -17.56 2.53 3.97
CA GLY A 4 -17.60 2.12 2.57
C GLY A 4 -16.33 2.50 1.83
N SER A 5 -15.90 3.75 1.99
CA SER A 5 -14.70 4.23 1.31
C SER A 5 -13.47 3.47 1.80
N SER A 6 -12.48 3.34 0.91
CA SER A 6 -11.25 2.63 1.26
C SER A 6 -10.04 3.55 1.09
N GLY A 7 -9.05 3.38 1.96
CA GLY A 7 -7.85 4.19 1.90
C GLY A 7 -6.70 3.58 2.64
N ARG A 8 -5.88 2.78 1.93
CA ARG A 8 -4.73 2.13 2.53
C ARG A 8 -3.47 2.43 1.74
N ARG A 9 -2.33 1.95 2.25
CA ARG A 9 -1.06 2.17 1.59
C ARG A 9 -0.12 0.97 1.80
N ALA A 10 0.44 0.47 0.71
CA ALA A 10 1.35 -0.67 0.78
C ALA A 10 2.77 -0.26 0.42
N LYS A 11 3.75 -0.88 1.07
CA LYS A 11 5.15 -0.58 0.83
C LYS A 11 5.79 -1.63 -0.07
N ALA A 12 6.38 -1.19 -1.17
CA ALA A 12 7.03 -2.10 -2.11
C ALA A 12 8.28 -2.71 -1.50
N LEU A 13 8.37 -4.04 -1.53
CA LEU A 13 9.51 -4.75 -0.99
C LEU A 13 10.66 -4.80 -1.99
N LEU A 14 10.33 -4.59 -3.26
CA LEU A 14 11.34 -4.60 -4.33
C LEU A 14 10.86 -3.80 -5.53
N ASP A 15 11.66 -3.80 -6.59
CA ASP A 15 11.32 -3.08 -7.80
C ASP A 15 10.43 -3.92 -8.72
N PHE A 16 9.15 -3.58 -8.77
CA PHE A 16 8.20 -4.31 -9.59
C PHE A 16 8.04 -3.65 -10.96
N GLU A 17 8.65 -4.26 -11.97
CA GLU A 17 8.59 -3.73 -13.33
C GLU A 17 7.31 -4.18 -14.03
N ARG A 18 6.37 -3.25 -14.18
CA ARG A 18 5.10 -3.54 -14.84
C ARG A 18 5.33 -4.03 -16.27
N HIS A 19 4.69 -5.13 -16.62
CA HIS A 19 4.81 -5.70 -17.96
C HIS A 19 3.85 -5.01 -18.93
N ASP A 20 2.62 -4.79 -18.49
CA ASP A 20 1.62 -4.15 -19.32
C ASP A 20 1.23 -2.79 -18.75
N ASP A 21 0.59 -1.96 -19.57
CA ASP A 21 0.16 -0.64 -19.14
C ASP A 21 -0.72 -0.72 -17.90
N ASP A 22 -1.65 -1.68 -17.90
CA ASP A 22 -2.56 -1.87 -16.78
C ASP A 22 -1.78 -2.14 -15.50
N GLU A 23 -0.70 -2.90 -15.60
CA GLU A 23 0.12 -3.24 -14.44
C GLU A 23 0.78 -1.98 -13.88
N LEU A 24 0.70 -1.82 -12.57
CA LEU A 24 1.29 -0.67 -11.89
C LEU A 24 2.74 -0.96 -11.49
N GLY A 25 3.67 -0.26 -12.12
CA GLY A 25 5.07 -0.45 -11.82
C GLY A 25 5.56 0.48 -10.72
N PHE A 26 6.55 0.02 -9.96
CA PHE A 26 7.11 0.82 -8.87
C PHE A 26 8.53 0.38 -8.55
N ARG A 27 9.11 0.99 -7.53
CA ARG A 27 10.48 0.68 -7.12
C ARG A 27 10.54 0.34 -5.63
N LYS A 28 11.54 -0.45 -5.25
CA LYS A 28 11.71 -0.83 -3.85
C LYS A 28 11.57 0.37 -2.93
N ASN A 29 10.96 0.15 -1.77
CA ASN A 29 10.76 1.22 -0.80
C ASN A 29 9.87 2.32 -1.36
N ASP A 30 8.75 1.92 -1.96
CA ASP A 30 7.81 2.87 -2.55
C ASP A 30 6.43 2.70 -1.94
N ILE A 31 5.77 3.83 -1.66
CA ILE A 31 4.43 3.81 -1.08
C ILE A 31 3.35 4.01 -2.15
N ILE A 32 2.43 3.06 -2.22
CA ILE A 32 1.35 3.12 -3.20
C ILE A 32 -0.01 3.19 -2.52
N THR A 33 -0.80 4.21 -2.86
CA THR A 33 -2.12 4.38 -2.28
C THR A 33 -3.10 3.35 -2.83
N ILE A 34 -3.46 2.38 -2.00
CA ILE A 34 -4.40 1.34 -2.41
C ILE A 34 -5.79 1.91 -2.65
N ILE A 35 -6.29 1.74 -3.87
CA ILE A 35 -7.61 2.25 -4.23
C ILE A 35 -8.67 1.16 -4.08
N SER A 36 -8.46 0.03 -4.77
CA SER A 36 -9.40 -1.08 -4.73
C SER A 36 -8.66 -2.40 -4.62
N GLN A 37 -9.42 -3.49 -4.41
CA GLN A 37 -8.82 -4.82 -4.29
C GLN A 37 -9.57 -5.82 -5.17
N LYS A 38 -9.03 -6.07 -6.36
CA LYS A 38 -9.64 -7.01 -7.29
C LYS A 38 -9.66 -8.41 -6.71
N ASP A 39 -8.49 -8.90 -6.30
CA ASP A 39 -8.38 -10.23 -5.72
C ASP A 39 -7.52 -10.21 -4.47
N GLU A 40 -7.41 -11.36 -3.81
CA GLU A 40 -6.62 -11.47 -2.60
C GLU A 40 -5.14 -11.21 -2.88
N HIS A 41 -4.80 -11.06 -4.16
CA HIS A 41 -3.44 -10.80 -4.56
C HIS A 41 -3.35 -9.61 -5.50
N CYS A 42 -4.23 -9.58 -6.49
CA CYS A 42 -4.27 -8.49 -7.46
C CYS A 42 -4.95 -7.26 -6.88
N TRP A 43 -4.16 -6.30 -6.42
CA TRP A 43 -4.70 -5.08 -5.83
C TRP A 43 -4.48 -3.89 -6.76
N VAL A 44 -5.35 -2.89 -6.65
CA VAL A 44 -5.25 -1.70 -7.48
C VAL A 44 -4.91 -0.48 -6.64
N GLY A 45 -3.67 0.01 -6.78
CA GLY A 45 -3.24 1.17 -6.02
C GLY A 45 -2.96 2.36 -6.91
N GLU A 46 -2.48 3.45 -6.31
CA GLU A 46 -2.16 4.66 -7.05
C GLU A 46 -0.76 5.15 -6.75
N LEU A 47 0.05 5.31 -7.79
CA LEU A 47 1.43 5.77 -7.62
C LEU A 47 1.93 6.43 -8.90
N ASN A 48 2.57 7.59 -8.75
CA ASN A 48 3.12 8.32 -9.89
C ASN A 48 1.99 8.75 -10.83
N GLY A 49 0.83 9.04 -10.26
CA GLY A 49 -0.31 9.47 -11.07
C GLY A 49 -0.85 8.35 -11.92
N LEU A 50 -0.53 7.11 -11.57
CA LEU A 50 -1.00 5.95 -12.32
C LEU A 50 -1.78 5.00 -11.41
N ARG A 51 -2.90 4.50 -11.92
CA ARG A 51 -3.74 3.59 -11.17
C ARG A 51 -3.91 2.27 -11.91
N GLY A 52 -3.28 1.21 -11.39
CA GLY A 52 -3.37 -0.09 -12.01
C GLY A 52 -3.29 -1.22 -11.01
N TRP A 53 -3.31 -2.46 -11.51
CA TRP A 53 -3.23 -3.63 -10.65
C TRP A 53 -1.79 -4.06 -10.43
N PHE A 54 -1.57 -4.94 -9.46
CA PHE A 54 -0.23 -5.42 -9.15
C PHE A 54 -0.28 -6.53 -8.09
N PRO A 55 0.72 -7.42 -8.12
CA PRO A 55 0.81 -8.54 -7.18
C PRO A 55 1.14 -8.07 -5.76
N ALA A 56 0.13 -8.06 -4.90
CA ALA A 56 0.31 -7.64 -3.52
C ALA A 56 1.55 -8.29 -2.90
N LYS A 57 1.77 -9.56 -3.24
CA LYS A 57 2.91 -10.31 -2.72
C LYS A 57 4.19 -9.50 -2.87
N PHE A 58 4.32 -8.80 -3.99
CA PHE A 58 5.51 -7.99 -4.26
C PHE A 58 5.63 -6.86 -3.24
N VAL A 59 4.49 -6.42 -2.71
CA VAL A 59 4.47 -5.35 -1.72
C VAL A 59 4.00 -5.86 -0.36
N GLU A 60 3.99 -4.97 0.63
CA GLU A 60 3.55 -5.34 1.97
C GLU A 60 2.49 -4.37 2.48
N VAL A 61 1.52 -4.90 3.22
CA VAL A 61 0.44 -4.09 3.78
C VAL A 61 0.92 -3.29 4.98
N LEU A 62 0.29 -2.13 5.21
CA LEU A 62 0.65 -1.27 6.33
C LEU A 62 -0.60 -0.78 7.05
N ASP A 63 -0.74 -1.19 8.31
CA ASP A 63 -1.89 -0.78 9.11
C ASP A 63 -1.82 0.71 9.45
N GLU A 64 -2.97 1.36 9.46
CA GLU A 64 -3.04 2.79 9.78
C GLU A 64 -3.99 3.04 10.94
N ARG A 65 -5.11 2.32 10.96
CA ARG A 65 -6.10 2.48 12.02
C ARG A 65 -5.95 1.39 13.06
N SER A 66 -5.56 1.77 14.27
CA SER A 66 -5.38 0.82 15.37
C SER A 66 -5.49 1.51 16.71
N LYS A 67 -5.41 0.73 17.79
CA LYS A 67 -5.50 1.26 19.14
C LYS A 67 -4.30 2.14 19.46
N GLU A 68 -4.42 2.96 20.50
CA GLU A 68 -3.35 3.85 20.91
C GLU A 68 -2.51 3.22 22.02
N TYR A 69 -1.19 3.22 21.83
CA TYR A 69 -0.28 2.64 22.80
C TYR A 69 -0.08 3.57 23.99
N SER A 70 -0.79 3.28 25.09
CA SER A 70 -0.70 4.10 26.29
C SER A 70 0.61 3.84 27.03
N ILE A 71 0.86 4.60 28.09
CA ILE A 71 2.07 4.46 28.88
C ILE A 71 1.73 4.26 30.36
N ALA A 72 2.73 3.85 31.13
CA ALA A 72 2.55 3.63 32.56
C ALA A 72 3.89 3.66 33.30
N SER A 73 3.88 4.16 34.52
CA SER A 73 5.08 4.24 35.33
C SER A 73 6.00 3.05 35.06
N GLY A 74 7.25 3.34 34.74
CA GLY A 74 8.21 2.28 34.47
C GLY A 74 9.63 2.80 34.34
N PRO A 75 10.61 1.89 34.40
CA PRO A 75 12.02 2.23 34.29
C PRO A 75 12.41 2.68 32.89
N SER A 76 11.43 2.69 31.99
CA SER A 76 11.66 3.11 30.61
C SER A 76 12.69 4.23 30.54
N SER A 77 13.65 4.09 29.63
CA SER A 77 14.70 5.09 29.47
C SER A 77 14.10 6.48 29.27
N GLY A 78 12.84 6.51 28.84
CA GLY A 78 12.17 7.78 28.61
C GLY A 78 13.06 8.80 27.92
N GLY A 1 0.46 13.43 4.10
CA GLY A 1 1.05 14.43 4.95
C GLY A 1 0.55 14.33 6.38
N SER A 2 -0.48 15.11 6.69
CA SER A 2 -1.05 15.12 8.04
C SER A 2 -2.45 14.49 8.04
N SER A 3 -3.33 15.03 7.21
CA SER A 3 -4.70 14.53 7.11
C SER A 3 -4.73 13.11 6.57
N GLY A 4 -5.83 12.41 6.79
CA GLY A 4 -5.96 11.04 6.32
C GLY A 4 -7.40 10.60 6.23
N SER A 5 -7.78 10.01 5.10
CA SER A 5 -9.13 9.54 4.89
C SER A 5 -9.15 8.06 4.49
N SER A 6 -10.34 7.47 4.45
CA SER A 6 -10.48 6.07 4.09
C SER A 6 -9.53 5.70 2.95
N GLY A 7 -8.45 5.00 3.29
CA GLY A 7 -7.48 4.60 2.29
C GLY A 7 -6.34 3.80 2.88
N ARG A 8 -5.78 2.90 2.07
CA ARG A 8 -4.67 2.06 2.53
C ARG A 8 -3.40 2.37 1.74
N ARG A 9 -2.29 1.78 2.18
CA ARG A 9 -1.01 1.99 1.51
C ARG A 9 -0.11 0.78 1.67
N ALA A 10 0.53 0.36 0.59
CA ALA A 10 1.42 -0.79 0.61
C ALA A 10 2.86 -0.37 0.31
N LYS A 11 3.80 -1.03 0.98
CA LYS A 11 5.21 -0.72 0.79
C LYS A 11 5.87 -1.78 -0.10
N ALA A 12 6.52 -1.32 -1.16
CA ALA A 12 7.20 -2.22 -2.10
C ALA A 12 8.43 -2.85 -1.44
N LEU A 13 8.47 -4.18 -1.45
CA LEU A 13 9.58 -4.92 -0.86
C LEU A 13 10.73 -5.04 -1.84
N LEU A 14 10.45 -4.77 -3.12
CA LEU A 14 11.46 -4.86 -4.16
C LEU A 14 11.06 -4.02 -5.37
N ASP A 15 11.87 -4.08 -6.42
CA ASP A 15 11.60 -3.34 -7.64
C ASP A 15 10.57 -4.06 -8.50
N PHE A 16 9.68 -3.29 -9.12
CA PHE A 16 8.64 -3.85 -9.97
C PHE A 16 8.51 -3.06 -11.27
N GLU A 17 8.65 -3.75 -12.39
CA GLU A 17 8.55 -3.12 -13.70
C GLU A 17 7.29 -3.56 -14.43
N ARG A 18 6.21 -2.81 -14.23
CA ARG A 18 4.94 -3.12 -14.86
C ARG A 18 5.13 -3.60 -16.29
N HIS A 19 4.74 -4.84 -16.56
CA HIS A 19 4.88 -5.42 -17.89
C HIS A 19 3.60 -5.24 -18.70
N ASP A 20 2.86 -4.18 -18.40
CA ASP A 20 1.61 -3.90 -19.10
C ASP A 20 1.13 -2.49 -18.79
N ASP A 21 0.68 -1.77 -19.82
CA ASP A 21 0.18 -0.41 -19.64
C ASP A 21 -0.73 -0.31 -18.43
N ASP A 22 -1.45 -1.39 -18.15
CA ASP A 22 -2.36 -1.42 -17.01
C ASP A 22 -1.60 -1.68 -15.71
N GLU A 23 -0.66 -2.62 -15.77
CA GLU A 23 0.14 -2.98 -14.59
C GLU A 23 0.79 -1.74 -13.99
N LEU A 24 0.78 -1.66 -12.66
CA LEU A 24 1.37 -0.52 -11.95
C LEU A 24 2.79 -0.84 -11.51
N GLY A 25 3.75 -0.09 -12.04
CA GLY A 25 5.14 -0.31 -11.68
C GLY A 25 5.57 0.55 -10.50
N PHE A 26 6.66 0.15 -9.85
CA PHE A 26 7.18 0.87 -8.70
C PHE A 26 8.58 0.40 -8.33
N ARG A 27 9.18 1.04 -7.35
CA ARG A 27 10.52 0.69 -6.89
C ARG A 27 10.49 0.15 -5.47
N LYS A 28 11.63 -0.34 -5.00
CA LYS A 28 11.74 -0.89 -3.66
C LYS A 28 11.60 0.22 -2.61
N ASN A 29 10.99 -0.12 -1.48
CA ASN A 29 10.80 0.85 -0.40
C ASN A 29 9.96 2.02 -0.87
N ASP A 30 8.96 1.74 -1.69
CA ASP A 30 8.07 2.77 -2.21
C ASP A 30 6.65 2.58 -1.68
N ILE A 31 6.01 3.70 -1.31
CA ILE A 31 4.65 3.65 -0.80
C ILE A 31 3.64 3.87 -1.91
N ILE A 32 2.66 2.97 -1.99
CA ILE A 32 1.62 3.06 -3.01
C ILE A 32 0.23 3.03 -2.37
N THR A 33 -0.61 3.98 -2.77
CA THR A 33 -1.97 4.06 -2.24
C THR A 33 -2.86 2.98 -2.84
N ILE A 34 -3.65 2.33 -1.98
CA ILE A 34 -4.54 1.27 -2.42
C ILE A 34 -5.95 1.81 -2.68
N ILE A 35 -6.39 1.71 -3.93
CA ILE A 35 -7.72 2.19 -4.30
C ILE A 35 -8.77 1.09 -4.14
N SER A 36 -8.54 -0.03 -4.82
CA SER A 36 -9.47 -1.16 -4.76
C SER A 36 -8.71 -2.48 -4.75
N GLN A 37 -9.44 -3.58 -4.56
CA GLN A 37 -8.83 -4.91 -4.53
C GLN A 37 -9.57 -5.85 -5.46
N LYS A 38 -9.21 -5.82 -6.75
CA LYS A 38 -9.83 -6.69 -7.74
C LYS A 38 -9.72 -8.15 -7.34
N ASP A 39 -8.55 -8.54 -6.87
CA ASP A 39 -8.31 -9.92 -6.45
C ASP A 39 -7.42 -9.96 -5.22
N GLU A 40 -7.74 -10.86 -4.29
CA GLU A 40 -6.97 -11.00 -3.06
C GLU A 40 -5.48 -10.90 -3.34
N HIS A 41 -5.04 -11.48 -4.46
CA HIS A 41 -3.64 -11.45 -4.84
C HIS A 41 -3.32 -10.19 -5.65
N CYS A 42 -4.23 -9.82 -6.54
CA CYS A 42 -4.05 -8.63 -7.37
C CYS A 42 -4.82 -7.45 -6.81
N TRP A 43 -4.09 -6.41 -6.39
CA TRP A 43 -4.71 -5.22 -5.83
C TRP A 43 -4.50 -4.02 -6.75
N VAL A 44 -5.35 -3.02 -6.59
CA VAL A 44 -5.27 -1.81 -7.40
C VAL A 44 -4.91 -0.58 -6.55
N GLY A 45 -3.74 -0.01 -6.83
CA GLY A 45 -3.30 1.15 -6.08
C GLY A 45 -3.14 2.38 -6.95
N GLU A 46 -2.41 3.37 -6.45
CA GLU A 46 -2.18 4.60 -7.20
C GLU A 46 -0.81 5.19 -6.88
N LEU A 47 0.01 5.37 -7.91
CA LEU A 47 1.35 5.92 -7.75
C LEU A 47 1.77 6.71 -8.99
N ASN A 48 2.57 7.75 -8.77
CA ASN A 48 3.05 8.58 -9.87
C ASN A 48 1.90 8.97 -10.81
N GLY A 49 0.72 9.17 -10.23
CA GLY A 49 -0.43 9.53 -11.03
C GLY A 49 -0.88 8.42 -11.95
N LEU A 50 -0.68 7.18 -11.51
CA LEU A 50 -1.06 6.01 -12.30
C LEU A 50 -1.91 5.05 -11.47
N ARG A 51 -3.05 4.66 -12.02
CA ARG A 51 -3.95 3.73 -11.33
C ARG A 51 -4.04 2.40 -12.08
N GLY A 52 -3.41 1.37 -11.53
CA GLY A 52 -3.44 0.06 -12.16
C GLY A 52 -3.42 -1.07 -11.15
N TRP A 53 -3.21 -2.29 -11.63
CA TRP A 53 -3.17 -3.45 -10.76
C TRP A 53 -1.73 -3.89 -10.49
N PHE A 54 -1.54 -4.76 -9.51
CA PHE A 54 -0.22 -5.25 -9.16
C PHE A 54 -0.31 -6.34 -8.09
N PRO A 55 0.67 -7.25 -8.08
CA PRO A 55 0.73 -8.35 -7.11
C PRO A 55 1.05 -7.86 -5.70
N ALA A 56 0.08 -8.02 -4.81
CA ALA A 56 0.26 -7.60 -3.42
C ALA A 56 1.46 -8.29 -2.79
N LYS A 57 1.70 -9.53 -3.19
CA LYS A 57 2.84 -10.30 -2.66
C LYS A 57 4.13 -9.52 -2.82
N PHE A 58 4.22 -8.72 -3.87
CA PHE A 58 5.41 -7.92 -4.14
C PHE A 58 5.57 -6.81 -3.09
N VAL A 59 4.43 -6.33 -2.59
CA VAL A 59 4.44 -5.27 -1.59
C VAL A 59 3.93 -5.77 -0.24
N GLU A 60 3.98 -4.91 0.77
CA GLU A 60 3.52 -5.26 2.10
C GLU A 60 2.52 -4.24 2.63
N VAL A 61 1.39 -4.72 3.13
CA VAL A 61 0.35 -3.84 3.67
C VAL A 61 0.86 -3.09 4.89
N LEU A 62 0.32 -1.89 5.11
CA LEU A 62 0.72 -1.07 6.25
C LEU A 62 -0.50 -0.51 6.96
N ASP A 63 -0.54 -0.65 8.28
CA ASP A 63 -1.65 -0.14 9.08
C ASP A 63 -1.16 0.88 10.10
N GLU A 64 -1.24 2.16 9.73
CA GLU A 64 -0.80 3.24 10.61
C GLU A 64 -2.00 3.91 11.26
N ARG A 65 -1.74 4.68 12.32
CA ARG A 65 -2.80 5.38 13.04
C ARG A 65 -3.86 4.41 13.54
N SER A 66 -3.41 3.26 14.03
CA SER A 66 -4.32 2.23 14.53
C SER A 66 -4.92 2.65 15.87
N LYS A 67 -4.04 2.87 16.85
CA LYS A 67 -4.48 3.27 18.19
C LYS A 67 -3.97 4.67 18.52
N GLU A 68 -4.74 5.40 19.34
CA GLU A 68 -4.36 6.75 19.73
C GLU A 68 -4.24 6.85 21.25
N TYR A 69 -3.39 7.77 21.71
CA TYR A 69 -3.18 7.98 23.13
C TYR A 69 -3.52 9.41 23.54
N SER A 70 -4.54 9.55 24.37
CA SER A 70 -4.98 10.86 24.84
C SER A 70 -3.90 11.51 25.71
N ILE A 71 -3.56 12.75 25.38
CA ILE A 71 -2.55 13.49 26.13
C ILE A 71 -3.04 14.89 26.49
N ALA A 72 -2.83 15.29 27.74
CA ALA A 72 -3.23 16.61 28.20
C ALA A 72 -2.04 17.43 28.67
N SER A 73 -2.24 18.73 28.83
CA SER A 73 -1.18 19.62 29.28
C SER A 73 -1.36 20.00 30.74
N GLY A 74 -0.68 19.28 31.64
CA GLY A 74 -0.78 19.56 33.05
C GLY A 74 -0.75 18.30 33.90
N PRO A 75 -1.90 17.62 33.98
CA PRO A 75 -2.03 16.39 34.76
C PRO A 75 -1.28 15.21 34.13
N SER A 76 0.00 15.07 34.49
CA SER A 76 0.83 14.00 33.96
C SER A 76 0.63 12.71 34.75
N SER A 77 1.29 11.65 34.31
CA SER A 77 1.19 10.35 34.98
C SER A 77 2.12 10.28 36.18
N GLY A 78 1.82 9.38 37.10
CA GLY A 78 2.63 9.23 38.29
C GLY A 78 3.20 10.55 38.77
N GLY A 1 -17.08 9.98 -5.29
CA GLY A 1 -15.99 9.41 -4.52
C GLY A 1 -16.41 8.21 -3.69
N SER A 2 -15.47 7.64 -2.96
CA SER A 2 -15.76 6.48 -2.11
C SER A 2 -15.82 6.88 -0.64
N SER A 3 -17.04 7.01 -0.11
CA SER A 3 -17.22 7.40 1.28
C SER A 3 -16.94 6.21 2.21
N GLY A 4 -17.64 5.11 1.97
CA GLY A 4 -17.46 3.92 2.80
C GLY A 4 -16.30 3.06 2.33
N SER A 5 -15.12 3.66 2.26
CA SER A 5 -13.92 2.94 1.83
C SER A 5 -12.71 3.35 2.65
N SER A 6 -12.11 2.39 3.35
CA SER A 6 -10.94 2.65 4.17
C SER A 6 -9.67 2.64 3.33
N GLY A 7 -9.06 3.81 3.19
CA GLY A 7 -7.84 3.91 2.41
C GLY A 7 -6.66 3.25 3.08
N ARG A 8 -5.87 2.51 2.31
CA ARG A 8 -4.71 1.81 2.84
C ARG A 8 -3.46 2.13 2.03
N ARG A 9 -2.30 1.70 2.53
CA ARG A 9 -1.04 1.94 1.83
C ARG A 9 -0.11 0.74 1.98
N ALA A 10 0.49 0.32 0.87
CA ALA A 10 1.40 -0.81 0.87
C ALA A 10 2.81 -0.38 0.49
N LYS A 11 3.80 -1.00 1.13
CA LYS A 11 5.20 -0.67 0.85
C LYS A 11 5.82 -1.70 -0.09
N ALA A 12 6.51 -1.21 -1.11
CA ALA A 12 7.15 -2.08 -2.08
C ALA A 12 8.43 -2.70 -1.51
N LEU A 13 8.36 -3.98 -1.18
CA LEU A 13 9.52 -4.68 -0.61
C LEU A 13 10.64 -4.79 -1.64
N LEU A 14 10.30 -4.61 -2.91
CA LEU A 14 11.28 -4.68 -3.99
C LEU A 14 10.81 -3.91 -5.21
N ASP A 15 11.69 -3.74 -6.19
CA ASP A 15 11.36 -3.03 -7.41
C ASP A 15 10.60 -3.93 -8.38
N PHE A 16 9.54 -3.40 -8.97
CA PHE A 16 8.73 -4.15 -9.92
C PHE A 16 8.64 -3.43 -11.27
N GLU A 17 8.77 -4.18 -12.35
CA GLU A 17 8.71 -3.62 -13.69
C GLU A 17 7.40 -4.00 -14.38
N ARG A 18 6.46 -3.06 -14.40
CA ARG A 18 5.17 -3.28 -15.03
C ARG A 18 5.33 -3.60 -16.51
N HIS A 19 4.73 -4.71 -16.94
CA HIS A 19 4.81 -5.12 -18.33
C HIS A 19 3.74 -4.44 -19.17
N ASP A 20 2.48 -4.65 -18.79
CA ASP A 20 1.36 -4.04 -19.50
C ASP A 20 0.94 -2.72 -18.85
N ASP A 21 0.26 -1.88 -19.61
CA ASP A 21 -0.20 -0.58 -19.11
C ASP A 21 -1.04 -0.77 -17.84
N ASP A 22 -1.84 -1.83 -17.81
CA ASP A 22 -2.68 -2.11 -16.65
C ASP A 22 -1.85 -2.38 -15.41
N GLU A 23 -0.62 -2.87 -15.62
CA GLU A 23 0.27 -3.18 -14.51
C GLU A 23 0.88 -1.90 -13.95
N LEU A 24 0.85 -1.78 -12.63
CA LEU A 24 1.41 -0.60 -11.95
C LEU A 24 2.81 -0.87 -11.45
N GLY A 25 3.80 -0.27 -12.12
CA GLY A 25 5.18 -0.45 -11.72
C GLY A 25 5.57 0.44 -10.56
N PHE A 26 6.62 0.04 -9.84
CA PHE A 26 7.10 0.81 -8.70
C PHE A 26 8.56 0.46 -8.37
N ARG A 27 9.10 1.11 -7.35
CA ARG A 27 10.48 0.87 -6.94
C ARG A 27 10.54 0.35 -5.51
N LYS A 28 11.72 -0.11 -5.10
CA LYS A 28 11.90 -0.63 -3.75
C LYS A 28 11.75 0.48 -2.71
N ASN A 29 11.08 0.16 -1.61
CA ASN A 29 10.86 1.12 -0.55
C ASN A 29 9.99 2.28 -1.03
N ASP A 30 8.99 1.96 -1.84
CA ASP A 30 8.10 2.97 -2.38
C ASP A 30 6.68 2.78 -1.85
N ILE A 31 6.04 3.87 -1.42
CA ILE A 31 4.69 3.81 -0.90
C ILE A 31 3.66 3.94 -2.01
N ILE A 32 2.72 3.01 -2.05
CA ILE A 32 1.68 3.02 -3.07
C ILE A 32 0.29 3.00 -2.43
N THR A 33 -0.54 3.99 -2.80
CA THR A 33 -1.89 4.09 -2.27
C THR A 33 -2.78 2.99 -2.83
N ILE A 34 -3.53 2.33 -1.95
CA ILE A 34 -4.43 1.26 -2.36
C ILE A 34 -5.85 1.79 -2.54
N ILE A 35 -6.32 1.79 -3.78
CA ILE A 35 -7.66 2.27 -4.10
C ILE A 35 -8.69 1.15 -3.95
N SER A 36 -8.54 0.12 -4.78
CA SER A 36 -9.45 -1.02 -4.74
C SER A 36 -8.69 -2.34 -4.72
N GLN A 37 -9.37 -3.41 -4.33
CA GLN A 37 -8.75 -4.73 -4.26
C GLN A 37 -9.56 -5.75 -5.05
N LYS A 38 -9.31 -5.81 -6.36
CA LYS A 38 -10.02 -6.75 -7.23
C LYS A 38 -9.95 -8.17 -6.68
N ASP A 39 -8.73 -8.62 -6.38
CA ASP A 39 -8.53 -9.97 -5.84
C ASP A 39 -7.51 -9.94 -4.71
N GLU A 40 -7.78 -10.72 -3.67
CA GLU A 40 -6.89 -10.78 -2.51
C GLU A 40 -5.42 -10.75 -2.95
N HIS A 41 -5.17 -11.21 -4.16
CA HIS A 41 -3.81 -11.22 -4.70
C HIS A 41 -3.55 -9.96 -5.52
N CYS A 42 -4.32 -9.76 -6.57
CA CYS A 42 -4.17 -8.60 -7.44
C CYS A 42 -4.91 -7.39 -6.87
N TRP A 43 -4.16 -6.39 -6.44
CA TRP A 43 -4.75 -5.18 -5.87
C TRP A 43 -4.55 -3.99 -6.80
N VAL A 44 -5.34 -2.95 -6.59
CA VAL A 44 -5.25 -1.73 -7.41
C VAL A 44 -4.89 -0.52 -6.56
N GLY A 45 -3.73 0.06 -6.84
CA GLY A 45 -3.29 1.22 -6.10
C GLY A 45 -3.08 2.44 -6.98
N GLU A 46 -2.36 3.44 -6.46
CA GLU A 46 -2.10 4.66 -7.21
C GLU A 46 -0.68 5.15 -6.96
N LEU A 47 0.08 5.32 -8.03
CA LEU A 47 1.46 5.78 -7.93
C LEU A 47 1.89 6.50 -9.21
N ASN A 48 2.72 7.52 -9.05
CA ASN A 48 3.22 8.28 -10.20
C ASN A 48 2.05 8.84 -11.02
N GLY A 49 0.93 9.08 -10.35
CA GLY A 49 -0.24 9.61 -11.04
C GLY A 49 -0.89 8.58 -11.94
N LEU A 50 -0.68 7.30 -11.64
CA LEU A 50 -1.25 6.23 -12.44
C LEU A 50 -2.13 5.32 -11.58
N ARG A 51 -2.96 4.52 -12.22
CA ARG A 51 -3.85 3.61 -11.52
C ARG A 51 -3.97 2.27 -12.26
N GLY A 52 -3.44 1.22 -11.67
CA GLY A 52 -3.50 -0.09 -12.28
C GLY A 52 -3.44 -1.21 -11.27
N TRP A 53 -3.30 -2.45 -11.75
CA TRP A 53 -3.23 -3.61 -10.88
C TRP A 53 -1.79 -4.01 -10.61
N PHE A 54 -1.58 -4.82 -9.59
CA PHE A 54 -0.24 -5.29 -9.23
C PHE A 54 -0.31 -6.37 -8.15
N PRO A 55 0.69 -7.26 -8.16
CA PRO A 55 0.77 -8.36 -7.19
C PRO A 55 1.08 -7.87 -5.78
N ALA A 56 0.17 -8.15 -4.85
CA ALA A 56 0.34 -7.74 -3.45
C ALA A 56 1.57 -8.40 -2.84
N LYS A 57 1.82 -9.64 -3.23
CA LYS A 57 2.96 -10.39 -2.71
C LYS A 57 4.25 -9.58 -2.84
N PHE A 58 4.29 -8.70 -3.84
CA PHE A 58 5.45 -7.86 -4.09
C PHE A 58 5.55 -6.75 -3.04
N VAL A 59 4.39 -6.27 -2.60
CA VAL A 59 4.35 -5.20 -1.61
C VAL A 59 3.86 -5.73 -0.26
N GLU A 60 3.82 -4.85 0.74
CA GLU A 60 3.38 -5.22 2.07
C GLU A 60 2.40 -4.20 2.63
N VAL A 61 1.26 -4.67 3.12
CA VAL A 61 0.24 -3.81 3.68
C VAL A 61 0.75 -3.08 4.92
N LEU A 62 0.23 -1.89 5.16
CA LEU A 62 0.64 -1.09 6.31
C LEU A 62 -0.58 -0.51 7.03
N ASP A 63 -0.82 -0.96 8.25
CA ASP A 63 -1.94 -0.48 9.05
C ASP A 63 -1.51 0.65 9.97
N GLU A 64 -1.63 1.88 9.48
CA GLU A 64 -1.25 3.06 10.27
C GLU A 64 -1.81 2.95 11.69
N ARG A 65 -1.09 3.54 12.64
CA ARG A 65 -1.50 3.53 14.04
C ARG A 65 -1.42 4.92 14.64
N SER A 66 -1.97 5.91 13.93
CA SER A 66 -1.96 7.29 14.40
C SER A 66 -2.49 7.38 15.83
N LYS A 67 -1.66 7.86 16.74
CA LYS A 67 -2.03 8.00 18.15
C LYS A 67 -2.98 9.18 18.33
N GLU A 68 -3.96 9.03 19.22
CA GLU A 68 -4.91 10.09 19.50
C GLU A 68 -5.01 10.37 20.99
N TYR A 69 -5.18 11.64 21.34
CA TYR A 69 -5.28 12.05 22.74
C TYR A 69 -6.68 11.82 23.28
N SER A 70 -6.99 10.57 23.59
CA SER A 70 -8.30 10.21 24.12
C SER A 70 -8.53 10.83 25.49
N ILE A 71 -9.78 10.80 25.95
CA ILE A 71 -10.13 11.37 27.25
C ILE A 71 -10.57 10.28 28.22
N ALA A 72 -9.70 9.29 28.41
CA ALA A 72 -10.00 8.18 29.33
C ALA A 72 -11.33 7.51 28.96
N SER A 73 -11.51 7.24 27.68
CA SER A 73 -12.73 6.60 27.19
C SER A 73 -12.48 5.15 26.84
N GLY A 74 -12.66 4.26 27.81
CA GLY A 74 -12.45 2.85 27.58
C GLY A 74 -10.98 2.50 27.42
N PRO A 75 -10.71 1.27 26.95
CA PRO A 75 -9.34 0.79 26.74
C PRO A 75 -8.64 1.50 25.59
N SER A 76 -7.99 2.61 25.90
CA SER A 76 -7.28 3.39 24.88
C SER A 76 -5.85 3.67 25.31
N SER A 77 -4.96 3.81 24.34
CA SER A 77 -3.55 4.08 24.61
C SER A 77 -2.98 3.03 25.58
N GLY A 78 -3.19 1.77 25.26
CA GLY A 78 -2.70 0.69 26.10
C GLY A 78 -2.21 -0.51 25.30
N GLY A 1 -21.02 -0.09 16.63
CA GLY A 1 -19.63 0.27 16.65
C GLY A 1 -19.20 1.04 15.41
N SER A 2 -17.95 0.86 14.99
CA SER A 2 -17.42 1.54 13.83
C SER A 2 -16.91 0.54 12.79
N SER A 3 -16.62 1.04 11.60
CA SER A 3 -16.13 0.19 10.51
C SER A 3 -14.62 0.36 10.33
N GLY A 4 -14.22 1.58 9.99
CA GLY A 4 -12.80 1.86 9.78
C GLY A 4 -12.56 2.88 8.69
N SER A 5 -11.32 3.34 8.57
CA SER A 5 -10.96 4.33 7.56
C SER A 5 -10.92 3.69 6.17
N SER A 6 -11.42 4.43 5.19
CA SER A 6 -11.45 3.94 3.80
C SER A 6 -10.18 4.36 3.06
N GLY A 7 -9.16 3.53 3.11
CA GLY A 7 -7.91 3.83 2.43
C GLY A 7 -6.72 3.18 3.11
N ARG A 8 -6.00 2.33 2.36
CA ARG A 8 -4.84 1.65 2.89
C ARG A 8 -3.60 1.93 2.03
N ARG A 9 -2.43 1.54 2.54
CA ARG A 9 -1.19 1.74 1.81
C ARG A 9 -0.23 0.57 2.03
N ALA A 10 0.55 0.26 1.00
CA ALA A 10 1.51 -0.85 1.08
C ALA A 10 2.90 -0.39 0.66
N LYS A 11 3.92 -0.98 1.28
CA LYS A 11 5.31 -0.64 0.96
C LYS A 11 5.92 -1.66 0.03
N ALA A 12 6.49 -1.20 -1.08
CA ALA A 12 7.13 -2.08 -2.05
C ALA A 12 8.40 -2.69 -1.49
N LEU A 13 8.33 -3.95 -1.08
CA LEU A 13 9.48 -4.65 -0.53
C LEU A 13 10.59 -4.78 -1.57
N LEU A 14 10.22 -4.69 -2.84
CA LEU A 14 11.18 -4.80 -3.94
C LEU A 14 10.71 -4.03 -5.16
N ASP A 15 11.57 -3.93 -6.16
CA ASP A 15 11.24 -3.21 -7.39
C ASP A 15 10.36 -4.07 -8.29
N PHE A 16 9.47 -3.41 -9.03
CA PHE A 16 8.57 -4.12 -9.94
C PHE A 16 8.48 -3.41 -11.28
N GLU A 17 8.65 -4.17 -12.35
CA GLU A 17 8.59 -3.61 -13.71
C GLU A 17 7.30 -4.01 -14.41
N ARG A 18 6.28 -3.16 -14.31
CA ARG A 18 4.99 -3.43 -14.93
C ARG A 18 5.17 -3.94 -16.35
N HIS A 19 4.67 -5.15 -16.60
CA HIS A 19 4.78 -5.77 -17.91
C HIS A 19 3.51 -5.52 -18.73
N ASP A 20 2.81 -4.44 -18.42
CA ASP A 20 1.58 -4.09 -19.13
C ASP A 20 1.20 -2.64 -18.87
N ASP A 21 0.69 -1.98 -19.89
CA ASP A 21 0.29 -0.58 -19.78
C ASP A 21 -0.61 -0.37 -18.55
N ASP A 22 -1.38 -1.40 -18.21
CA ASP A 22 -2.27 -1.33 -17.06
C ASP A 22 -1.52 -1.60 -15.77
N GLU A 23 -0.64 -2.59 -15.79
CA GLU A 23 0.14 -2.96 -14.62
C GLU A 23 0.80 -1.72 -14.01
N LEU A 24 0.78 -1.64 -12.69
CA LEU A 24 1.37 -0.51 -11.98
C LEU A 24 2.79 -0.84 -11.52
N GLY A 25 3.78 -0.19 -12.11
CA GLY A 25 5.16 -0.42 -11.75
C GLY A 25 5.61 0.45 -10.60
N PHE A 26 6.56 -0.06 -9.81
CA PHE A 26 7.08 0.69 -8.67
C PHE A 26 8.53 0.32 -8.40
N ARG A 27 9.10 0.90 -7.34
CA ARG A 27 10.48 0.63 -6.97
C ARG A 27 10.58 0.21 -5.51
N LYS A 28 11.74 -0.29 -5.12
CA LYS A 28 11.98 -0.72 -3.75
C LYS A 28 11.79 0.44 -2.77
N ASN A 29 11.16 0.16 -1.64
CA ASN A 29 10.91 1.18 -0.63
C ASN A 29 10.03 2.28 -1.17
N ASP A 30 8.98 1.90 -1.88
CA ASP A 30 8.04 2.86 -2.46
C ASP A 30 6.63 2.65 -1.91
N ILE A 31 5.97 3.74 -1.53
CA ILE A 31 4.63 3.68 -1.00
C ILE A 31 3.58 3.85 -2.09
N ILE A 32 2.63 2.93 -2.15
CA ILE A 32 1.57 2.99 -3.15
C ILE A 32 0.20 2.97 -2.51
N THR A 33 -0.62 3.95 -2.84
CA THR A 33 -1.96 4.04 -2.29
C THR A 33 -2.88 2.97 -2.88
N ILE A 34 -3.67 2.34 -2.01
CA ILE A 34 -4.58 1.29 -2.45
C ILE A 34 -5.99 1.84 -2.66
N ILE A 35 -6.44 1.84 -3.92
CA ILE A 35 -7.76 2.34 -4.26
C ILE A 35 -8.80 1.25 -4.14
N SER A 36 -8.67 0.20 -4.95
CA SER A 36 -9.61 -0.91 -4.94
C SER A 36 -8.86 -2.24 -4.93
N GLN A 37 -9.57 -3.30 -4.54
CA GLN A 37 -8.97 -4.63 -4.47
C GLN A 37 -9.70 -5.59 -5.42
N LYS A 38 -9.34 -5.54 -6.70
CA LYS A 38 -9.96 -6.41 -7.70
C LYS A 38 -9.99 -7.85 -7.21
N ASP A 39 -8.86 -8.34 -6.72
CA ASP A 39 -8.77 -9.70 -6.23
C ASP A 39 -8.04 -9.76 -4.89
N GLU A 40 -7.82 -10.96 -4.38
CA GLU A 40 -7.14 -11.14 -3.11
C GLU A 40 -5.63 -10.97 -3.27
N HIS A 41 -5.11 -11.43 -4.39
CA HIS A 41 -3.68 -11.34 -4.67
C HIS A 41 -3.37 -10.10 -5.50
N CYS A 42 -4.29 -9.75 -6.41
CA CYS A 42 -4.11 -8.59 -7.27
C CYS A 42 -4.85 -7.39 -6.71
N TRP A 43 -4.10 -6.35 -6.36
CA TRP A 43 -4.69 -5.14 -5.80
C TRP A 43 -4.47 -3.94 -6.74
N VAL A 44 -5.34 -2.94 -6.64
CA VAL A 44 -5.23 -1.75 -7.47
C VAL A 44 -4.89 -0.53 -6.63
N GLY A 45 -3.78 0.13 -6.95
CA GLY A 45 -3.37 1.31 -6.22
C GLY A 45 -3.05 2.47 -7.12
N GLU A 46 -2.46 3.52 -6.56
CA GLU A 46 -2.10 4.71 -7.33
C GLU A 46 -0.65 5.10 -7.08
N LEU A 47 0.06 5.47 -8.14
CA LEU A 47 1.45 5.87 -8.04
C LEU A 47 1.92 6.55 -9.32
N ASN A 48 2.86 7.49 -9.17
CA ASN A 48 3.39 8.21 -10.32
C ASN A 48 2.27 8.70 -11.23
N GLY A 49 1.16 9.10 -10.62
CA GLY A 49 0.02 9.58 -11.39
C GLY A 49 -0.60 8.50 -12.25
N LEU A 50 -0.50 7.25 -11.79
CA LEU A 50 -1.05 6.12 -12.53
C LEU A 50 -1.94 5.27 -11.62
N ARG A 51 -2.84 4.51 -12.23
CA ARG A 51 -3.75 3.65 -11.48
C ARG A 51 -3.96 2.31 -12.21
N GLY A 52 -3.43 1.25 -11.62
CA GLY A 52 -3.57 -0.07 -12.22
C GLY A 52 -3.50 -1.19 -11.20
N TRP A 53 -3.36 -2.42 -11.68
CA TRP A 53 -3.28 -3.57 -10.80
C TRP A 53 -1.82 -3.97 -10.54
N PHE A 54 -1.61 -4.81 -9.55
CA PHE A 54 -0.27 -5.26 -9.21
C PHE A 54 -0.32 -6.36 -8.14
N PRO A 55 0.70 -7.23 -8.15
CA PRO A 55 0.80 -8.35 -7.19
C PRO A 55 1.08 -7.86 -5.77
N ALA A 56 0.08 -7.99 -4.89
CA ALA A 56 0.23 -7.57 -3.51
C ALA A 56 1.46 -8.22 -2.87
N LYS A 57 1.72 -9.46 -3.24
CA LYS A 57 2.86 -10.20 -2.70
C LYS A 57 4.14 -9.40 -2.84
N PHE A 58 4.24 -8.62 -3.93
CA PHE A 58 5.43 -7.81 -4.18
C PHE A 58 5.55 -6.70 -3.15
N VAL A 59 4.40 -6.29 -2.59
CA VAL A 59 4.39 -5.23 -1.59
C VAL A 59 3.90 -5.76 -0.24
N GLU A 60 4.01 -4.93 0.79
CA GLU A 60 3.57 -5.31 2.13
C GLU A 60 2.59 -4.29 2.70
N VAL A 61 1.53 -4.78 3.32
CA VAL A 61 0.51 -3.91 3.90
C VAL A 61 1.08 -3.13 5.09
N LEU A 62 0.44 -2.02 5.42
CA LEU A 62 0.88 -1.19 6.53
C LEU A 62 -0.31 -0.58 7.27
N ASP A 63 -0.41 -0.87 8.56
CA ASP A 63 -1.51 -0.34 9.37
C ASP A 63 -1.15 1.01 9.96
N GLU A 64 -0.35 1.77 9.22
CA GLU A 64 0.08 3.10 9.67
C GLU A 64 0.44 3.09 11.15
N ARG A 65 1.05 1.99 11.59
CA ARG A 65 1.45 1.85 12.99
C ARG A 65 2.68 2.69 13.30
N SER A 66 3.15 2.61 14.53
CA SER A 66 4.33 3.37 14.95
C SER A 66 4.12 4.86 14.73
N LYS A 67 2.93 5.34 15.09
CA LYS A 67 2.60 6.75 14.95
C LYS A 67 2.57 7.45 16.30
N GLU A 68 3.37 8.50 16.43
CA GLU A 68 3.43 9.26 17.67
C GLU A 68 2.24 10.21 17.79
N TYR A 69 1.05 9.69 17.52
CA TYR A 69 -0.17 10.49 17.59
C TYR A 69 -1.30 9.70 18.25
N SER A 70 -2.23 10.41 18.87
CA SER A 70 -3.36 9.78 19.53
C SER A 70 -4.69 10.27 18.95
N ILE A 71 -5.64 9.36 18.83
CA ILE A 71 -6.96 9.70 18.29
C ILE A 71 -8.05 9.53 19.33
N ALA A 72 -8.68 10.64 19.71
CA ALA A 72 -9.76 10.61 20.69
C ALA A 72 -11.11 10.91 20.06
N SER A 73 -12.08 10.06 20.32
CA SER A 73 -13.43 10.22 19.77
C SER A 73 -14.45 10.44 20.88
N GLY A 74 -15.54 11.11 20.54
CA GLY A 74 -16.59 11.38 21.52
C GLY A 74 -17.68 12.26 20.98
N PRO A 75 -17.57 13.57 21.21
CA PRO A 75 -18.56 14.55 20.75
C PRO A 75 -18.54 14.73 19.23
N SER A 76 -17.33 14.73 18.66
CA SER A 76 -17.18 14.90 17.21
C SER A 76 -18.10 13.95 16.46
N SER A 77 -18.00 12.66 16.77
CA SER A 77 -18.82 11.65 16.11
C SER A 77 -19.38 10.65 17.14
N GLY A 78 -20.68 10.42 17.07
CA GLY A 78 -21.33 9.49 17.99
C GLY A 78 -22.51 8.78 17.37
N GLY A 1 -13.20 -1.61 16.95
CA GLY A 1 -13.21 -0.72 15.80
C GLY A 1 -11.81 -0.40 15.31
N SER A 2 -11.37 0.83 15.54
CA SER A 2 -10.05 1.27 15.10
C SER A 2 -10.02 1.49 13.59
N SER A 3 -11.00 2.26 13.10
CA SER A 3 -11.09 2.55 11.68
C SER A 3 -10.42 3.88 11.35
N GLY A 4 -9.09 3.86 11.24
CA GLY A 4 -8.36 5.08 10.94
C GLY A 4 -8.88 5.78 9.71
N SER A 5 -8.94 5.05 8.60
CA SER A 5 -9.43 5.62 7.35
C SER A 5 -9.79 4.51 6.36
N SER A 6 -10.54 4.87 5.31
CA SER A 6 -10.96 3.91 4.30
C SER A 6 -9.78 3.49 3.44
N GLY A 7 -9.11 4.46 2.85
CA GLY A 7 -7.96 4.18 2.00
C GLY A 7 -6.82 3.53 2.77
N ARG A 8 -5.96 2.81 2.05
CA ARG A 8 -4.83 2.15 2.67
C ARG A 8 -3.54 2.39 1.87
N ARG A 9 -2.42 1.99 2.43
CA ARG A 9 -1.12 2.17 1.78
C ARG A 9 -0.22 0.97 2.02
N ALA A 10 0.46 0.52 0.98
CA ALA A 10 1.36 -0.62 1.08
C ALA A 10 2.78 -0.22 0.70
N LYS A 11 3.76 -0.85 1.36
CA LYS A 11 5.16 -0.57 1.09
C LYS A 11 5.77 -1.61 0.17
N ALA A 12 6.46 -1.16 -0.88
CA ALA A 12 7.08 -2.06 -1.83
C ALA A 12 8.35 -2.68 -1.26
N LEU A 13 8.37 -4.00 -1.15
CA LEU A 13 9.52 -4.71 -0.62
C LEU A 13 10.63 -4.81 -1.66
N LEU A 14 10.27 -4.62 -2.92
CA LEU A 14 11.24 -4.68 -4.02
C LEU A 14 10.73 -3.92 -5.23
N ASP A 15 11.57 -3.83 -6.26
CA ASP A 15 11.21 -3.13 -7.49
C ASP A 15 10.46 -4.07 -8.44
N PHE A 16 9.36 -3.58 -8.99
CA PHE A 16 8.56 -4.37 -9.92
C PHE A 16 8.55 -3.73 -11.31
N GLU A 17 8.82 -4.54 -12.33
CA GLU A 17 8.84 -4.05 -13.71
C GLU A 17 7.54 -4.41 -14.42
N ARG A 18 6.66 -3.42 -14.57
CA ARG A 18 5.38 -3.62 -15.23
C ARG A 18 5.58 -3.82 -16.73
N HIS A 19 5.01 -4.89 -17.26
CA HIS A 19 5.13 -5.19 -18.69
C HIS A 19 3.99 -4.54 -19.47
N ASP A 20 2.80 -4.54 -18.88
CA ASP A 20 1.63 -3.95 -19.52
C ASP A 20 1.25 -2.62 -18.86
N ASP A 21 0.77 -1.69 -19.66
CA ASP A 21 0.38 -0.37 -19.15
C ASP A 21 -0.47 -0.51 -17.88
N ASP A 22 -1.43 -1.43 -17.91
CA ASP A 22 -2.29 -1.67 -16.77
C ASP A 22 -1.48 -1.98 -15.52
N GLU A 23 -0.52 -2.88 -15.65
CA GLU A 23 0.33 -3.26 -14.52
C GLU A 23 1.01 -2.04 -13.91
N LEU A 24 0.73 -1.78 -12.65
CA LEU A 24 1.30 -0.64 -11.95
C LEU A 24 2.70 -0.96 -11.43
N GLY A 25 3.71 -0.34 -12.02
CA GLY A 25 5.08 -0.57 -11.61
C GLY A 25 5.50 0.33 -10.48
N PHE A 26 6.64 0.01 -9.86
CA PHE A 26 7.16 0.80 -8.75
C PHE A 26 8.61 0.43 -8.44
N ARG A 27 9.17 1.05 -7.40
CA ARG A 27 10.54 0.77 -7.01
C ARG A 27 10.61 0.30 -5.56
N LYS A 28 11.75 -0.27 -5.19
CA LYS A 28 11.94 -0.78 -3.83
C LYS A 28 11.83 0.36 -2.81
N ASN A 29 11.21 0.06 -1.67
CA ASN A 29 11.04 1.05 -0.61
C ASN A 29 10.21 2.23 -1.11
N ASP A 30 9.08 1.92 -1.75
CA ASP A 30 8.19 2.95 -2.25
C ASP A 30 6.78 2.78 -1.70
N ILE A 31 6.12 3.90 -1.44
CA ILE A 31 4.75 3.89 -0.91
C ILE A 31 3.72 4.00 -2.02
N ILE A 32 2.75 3.10 -2.03
CA ILE A 32 1.70 3.11 -3.03
C ILE A 32 0.32 3.12 -2.38
N THR A 33 -0.55 4.00 -2.87
CA THR A 33 -1.90 4.10 -2.34
C THR A 33 -2.81 3.02 -2.91
N ILE A 34 -3.65 2.44 -2.05
CA ILE A 34 -4.56 1.39 -2.47
C ILE A 34 -5.95 1.94 -2.75
N ILE A 35 -6.36 1.92 -4.01
CA ILE A 35 -7.67 2.42 -4.40
C ILE A 35 -8.74 1.35 -4.25
N SER A 36 -8.62 0.28 -5.03
CA SER A 36 -9.57 -0.82 -4.98
C SER A 36 -8.85 -2.16 -4.88
N GLN A 37 -9.60 -3.20 -4.52
CA GLN A 37 -9.04 -4.54 -4.40
C GLN A 37 -9.92 -5.58 -5.08
N LYS A 38 -9.51 -6.00 -6.26
CA LYS A 38 -10.26 -7.00 -7.02
C LYS A 38 -10.10 -8.38 -6.41
N ASP A 39 -8.86 -8.85 -6.31
CA ASP A 39 -8.58 -10.16 -5.74
C ASP A 39 -7.72 -10.04 -4.48
N GLU A 40 -7.61 -11.13 -3.73
CA GLU A 40 -6.81 -11.14 -2.51
C GLU A 40 -5.35 -10.84 -2.80
N HIS A 41 -4.89 -11.24 -3.99
CA HIS A 41 -3.51 -11.00 -4.38
C HIS A 41 -3.40 -9.79 -5.31
N CYS A 42 -4.27 -9.75 -6.32
CA CYS A 42 -4.27 -8.65 -7.27
C CYS A 42 -5.01 -7.44 -6.69
N TRP A 43 -4.25 -6.38 -6.40
CA TRP A 43 -4.82 -5.17 -5.85
C TRP A 43 -4.63 -3.98 -6.80
N VAL A 44 -5.39 -2.92 -6.57
CA VAL A 44 -5.29 -1.72 -7.41
C VAL A 44 -4.88 -0.50 -6.57
N GLY A 45 -3.76 0.11 -6.93
CA GLY A 45 -3.30 1.27 -6.21
C GLY A 45 -3.09 2.47 -7.12
N GLU A 46 -2.49 3.53 -6.58
CA GLU A 46 -2.25 4.74 -7.34
C GLU A 46 -0.84 5.27 -7.07
N LEU A 47 -0.05 5.42 -8.14
CA LEU A 47 1.31 5.93 -8.01
C LEU A 47 1.75 6.62 -9.30
N ASN A 48 2.67 7.57 -9.16
CA ASN A 48 3.17 8.31 -10.32
C ASN A 48 2.03 8.80 -11.19
N GLY A 49 0.89 9.09 -10.56
CA GLY A 49 -0.26 9.58 -11.30
C GLY A 49 -0.86 8.51 -12.20
N LEU A 50 -0.72 7.26 -11.79
CA LEU A 50 -1.25 6.15 -12.57
C LEU A 50 -2.14 5.25 -11.71
N ARG A 51 -3.01 4.49 -12.36
CA ARG A 51 -3.91 3.58 -11.64
C ARG A 51 -4.02 2.24 -12.36
N GLY A 52 -3.61 1.18 -11.67
CA GLY A 52 -3.66 -0.15 -12.25
C GLY A 52 -3.59 -1.25 -11.21
N TRP A 53 -3.35 -2.47 -11.65
CA TRP A 53 -3.25 -3.61 -10.75
C TRP A 53 -1.79 -4.01 -10.51
N PHE A 54 -1.56 -4.80 -9.47
CA PHE A 54 -0.21 -5.24 -9.13
C PHE A 54 -0.25 -6.37 -8.11
N PRO A 55 0.76 -7.26 -8.17
CA PRO A 55 0.86 -8.40 -7.25
C PRO A 55 1.19 -7.96 -5.82
N ALA A 56 0.21 -8.08 -4.93
CA ALA A 56 0.40 -7.70 -3.54
C ALA A 56 1.57 -8.45 -2.93
N LYS A 57 1.85 -9.64 -3.44
CA LYS A 57 2.95 -10.46 -2.94
C LYS A 57 4.28 -9.69 -3.03
N PHE A 58 4.33 -8.72 -3.94
CA PHE A 58 5.54 -7.93 -4.13
C PHE A 58 5.66 -6.87 -3.03
N VAL A 59 4.53 -6.38 -2.57
CA VAL A 59 4.50 -5.36 -1.52
C VAL A 59 4.00 -5.93 -0.21
N GLU A 60 4.10 -5.14 0.86
CA GLU A 60 3.64 -5.57 2.18
C GLU A 60 2.66 -4.56 2.77
N VAL A 61 1.56 -5.06 3.31
CA VAL A 61 0.54 -4.22 3.91
C VAL A 61 1.06 -3.55 5.18
N LEU A 62 0.53 -2.37 5.48
CA LEU A 62 0.94 -1.62 6.67
C LEU A 62 -0.27 -1.20 7.50
N ASP A 63 -0.30 -1.64 8.75
CA ASP A 63 -1.41 -1.31 9.65
C ASP A 63 -1.09 -0.05 10.44
N GLU A 64 -0.40 0.89 9.80
CA GLU A 64 -0.05 2.15 10.45
C GLU A 64 0.28 1.93 11.92
N ARG A 65 1.00 0.84 12.21
CA ARG A 65 1.38 0.52 13.58
C ARG A 65 2.85 0.83 13.82
N SER A 66 3.10 1.88 14.60
CA SER A 66 4.47 2.29 14.91
C SER A 66 4.51 3.14 16.17
N LYS A 67 5.71 3.36 16.70
CA LYS A 67 5.89 4.16 17.91
C LYS A 67 7.08 5.10 17.77
N GLU A 68 7.08 6.15 18.58
CA GLU A 68 8.16 7.13 18.55
C GLU A 68 8.88 7.19 19.89
N TYR A 69 10.20 7.10 19.84
CA TYR A 69 11.02 7.15 21.06
C TYR A 69 11.50 8.57 21.34
N SER A 70 11.46 8.95 22.62
CA SER A 70 11.89 10.28 23.02
C SER A 70 13.35 10.53 22.63
N ILE A 71 13.65 11.75 22.23
CA ILE A 71 15.00 12.11 21.84
C ILE A 71 15.99 11.85 22.96
N ALA A 72 17.18 11.37 22.59
CA ALA A 72 18.21 11.07 23.57
C ALA A 72 19.12 12.28 23.81
N SER A 73 19.64 12.40 25.02
CA SER A 73 20.51 13.50 25.38
C SER A 73 21.66 13.64 24.38
N GLY A 74 21.82 14.84 23.83
CA GLY A 74 22.87 15.08 22.87
C GLY A 74 22.50 16.13 21.84
N PRO A 75 23.26 16.18 20.74
CA PRO A 75 23.02 17.14 19.66
C PRO A 75 21.73 16.85 18.89
N SER A 76 20.82 17.82 18.89
CA SER A 76 19.54 17.67 18.20
C SER A 76 19.73 16.94 16.87
N SER A 77 19.03 15.81 16.71
CA SER A 77 19.13 15.03 15.49
C SER A 77 17.88 14.16 15.31
N GLY A 78 17.35 14.13 14.10
CA GLY A 78 16.18 13.33 13.81
C GLY A 78 14.97 14.18 13.49
N GLY A 1 -19.04 14.31 11.74
CA GLY A 1 -19.70 13.76 10.57
C GLY A 1 -18.78 13.67 9.37
N SER A 2 -19.12 12.78 8.44
CA SER A 2 -18.30 12.59 7.24
C SER A 2 -16.91 12.09 7.61
N SER A 3 -16.85 11.16 8.56
CA SER A 3 -15.58 10.61 9.01
C SER A 3 -15.56 9.09 8.86
N GLY A 4 -14.81 8.60 7.88
CA GLY A 4 -14.73 7.17 7.66
C GLY A 4 -14.32 6.83 6.24
N SER A 5 -13.06 6.47 6.05
CA SER A 5 -12.55 6.14 4.72
C SER A 5 -11.71 4.86 4.79
N SER A 6 -11.74 4.09 3.70
CA SER A 6 -10.99 2.84 3.62
C SER A 6 -9.67 3.05 2.88
N GLY A 7 -8.99 4.14 3.19
CA GLY A 7 -7.72 4.45 2.55
C GLY A 7 -6.57 3.62 3.12
N ARG A 8 -5.90 2.87 2.26
CA ARG A 8 -4.78 2.04 2.69
C ARG A 8 -3.53 2.33 1.86
N ARG A 9 -2.39 1.85 2.32
CA ARG A 9 -1.13 2.05 1.62
C ARG A 9 -0.21 0.86 1.78
N ALA A 10 0.37 0.40 0.68
CA ALA A 10 1.27 -0.75 0.71
C ALA A 10 2.69 -0.33 0.34
N LYS A 11 3.67 -0.93 1.02
CA LYS A 11 5.07 -0.62 0.76
C LYS A 11 5.71 -1.67 -0.14
N ALA A 12 6.41 -1.21 -1.17
CA ALA A 12 7.07 -2.11 -2.11
C ALA A 12 8.30 -2.75 -1.47
N LEU A 13 8.41 -4.07 -1.60
CA LEU A 13 9.54 -4.80 -1.05
C LEU A 13 10.70 -4.85 -2.03
N LEU A 14 10.37 -4.81 -3.32
CA LEU A 14 11.39 -4.84 -4.37
C LEU A 14 10.96 -4.02 -5.57
N ASP A 15 11.76 -4.05 -6.63
CA ASP A 15 11.46 -3.30 -7.84
C ASP A 15 10.52 -4.09 -8.75
N PHE A 16 9.34 -3.54 -9.00
CA PHE A 16 8.35 -4.19 -9.84
C PHE A 16 8.17 -3.43 -11.15
N GLU A 17 8.72 -3.97 -12.23
CA GLU A 17 8.61 -3.34 -13.54
C GLU A 17 7.36 -3.81 -14.28
N ARG A 18 6.38 -2.91 -14.38
CA ARG A 18 5.12 -3.24 -15.06
C ARG A 18 5.37 -3.57 -16.52
N HIS A 19 4.93 -4.76 -16.94
CA HIS A 19 5.10 -5.19 -18.33
C HIS A 19 3.96 -4.68 -19.20
N ASP A 20 2.77 -4.54 -18.61
CA ASP A 20 1.61 -4.06 -19.33
C ASP A 20 1.14 -2.72 -18.78
N ASP A 21 0.53 -1.92 -19.65
CA ASP A 21 0.04 -0.60 -19.26
C ASP A 21 -0.82 -0.69 -18.00
N ASP A 22 -1.64 -1.73 -17.93
CA ASP A 22 -2.53 -1.94 -16.78
C ASP A 22 -1.71 -2.15 -15.51
N GLU A 23 -0.69 -3.00 -15.60
CA GLU A 23 0.16 -3.28 -14.46
C GLU A 23 0.79 -2.00 -13.90
N LEU A 24 0.84 -1.91 -12.58
CA LEU A 24 1.40 -0.73 -11.92
C LEU A 24 2.82 -1.02 -11.42
N GLY A 25 3.80 -0.42 -12.10
CA GLY A 25 5.18 -0.61 -11.71
C GLY A 25 5.60 0.29 -10.57
N PHE A 26 6.66 -0.09 -9.87
CA PHE A 26 7.16 0.69 -8.75
C PHE A 26 8.57 0.24 -8.35
N ARG A 27 9.29 1.11 -7.65
CA ARG A 27 10.64 0.80 -7.21
C ARG A 27 10.64 0.18 -5.81
N LYS A 28 11.81 -0.25 -5.35
CA LYS A 28 11.94 -0.87 -4.05
C LYS A 28 11.69 0.16 -2.93
N ASN A 29 11.01 -0.28 -1.88
CA ASN A 29 10.71 0.60 -0.75
C ASN A 29 9.88 1.80 -1.21
N ASP A 30 8.97 1.57 -2.14
CA ASP A 30 8.10 2.63 -2.65
C ASP A 30 6.68 2.49 -2.10
N ILE A 31 6.16 3.60 -1.57
CA ILE A 31 4.81 3.60 -1.02
C ILE A 31 3.76 3.79 -2.11
N ILE A 32 2.74 2.95 -2.09
CA ILE A 32 1.67 3.03 -3.08
C ILE A 32 0.30 3.02 -2.41
N THR A 33 -0.55 3.97 -2.79
CA THR A 33 -1.89 4.07 -2.23
C THR A 33 -2.81 2.98 -2.79
N ILE A 34 -3.57 2.34 -1.91
CA ILE A 34 -4.49 1.29 -2.32
C ILE A 34 -5.89 1.83 -2.53
N ILE A 35 -6.35 1.84 -3.78
CA ILE A 35 -7.68 2.33 -4.10
C ILE A 35 -8.72 1.22 -3.99
N SER A 36 -8.58 0.20 -4.83
CA SER A 36 -9.50 -0.93 -4.82
C SER A 36 -8.76 -2.25 -4.89
N GLN A 37 -9.45 -3.33 -4.52
CA GLN A 37 -8.85 -4.66 -4.55
C GLN A 37 -9.58 -5.58 -5.51
N LYS A 38 -8.85 -6.16 -6.45
CA LYS A 38 -9.45 -7.06 -7.44
C LYS A 38 -9.41 -8.50 -6.94
N ASP A 39 -8.22 -9.03 -6.75
CA ASP A 39 -8.05 -10.40 -6.27
C ASP A 39 -7.11 -10.44 -5.07
N GLU A 40 -6.94 -11.64 -4.50
CA GLU A 40 -6.08 -11.81 -3.34
C GLU A 40 -4.63 -11.47 -3.69
N HIS A 41 -4.21 -11.86 -4.89
CA HIS A 41 -2.84 -11.60 -5.33
C HIS A 41 -2.82 -10.49 -6.39
N CYS A 42 -3.87 -9.68 -6.41
CA CYS A 42 -3.99 -8.59 -7.36
C CYS A 42 -4.75 -7.41 -6.75
N TRP A 43 -4.04 -6.34 -6.45
CA TRP A 43 -4.65 -5.15 -5.87
C TRP A 43 -4.45 -3.94 -6.77
N VAL A 44 -5.33 -2.95 -6.62
CA VAL A 44 -5.25 -1.73 -7.42
C VAL A 44 -4.87 -0.52 -6.55
N GLY A 45 -3.75 0.10 -6.88
CA GLY A 45 -3.30 1.25 -6.12
C GLY A 45 -3.07 2.47 -7.00
N GLU A 46 -2.42 3.48 -6.45
CA GLU A 46 -2.13 4.70 -7.19
C GLU A 46 -0.71 5.19 -6.93
N LEU A 47 0.04 5.39 -8.00
CA LEU A 47 1.42 5.86 -7.89
C LEU A 47 1.86 6.57 -9.17
N ASN A 48 2.77 7.53 -9.01
CA ASN A 48 3.28 8.29 -10.15
C ASN A 48 2.13 8.83 -11.00
N GLY A 49 0.99 9.09 -10.35
CA GLY A 49 -0.16 9.60 -11.07
C GLY A 49 -0.79 8.56 -11.97
N LEU A 50 -0.72 7.31 -11.57
CA LEU A 50 -1.29 6.22 -12.35
C LEU A 50 -2.17 5.32 -11.48
N ARG A 51 -2.99 4.49 -12.14
CA ARG A 51 -3.88 3.59 -11.43
C ARG A 51 -3.99 2.24 -12.14
N GLY A 52 -3.38 1.21 -11.56
CA GLY A 52 -3.41 -0.10 -12.16
C GLY A 52 -3.34 -1.21 -11.13
N TRP A 53 -3.26 -2.44 -11.61
CA TRP A 53 -3.20 -3.60 -10.72
C TRP A 53 -1.75 -3.99 -10.43
N PHE A 54 -1.56 -4.88 -9.46
CA PHE A 54 -0.22 -5.33 -9.10
C PHE A 54 -0.28 -6.44 -8.05
N PRO A 55 0.74 -7.31 -8.05
CA PRO A 55 0.82 -8.43 -7.12
C PRO A 55 1.09 -7.97 -5.68
N ALA A 56 0.12 -8.20 -4.80
CA ALA A 56 0.25 -7.81 -3.40
C ALA A 56 1.53 -8.37 -2.79
N LYS A 57 1.83 -9.63 -3.12
CA LYS A 57 3.02 -10.27 -2.60
C LYS A 57 4.25 -9.40 -2.79
N PHE A 58 4.33 -8.72 -3.94
CA PHE A 58 5.45 -7.86 -4.24
C PHE A 58 5.53 -6.71 -3.24
N VAL A 59 4.39 -6.35 -2.67
CA VAL A 59 4.33 -5.27 -1.69
C VAL A 59 3.90 -5.78 -0.32
N GLU A 60 3.89 -4.88 0.66
CA GLU A 60 3.49 -5.25 2.02
C GLU A 60 2.46 -4.27 2.56
N VAL A 61 1.39 -4.81 3.14
CA VAL A 61 0.33 -3.98 3.70
C VAL A 61 0.81 -3.27 4.96
N LEU A 62 0.24 -2.09 5.22
CA LEU A 62 0.61 -1.31 6.39
C LEU A 62 -0.64 -0.87 7.16
N ASP A 63 -0.52 -0.80 8.48
CA ASP A 63 -1.64 -0.40 9.33
C ASP A 63 -1.30 0.90 10.07
N GLU A 64 -2.22 1.87 9.98
CA GLU A 64 -2.02 3.15 10.64
C GLU A 64 -3.11 3.40 11.69
N ARG A 65 -4.36 3.18 11.30
CA ARG A 65 -5.48 3.38 12.20
C ARG A 65 -5.16 2.85 13.60
N SER A 66 -4.75 1.59 13.66
CA SER A 66 -4.41 0.96 14.93
C SER A 66 -3.29 1.70 15.63
N LYS A 67 -2.21 1.97 14.89
CA LYS A 67 -1.06 2.67 15.44
C LYS A 67 -0.44 1.90 16.59
N GLU A 68 -0.34 0.59 16.43
CA GLU A 68 0.24 -0.28 17.46
C GLU A 68 1.68 0.13 17.77
N TYR A 69 1.92 0.55 19.00
CA TYR A 69 3.25 0.97 19.42
C TYR A 69 4.21 -0.21 19.44
N SER A 70 4.86 -0.46 18.31
CA SER A 70 5.80 -1.57 18.19
C SER A 70 6.96 -1.40 19.17
N ILE A 71 7.66 -2.49 19.44
CA ILE A 71 8.79 -2.47 20.36
C ILE A 71 10.02 -1.86 19.70
N ALA A 72 11.05 -1.59 20.50
CA ALA A 72 12.28 -1.01 20.00
C ALA A 72 13.43 -1.20 20.98
N SER A 73 14.62 -1.44 20.46
CA SER A 73 15.80 -1.64 21.30
C SER A 73 15.82 -0.64 22.46
N GLY A 74 15.94 -1.15 23.67
CA GLY A 74 15.97 -0.28 24.84
C GLY A 74 17.31 0.39 25.03
N PRO A 75 18.23 -0.31 25.71
CA PRO A 75 19.59 0.21 25.98
C PRO A 75 20.44 0.29 24.72
N SER A 76 21.36 1.25 24.68
CA SER A 76 22.23 1.43 23.54
C SER A 76 23.68 1.05 23.89
N SER A 77 24.39 0.49 22.92
CA SER A 77 25.78 0.09 23.13
C SER A 77 26.70 0.80 22.14
N GLY A 78 26.46 0.58 20.85
CA GLY A 78 27.28 1.21 19.83
C GLY A 78 26.97 0.68 18.44
N GLY A 1 -8.07 16.53 4.32
CA GLY A 1 -8.54 15.18 4.54
C GLY A 1 -10.04 15.10 4.70
N SER A 2 -10.67 14.14 4.02
CA SER A 2 -12.11 13.97 4.08
C SER A 2 -12.47 12.57 4.57
N SER A 3 -13.62 12.45 5.22
CA SER A 3 -14.08 11.16 5.73
C SER A 3 -15.22 10.61 4.88
N GLY A 4 -15.03 9.40 4.35
CA GLY A 4 -16.05 8.79 3.52
C GLY A 4 -15.67 7.38 3.10
N SER A 5 -14.46 7.22 2.57
CA SER A 5 -13.99 5.92 2.12
C SER A 5 -12.71 5.52 2.84
N SER A 6 -12.49 4.22 2.97
CA SER A 6 -11.30 3.71 3.66
C SER A 6 -10.08 3.78 2.75
N GLY A 7 -8.96 4.26 3.30
CA GLY A 7 -7.75 4.38 2.52
C GLY A 7 -6.58 3.66 3.17
N ARG A 8 -5.91 2.80 2.40
CA ARG A 8 -4.77 2.04 2.91
C ARG A 8 -3.51 2.35 2.11
N ARG A 9 -2.38 1.87 2.59
CA ARG A 9 -1.11 2.10 1.92
C ARG A 9 -0.16 0.92 2.15
N ALA A 10 0.47 0.46 1.08
CA ALA A 10 1.41 -0.66 1.16
C ALA A 10 2.83 -0.21 0.79
N LYS A 11 3.81 -1.04 1.14
CA LYS A 11 5.21 -0.74 0.84
C LYS A 11 5.79 -1.77 -0.11
N ALA A 12 6.52 -1.29 -1.12
CA ALA A 12 7.14 -2.16 -2.11
C ALA A 12 8.44 -2.76 -1.57
N LEU A 13 8.49 -4.09 -1.47
CA LEU A 13 9.67 -4.78 -0.97
C LEU A 13 10.73 -4.91 -2.07
N LEU A 14 10.35 -4.58 -3.30
CA LEU A 14 11.26 -4.66 -4.43
C LEU A 14 10.75 -3.84 -5.61
N ASP A 15 11.50 -3.84 -6.69
CA ASP A 15 11.12 -3.11 -7.89
C ASP A 15 10.17 -3.92 -8.76
N PHE A 16 9.20 -3.24 -9.38
CA PHE A 16 8.22 -3.92 -10.23
C PHE A 16 7.97 -3.10 -11.49
N GLU A 17 8.32 -3.68 -12.64
CA GLU A 17 8.14 -3.01 -13.92
C GLU A 17 6.79 -3.39 -14.53
N ARG A 18 5.85 -2.45 -14.48
CA ARG A 18 4.52 -2.69 -15.04
C ARG A 18 4.61 -3.20 -16.46
N HIS A 19 4.28 -4.47 -16.66
CA HIS A 19 4.33 -5.08 -17.98
C HIS A 19 3.38 -4.37 -18.95
N ASP A 20 2.10 -4.34 -18.59
CA ASP A 20 1.10 -3.69 -19.43
C ASP A 20 0.96 -2.22 -19.06
N ASP A 21 0.75 -1.37 -20.06
CA ASP A 21 0.60 0.05 -19.83
C ASP A 21 -0.34 0.32 -18.66
N ASP A 22 -1.32 -0.55 -18.47
CA ASP A 22 -2.28 -0.41 -17.38
C ASP A 22 -1.63 -0.75 -16.04
N GLU A 23 -0.90 -1.85 -16.00
CA GLU A 23 -0.22 -2.29 -14.78
C GLU A 23 0.45 -1.10 -14.09
N LEU A 24 0.62 -1.21 -12.77
CA LEU A 24 1.25 -0.15 -11.99
C LEU A 24 2.65 -0.56 -11.56
N GLY A 25 3.66 0.18 -12.02
CA GLY A 25 5.03 -0.11 -11.67
C GLY A 25 5.55 0.76 -10.54
N PHE A 26 6.28 0.16 -9.62
CA PHE A 26 6.83 0.90 -8.48
C PHE A 26 8.30 0.54 -8.26
N ARG A 27 8.90 1.12 -7.23
CA ARG A 27 10.29 0.88 -6.92
C ARG A 27 10.45 0.36 -5.49
N LYS A 28 11.64 -0.17 -5.17
CA LYS A 28 11.92 -0.69 -3.84
C LYS A 28 11.79 0.40 -2.79
N ASN A 29 11.13 0.07 -1.68
CA ASN A 29 10.94 1.03 -0.59
C ASN A 29 10.09 2.21 -1.05
N ASP A 30 9.02 1.91 -1.78
CA ASP A 30 8.12 2.95 -2.28
C ASP A 30 6.72 2.76 -1.73
N ILE A 31 6.01 3.86 -1.52
CA ILE A 31 4.65 3.82 -1.00
C ILE A 31 3.63 3.93 -2.12
N ILE A 32 2.65 3.01 -2.12
CA ILE A 32 1.62 3.01 -3.14
C ILE A 32 0.23 3.02 -2.51
N THR A 33 -0.60 3.98 -2.91
CA THR A 33 -1.95 4.09 -2.39
C THR A 33 -2.83 2.95 -2.89
N ILE A 34 -3.66 2.43 -2.00
CA ILE A 34 -4.57 1.33 -2.34
C ILE A 34 -5.98 1.83 -2.58
N ILE A 35 -6.43 1.79 -3.83
CA ILE A 35 -7.76 2.25 -4.18
C ILE A 35 -8.78 1.12 -4.05
N SER A 36 -8.62 0.09 -4.87
CA SER A 36 -9.53 -1.06 -4.83
C SER A 36 -8.76 -2.37 -4.68
N GLN A 37 -9.48 -3.46 -4.51
CA GLN A 37 -8.86 -4.77 -4.35
C GLN A 37 -9.54 -5.80 -5.25
N LYS A 38 -9.19 -5.79 -6.53
CA LYS A 38 -9.76 -6.72 -7.50
C LYS A 38 -9.80 -8.14 -6.93
N ASP A 39 -8.61 -8.71 -6.71
CA ASP A 39 -8.51 -10.06 -6.17
C ASP A 39 -7.63 -10.08 -4.92
N GLU A 40 -7.83 -11.08 -4.08
CA GLU A 40 -7.06 -11.22 -2.84
C GLU A 40 -5.56 -11.15 -3.14
N HIS A 41 -5.20 -11.34 -4.40
CA HIS A 41 -3.80 -11.30 -4.81
C HIS A 41 -3.50 -10.03 -5.61
N CYS A 42 -4.33 -9.76 -6.61
CA CYS A 42 -4.15 -8.59 -7.45
C CYS A 42 -4.89 -7.38 -6.87
N TRP A 43 -4.14 -6.35 -6.51
CA TRP A 43 -4.72 -5.14 -5.94
C TRP A 43 -4.49 -3.94 -6.85
N VAL A 44 -5.37 -2.95 -6.74
CA VAL A 44 -5.26 -1.75 -7.56
C VAL A 44 -4.95 -0.52 -6.70
N GLY A 45 -3.81 0.11 -6.98
CA GLY A 45 -3.41 1.28 -6.23
C GLY A 45 -3.12 2.47 -7.11
N GLU A 46 -2.55 3.52 -6.53
CA GLU A 46 -2.23 4.73 -7.27
C GLU A 46 -0.80 5.17 -7.00
N LEU A 47 -0.06 5.48 -8.06
CA LEU A 47 1.32 5.92 -7.94
C LEU A 47 1.83 6.50 -9.24
N ASN A 48 2.75 7.46 -9.15
CA ASN A 48 3.31 8.11 -10.33
C ASN A 48 2.22 8.68 -11.22
N GLY A 49 1.08 9.00 -10.62
CA GLY A 49 -0.04 9.54 -11.37
C GLY A 49 -0.73 8.51 -12.23
N LEU A 50 -0.53 7.24 -11.90
CA LEU A 50 -1.14 6.15 -12.64
C LEU A 50 -2.00 5.27 -11.73
N ARG A 51 -2.93 4.54 -12.33
CA ARG A 51 -3.82 3.67 -11.58
C ARG A 51 -3.99 2.32 -12.28
N GLY A 52 -3.37 1.29 -11.72
CA GLY A 52 -3.46 -0.04 -12.29
C GLY A 52 -3.41 -1.14 -11.25
N TRP A 53 -3.27 -2.38 -11.71
CA TRP A 53 -3.21 -3.52 -10.81
C TRP A 53 -1.76 -3.95 -10.57
N PHE A 54 -1.55 -4.73 -9.50
CA PHE A 54 -0.22 -5.20 -9.16
C PHE A 54 -0.29 -6.33 -8.13
N PRO A 55 0.72 -7.20 -8.15
CA PRO A 55 0.80 -8.33 -7.22
C PRO A 55 1.09 -7.89 -5.79
N ALA A 56 0.18 -8.25 -4.87
CA ALA A 56 0.33 -7.88 -3.47
C ALA A 56 1.53 -8.60 -2.85
N LYS A 57 1.86 -9.76 -3.38
CA LYS A 57 2.99 -10.54 -2.88
C LYS A 57 4.31 -9.79 -3.08
N PHE A 58 4.25 -8.69 -3.81
CA PHE A 58 5.43 -7.89 -4.09
C PHE A 58 5.56 -6.77 -3.06
N VAL A 59 4.45 -6.38 -2.46
CA VAL A 59 4.44 -5.32 -1.46
C VAL A 59 3.91 -5.83 -0.12
N GLU A 60 4.00 -4.98 0.91
CA GLU A 60 3.54 -5.35 2.24
C GLU A 60 2.59 -4.30 2.80
N VAL A 61 1.45 -4.76 3.29
CA VAL A 61 0.44 -3.86 3.86
C VAL A 61 0.94 -3.22 5.15
N LEU A 62 0.46 -2.01 5.42
CA LEU A 62 0.86 -1.29 6.63
C LEU A 62 -0.36 -0.89 7.46
N ASP A 63 -0.43 -1.40 8.68
CA ASP A 63 -1.55 -1.09 9.56
C ASP A 63 -1.19 0.06 10.51
N GLU A 64 -1.36 1.28 10.03
CA GLU A 64 -1.06 2.46 10.82
C GLU A 64 -2.08 2.65 11.95
N ARG A 65 -1.85 1.97 13.07
CA ARG A 65 -2.76 2.06 14.20
C ARG A 65 -2.05 2.68 15.41
N SER A 66 -2.69 3.69 16.00
CA SER A 66 -2.12 4.37 17.15
C SER A 66 -3.16 4.50 18.28
N LYS A 67 -2.80 3.99 19.46
CA LYS A 67 -3.69 4.04 20.60
C LYS A 67 -2.90 4.09 21.91
N GLU A 68 -3.61 4.13 23.03
CA GLU A 68 -2.97 4.17 24.34
C GLU A 68 -3.32 2.95 25.17
N TYR A 69 -2.41 2.54 26.04
CA TYR A 69 -2.63 1.38 26.89
C TYR A 69 -3.21 1.78 28.24
N SER A 70 -4.22 1.05 28.69
CA SER A 70 -4.87 1.33 29.97
C SER A 70 -3.84 1.62 31.06
N ILE A 71 -4.29 2.19 32.16
CA ILE A 71 -3.41 2.51 33.27
C ILE A 71 -2.52 1.33 33.62
N ALA A 72 -1.31 1.32 33.07
CA ALA A 72 -0.36 0.24 33.33
C ALA A 72 0.71 0.68 34.32
N SER A 73 1.39 -0.28 34.92
CA SER A 73 2.43 0.01 35.90
C SER A 73 3.31 1.16 35.43
N GLY A 74 3.71 1.12 34.17
CA GLY A 74 4.53 2.18 33.62
C GLY A 74 5.27 1.74 32.36
N PRO A 75 4.59 1.82 31.22
CA PRO A 75 5.16 1.44 29.93
C PRO A 75 6.25 2.40 29.46
N SER A 76 7.51 1.96 29.54
CA SER A 76 8.63 2.79 29.14
C SER A 76 9.55 2.04 28.19
N SER A 77 10.47 2.76 27.56
CA SER A 77 11.41 2.16 26.62
C SER A 77 12.84 2.27 27.13
N GLY A 78 13.58 1.16 27.05
CA GLY A 78 14.96 1.16 27.51
C GLY A 78 15.92 1.70 26.47
N GLY A 1 -17.05 14.02 9.24
CA GLY A 1 -17.44 13.59 7.91
C GLY A 1 -18.25 12.30 7.92
N SER A 2 -19.47 12.37 7.41
CA SER A 2 -20.34 11.20 7.38
C SER A 2 -19.65 10.02 6.70
N SER A 3 -19.16 10.25 5.48
CA SER A 3 -18.47 9.20 4.73
C SER A 3 -17.27 8.67 5.51
N GLY A 4 -16.84 7.46 5.15
CA GLY A 4 -15.70 6.85 5.83
C GLY A 4 -15.03 5.79 4.98
N SER A 5 -14.71 6.13 3.75
CA SER A 5 -14.07 5.20 2.84
C SER A 5 -12.87 4.53 3.50
N SER A 6 -12.33 3.50 2.85
CA SER A 6 -11.19 2.77 3.38
C SER A 6 -9.94 3.03 2.54
N GLY A 7 -8.93 3.63 3.16
CA GLY A 7 -7.70 3.92 2.45
C GLY A 7 -6.49 3.27 3.10
N ARG A 8 -5.73 2.52 2.30
CA ARG A 8 -4.54 1.84 2.80
C ARG A 8 -3.33 2.14 1.94
N ARG A 9 -2.15 1.69 2.38
CA ARG A 9 -0.92 1.92 1.64
C ARG A 9 0.03 0.73 1.78
N ALA A 10 0.52 0.25 0.64
CA ALA A 10 1.44 -0.89 0.63
C ALA A 10 2.85 -0.45 0.27
N LYS A 11 3.84 -1.05 0.94
CA LYS A 11 5.24 -0.72 0.69
C LYS A 11 5.88 -1.75 -0.23
N ALA A 12 6.47 -1.28 -1.33
CA ALA A 12 7.13 -2.17 -2.29
C ALA A 12 8.38 -2.78 -1.69
N LEU A 13 8.41 -4.11 -1.63
CA LEU A 13 9.54 -4.83 -1.08
C LEU A 13 10.68 -4.91 -2.10
N LEU A 14 10.36 -4.61 -3.35
CA LEU A 14 11.35 -4.65 -4.42
C LEU A 14 10.92 -3.76 -5.59
N ASP A 15 11.76 -3.71 -6.62
CA ASP A 15 11.47 -2.92 -7.80
C ASP A 15 10.62 -3.70 -8.80
N PHE A 16 9.33 -3.38 -8.84
CA PHE A 16 8.40 -4.05 -9.74
C PHE A 16 8.37 -3.36 -11.10
N GLU A 17 8.62 -4.12 -12.16
CA GLU A 17 8.61 -3.57 -13.51
C GLU A 17 7.32 -3.93 -14.24
N ARG A 18 6.39 -3.00 -14.29
CA ARG A 18 5.11 -3.21 -14.95
C ARG A 18 5.33 -3.68 -16.39
N HIS A 19 4.68 -4.79 -16.75
CA HIS A 19 4.79 -5.35 -18.09
C HIS A 19 3.90 -4.59 -19.07
N ASP A 20 2.67 -4.33 -18.66
CA ASP A 20 1.71 -3.61 -19.49
C ASP A 20 1.23 -2.33 -18.81
N ASP A 21 0.74 -1.38 -19.60
CA ASP A 21 0.25 -0.12 -19.07
C ASP A 21 -0.65 -0.36 -17.86
N ASP A 22 -1.52 -1.36 -17.95
CA ASP A 22 -2.43 -1.69 -16.87
C ASP A 22 -1.67 -1.94 -15.57
N GLU A 23 -0.60 -2.73 -15.65
CA GLU A 23 0.21 -3.05 -14.49
C GLU A 23 0.84 -1.79 -13.90
N LEU A 24 0.83 -1.69 -12.58
CA LEU A 24 1.39 -0.53 -11.88
C LEU A 24 2.83 -0.80 -11.47
N GLY A 25 3.77 -0.18 -12.18
CA GLY A 25 5.18 -0.36 -11.86
C GLY A 25 5.63 0.52 -10.72
N PHE A 26 6.51 -0.01 -9.86
CA PHE A 26 7.02 0.73 -8.73
C PHE A 26 8.42 0.27 -8.36
N ARG A 27 9.14 1.10 -7.61
CA ARG A 27 10.49 0.78 -7.19
C ARG A 27 10.51 0.21 -5.77
N LYS A 28 11.71 -0.07 -5.25
CA LYS A 28 11.85 -0.61 -3.91
C LYS A 28 11.52 0.44 -2.86
N ASN A 29 10.88 0.01 -1.77
CA ASN A 29 10.52 0.92 -0.70
C ASN A 29 9.68 2.07 -1.23
N ASP A 30 8.77 1.76 -2.14
CA ASP A 30 7.89 2.78 -2.72
C ASP A 30 6.47 2.64 -2.19
N ILE A 31 5.96 3.72 -1.61
CA ILE A 31 4.60 3.71 -1.06
C ILE A 31 3.56 3.84 -2.17
N ILE A 32 2.53 3.02 -2.09
CA ILE A 32 1.46 3.04 -3.08
C ILE A 32 0.09 3.00 -2.42
N THR A 33 -0.78 3.94 -2.79
CA THR A 33 -2.12 4.01 -2.22
C THR A 33 -3.02 2.91 -2.80
N ILE A 34 -3.79 2.27 -1.94
CA ILE A 34 -4.70 1.21 -2.36
C ILE A 34 -6.11 1.75 -2.60
N ILE A 35 -6.55 1.74 -3.85
CA ILE A 35 -7.87 2.23 -4.20
C ILE A 35 -8.90 1.10 -4.09
N SER A 36 -8.77 0.09 -4.93
CA SER A 36 -9.69 -1.04 -4.93
C SER A 36 -8.93 -2.36 -4.92
N GLN A 37 -9.64 -3.44 -4.57
CA GLN A 37 -9.02 -4.76 -4.53
C GLN A 37 -9.69 -5.71 -5.52
N LYS A 38 -9.30 -5.60 -6.79
CA LYS A 38 -9.86 -6.45 -7.84
C LYS A 38 -9.85 -7.91 -7.42
N ASP A 39 -8.69 -8.40 -7.01
CA ASP A 39 -8.54 -9.78 -6.58
C ASP A 39 -7.82 -9.86 -5.24
N GLU A 40 -7.85 -11.04 -4.62
CA GLU A 40 -7.19 -11.24 -3.33
C GLU A 40 -5.69 -11.06 -3.45
N HIS A 41 -5.13 -11.50 -4.58
CA HIS A 41 -3.70 -11.39 -4.82
C HIS A 41 -3.38 -10.12 -5.62
N CYS A 42 -4.28 -9.76 -6.53
CA CYS A 42 -4.09 -8.58 -7.36
C CYS A 42 -4.84 -7.38 -6.77
N TRP A 43 -4.10 -6.32 -6.47
CA TRP A 43 -4.69 -5.11 -5.91
C TRP A 43 -4.48 -3.91 -6.82
N VAL A 44 -5.37 -2.94 -6.74
CA VAL A 44 -5.28 -1.73 -7.57
C VAL A 44 -4.98 -0.51 -6.71
N GLY A 45 -3.80 0.07 -6.92
CA GLY A 45 -3.41 1.24 -6.16
C GLY A 45 -3.11 2.43 -7.05
N GLU A 46 -2.53 3.47 -6.46
CA GLU A 46 -2.19 4.68 -7.21
C GLU A 46 -0.78 5.16 -6.89
N LEU A 47 0.00 5.43 -7.93
CA LEU A 47 1.37 5.89 -7.75
C LEU A 47 1.82 6.74 -8.94
N ASN A 48 2.61 7.78 -8.66
CA ASN A 48 3.10 8.66 -9.71
C ASN A 48 1.99 9.00 -10.70
N GLY A 49 0.80 9.24 -10.18
CA GLY A 49 -0.33 9.58 -11.03
C GLY A 49 -0.72 8.44 -11.96
N LEU A 50 -0.54 7.21 -11.49
CA LEU A 50 -0.89 6.04 -12.28
C LEU A 50 -1.77 5.08 -11.49
N ARG A 51 -2.86 4.64 -12.12
CA ARG A 51 -3.80 3.72 -11.48
C ARG A 51 -3.84 2.38 -12.22
N GLY A 52 -3.29 1.35 -11.58
CA GLY A 52 -3.28 0.03 -12.19
C GLY A 52 -3.25 -1.08 -11.16
N TRP A 53 -3.15 -2.32 -11.64
CA TRP A 53 -3.10 -3.47 -10.75
C TRP A 53 -1.66 -3.87 -10.44
N PHE A 54 -1.50 -4.75 -9.44
CA PHE A 54 -0.17 -5.21 -9.05
C PHE A 54 -0.27 -6.31 -8.00
N PRO A 55 0.74 -7.19 -7.98
CA PRO A 55 0.79 -8.30 -7.02
C PRO A 55 1.03 -7.84 -5.59
N ALA A 56 0.07 -8.10 -4.72
CA ALA A 56 0.17 -7.71 -3.32
C ALA A 56 1.40 -8.33 -2.66
N LYS A 57 1.70 -9.58 -3.03
CA LYS A 57 2.84 -10.28 -2.49
C LYS A 57 4.12 -9.47 -2.66
N PHE A 58 4.22 -8.77 -3.79
CA PHE A 58 5.39 -7.95 -4.08
C PHE A 58 5.54 -6.83 -3.06
N VAL A 59 4.40 -6.30 -2.60
CA VAL A 59 4.41 -5.22 -1.62
C VAL A 59 3.96 -5.73 -0.25
N GLU A 60 4.02 -4.84 0.75
CA GLU A 60 3.63 -5.19 2.11
C GLU A 60 2.58 -4.22 2.63
N VAL A 61 1.54 -4.77 3.26
CA VAL A 61 0.47 -3.95 3.82
C VAL A 61 0.95 -3.15 5.03
N LEU A 62 0.44 -1.94 5.17
CA LEU A 62 0.81 -1.08 6.28
C LEU A 62 -0.42 -0.53 7.00
N ASP A 63 -0.34 -0.44 8.32
CA ASP A 63 -1.44 0.07 9.12
C ASP A 63 -1.30 1.57 9.37
N GLU A 64 -2.44 2.27 9.40
CA GLU A 64 -2.43 3.71 9.62
C GLU A 64 -3.36 4.08 10.79
N ARG A 65 -2.77 4.64 11.84
CA ARG A 65 -3.53 5.04 13.02
C ARG A 65 -3.46 6.54 13.23
N SER A 66 -4.50 7.10 13.83
CA SER A 66 -4.56 8.54 14.09
C SER A 66 -5.76 8.89 14.95
N LYS A 67 -5.78 10.12 15.45
CA LYS A 67 -6.88 10.59 16.30
C LYS A 67 -7.73 11.62 15.57
N GLU A 68 -7.11 12.74 15.20
CA GLU A 68 -7.82 13.80 14.50
C GLU A 68 -8.78 13.23 13.46
N TYR A 69 -10.05 13.57 13.61
CA TYR A 69 -11.09 13.08 12.69
C TYR A 69 -11.10 13.90 11.40
N SER A 70 -11.07 13.21 10.27
CA SER A 70 -11.07 13.86 8.97
C SER A 70 -12.50 14.24 8.55
N ILE A 71 -12.61 14.99 7.47
CA ILE A 71 -13.91 15.41 6.96
C ILE A 71 -14.08 15.02 5.50
N ALA A 72 -15.28 14.55 5.15
CA ALA A 72 -15.57 14.15 3.78
C ALA A 72 -17.06 13.89 3.60
N SER A 73 -17.58 14.20 2.41
CA SER A 73 -18.99 14.01 2.11
C SER A 73 -19.20 13.77 0.62
N GLY A 74 -20.29 13.10 0.28
CA GLY A 74 -20.60 12.82 -1.11
C GLY A 74 -21.96 12.19 -1.30
N PRO A 75 -23.00 13.04 -1.35
CA PRO A 75 -24.38 12.58 -1.52
C PRO A 75 -24.64 12.03 -2.92
N SER A 76 -25.15 10.80 -2.99
CA SER A 76 -25.44 10.16 -4.26
C SER A 76 -26.86 9.61 -4.29
N SER A 77 -27.27 9.12 -5.45
CA SER A 77 -28.62 8.58 -5.60
C SER A 77 -28.57 7.17 -6.20
N GLY A 78 -28.70 6.16 -5.35
CA GLY A 78 -28.66 4.79 -5.80
C GLY A 78 -30.03 4.17 -5.91
N GLY A 1 0.52 16.62 -3.65
CA GLY A 1 0.11 16.10 -2.36
C GLY A 1 -0.81 14.90 -2.48
N SER A 2 -0.75 14.00 -1.50
CA SER A 2 -1.58 12.80 -1.51
C SER A 2 -2.80 12.99 -0.61
N SER A 3 -3.96 12.57 -1.11
CA SER A 3 -5.20 12.70 -0.36
C SER A 3 -6.05 11.43 -0.50
N GLY A 4 -6.14 10.67 0.58
CA GLY A 4 -6.93 9.45 0.57
C GLY A 4 -7.85 9.33 1.76
N SER A 5 -9.15 9.43 1.51
CA SER A 5 -10.14 9.35 2.57
C SER A 5 -10.43 7.90 2.93
N SER A 6 -9.94 7.47 4.09
CA SER A 6 -10.14 6.10 4.55
C SER A 6 -9.51 5.10 3.58
N GLY A 7 -8.32 5.44 3.08
CA GLY A 7 -7.64 4.57 2.14
C GLY A 7 -6.47 3.85 2.77
N ARG A 8 -5.93 2.87 2.06
CA ARG A 8 -4.79 2.09 2.56
C ARG A 8 -3.54 2.41 1.77
N ARG A 9 -2.40 1.92 2.27
CA ARG A 9 -1.11 2.15 1.61
C ARG A 9 -0.15 1.00 1.88
N ALA A 10 0.45 0.47 0.81
CA ALA A 10 1.40 -0.63 0.93
C ALA A 10 2.82 -0.17 0.60
N LYS A 11 3.80 -0.93 1.08
CA LYS A 11 5.19 -0.60 0.84
C LYS A 11 5.85 -1.64 -0.08
N ALA A 12 6.51 -1.17 -1.12
CA ALA A 12 7.18 -2.05 -2.07
C ALA A 12 8.45 -2.64 -1.47
N LEU A 13 8.46 -3.95 -1.29
CA LEU A 13 9.60 -4.65 -0.72
C LEU A 13 10.74 -4.75 -1.74
N LEU A 14 10.39 -4.59 -3.01
CA LEU A 14 11.38 -4.65 -4.08
C LEU A 14 10.95 -3.82 -5.28
N ASP A 15 11.74 -3.86 -6.35
CA ASP A 15 11.43 -3.12 -7.56
C ASP A 15 10.54 -3.94 -8.49
N PHE A 16 9.56 -3.28 -9.10
CA PHE A 16 8.64 -3.94 -10.01
C PHE A 16 8.45 -3.13 -11.29
N GLU A 17 8.84 -3.71 -12.42
CA GLU A 17 8.71 -3.04 -13.70
C GLU A 17 7.50 -3.55 -14.47
N ARG A 18 6.35 -2.92 -14.23
CA ARG A 18 5.11 -3.31 -14.89
C ARG A 18 5.38 -3.73 -16.34
N HIS A 19 4.90 -4.91 -16.72
CA HIS A 19 5.09 -5.42 -18.07
C HIS A 19 3.98 -4.93 -18.99
N ASP A 20 2.76 -4.90 -18.48
CA ASP A 20 1.61 -4.46 -19.27
C ASP A 20 1.27 -3.01 -18.94
N ASP A 21 0.39 -2.41 -19.73
CA ASP A 21 -0.02 -1.04 -19.53
C ASP A 21 -0.88 -0.91 -18.27
N ASP A 22 -1.72 -1.91 -18.02
CA ASP A 22 -2.59 -1.90 -16.85
C ASP A 22 -1.78 -2.14 -15.57
N GLU A 23 -0.76 -3.00 -15.67
CA GLU A 23 0.09 -3.31 -14.53
C GLU A 23 0.71 -2.03 -13.95
N LEU A 24 0.77 -1.97 -12.63
CA LEU A 24 1.34 -0.81 -11.95
C LEU A 24 2.78 -1.09 -11.52
N GLY A 25 3.69 -0.25 -11.98
CA GLY A 25 5.10 -0.41 -11.64
C GLY A 25 5.51 0.43 -10.44
N PHE A 26 6.65 0.10 -9.86
CA PHE A 26 7.16 0.83 -8.70
C PHE A 26 8.59 0.44 -8.40
N ARG A 27 9.18 1.11 -7.40
CA ARG A 27 10.56 0.83 -7.01
C ARG A 27 10.62 0.36 -5.56
N LYS A 28 11.73 -0.29 -5.20
CA LYS A 28 11.91 -0.80 -3.85
C LYS A 28 11.79 0.34 -2.83
N ASN A 29 11.18 0.02 -1.69
CA ASN A 29 11.00 1.00 -0.63
C ASN A 29 10.16 2.18 -1.12
N ASP A 30 9.03 1.87 -1.77
CA ASP A 30 8.14 2.90 -2.30
C ASP A 30 6.73 2.72 -1.74
N ILE A 31 6.11 3.84 -1.37
CA ILE A 31 4.75 3.81 -0.82
C ILE A 31 3.72 3.95 -1.92
N ILE A 32 2.73 3.07 -1.91
CA ILE A 32 1.66 3.08 -2.91
C ILE A 32 0.29 3.09 -2.24
N THR A 33 -0.58 3.99 -2.71
CA THR A 33 -1.93 4.09 -2.17
C THR A 33 -2.85 3.04 -2.77
N ILE A 34 -3.54 2.30 -1.90
CA ILE A 34 -4.46 1.26 -2.35
C ILE A 34 -5.84 1.83 -2.62
N ILE A 35 -6.31 1.67 -3.86
CA ILE A 35 -7.62 2.17 -4.25
C ILE A 35 -8.68 1.07 -4.12
N SER A 36 -8.51 0.00 -4.89
CA SER A 36 -9.46 -1.10 -4.86
C SER A 36 -8.73 -2.44 -4.94
N GLN A 37 -9.11 -3.37 -4.07
CA GLN A 37 -8.49 -4.69 -4.04
C GLN A 37 -9.39 -5.73 -4.72
N LYS A 38 -9.21 -5.89 -6.03
CA LYS A 38 -10.00 -6.84 -6.80
C LYS A 38 -9.92 -8.23 -6.17
N ASP A 39 -8.75 -8.85 -6.25
CA ASP A 39 -8.54 -10.18 -5.70
C ASP A 39 -7.68 -10.12 -4.43
N GLU A 40 -7.55 -11.24 -3.75
CA GLU A 40 -6.76 -11.31 -2.54
C GLU A 40 -5.28 -11.02 -2.82
N HIS A 41 -4.87 -11.31 -4.05
CA HIS A 41 -3.49 -11.07 -4.46
C HIS A 41 -3.38 -9.86 -5.37
N CYS A 42 -4.26 -9.81 -6.37
CA CYS A 42 -4.27 -8.70 -7.32
C CYS A 42 -4.98 -7.48 -6.73
N TRP A 43 -4.22 -6.44 -6.44
CA TRP A 43 -4.78 -5.22 -5.87
C TRP A 43 -4.55 -4.04 -6.80
N VAL A 44 -5.32 -2.98 -6.60
CA VAL A 44 -5.20 -1.77 -7.43
C VAL A 44 -4.86 -0.56 -6.57
N GLY A 45 -3.67 0.01 -6.80
CA GLY A 45 -3.25 1.17 -6.04
C GLY A 45 -3.10 2.40 -6.91
N GLU A 46 -2.33 3.37 -6.44
CA GLU A 46 -2.11 4.61 -7.18
C GLU A 46 -0.71 5.17 -6.91
N LEU A 47 0.04 5.37 -7.97
CA LEU A 47 1.41 5.90 -7.85
C LEU A 47 1.84 6.57 -9.14
N ASN A 48 2.73 7.56 -9.01
CA ASN A 48 3.22 8.29 -10.18
C ASN A 48 2.07 8.80 -11.04
N GLY A 49 0.94 9.09 -10.40
CA GLY A 49 -0.22 9.58 -11.11
C GLY A 49 -0.85 8.52 -11.99
N LEU A 50 -0.62 7.25 -11.65
CA LEU A 50 -1.17 6.15 -12.41
C LEU A 50 -2.04 5.25 -11.53
N ARG A 51 -2.95 4.50 -12.15
CA ARG A 51 -3.83 3.60 -11.43
C ARG A 51 -3.98 2.27 -12.16
N GLY A 52 -3.39 1.23 -11.59
CA GLY A 52 -3.47 -0.10 -12.19
C GLY A 52 -3.39 -1.20 -11.17
N TRP A 53 -3.38 -2.44 -11.66
CA TRP A 53 -3.32 -3.61 -10.77
C TRP A 53 -1.87 -4.03 -10.56
N PHE A 54 -1.65 -4.86 -9.54
CA PHE A 54 -0.31 -5.34 -9.22
C PHE A 54 -0.36 -6.43 -8.15
N PRO A 55 0.62 -7.34 -8.19
CA PRO A 55 0.70 -8.45 -7.24
C PRO A 55 1.08 -7.98 -5.84
N ALA A 56 0.10 -7.98 -4.93
CA ALA A 56 0.34 -7.55 -3.56
C ALA A 56 1.54 -8.27 -2.95
N LYS A 57 1.72 -9.53 -3.34
CA LYS A 57 2.83 -10.33 -2.83
C LYS A 57 4.15 -9.58 -2.96
N PHE A 58 4.22 -8.69 -3.96
CA PHE A 58 5.43 -7.91 -4.20
C PHE A 58 5.60 -6.84 -3.12
N VAL A 59 4.48 -6.30 -2.65
CA VAL A 59 4.51 -5.27 -1.62
C VAL A 59 3.95 -5.80 -0.29
N GLU A 60 3.98 -4.95 0.73
CA GLU A 60 3.47 -5.34 2.04
C GLU A 60 2.50 -4.30 2.58
N VAL A 61 1.41 -4.77 3.18
CA VAL A 61 0.39 -3.89 3.73
C VAL A 61 0.90 -3.18 4.98
N LEU A 62 0.28 -2.05 5.31
CA LEU A 62 0.67 -1.28 6.48
C LEU A 62 -0.56 -0.76 7.23
N ASP A 63 -0.61 -1.02 8.52
CA ASP A 63 -1.73 -0.57 9.35
C ASP A 63 -1.43 0.79 9.98
N GLU A 64 -2.28 1.77 9.66
CA GLU A 64 -2.11 3.12 10.19
C GLU A 64 -3.24 3.47 11.16
N ARG A 65 -4.44 3.00 10.85
CA ARG A 65 -5.60 3.27 11.69
C ARG A 65 -5.44 2.61 13.06
N SER A 66 -4.45 1.74 13.18
CA SER A 66 -4.20 1.04 14.44
C SER A 66 -4.00 2.04 15.58
N LYS A 67 -3.73 1.52 16.78
CA LYS A 67 -3.52 2.36 17.95
C LYS A 67 -2.05 2.37 18.35
N GLU A 68 -1.70 3.23 19.30
CA GLU A 68 -0.33 3.33 19.77
C GLU A 68 -0.22 2.91 21.24
N TYR A 69 0.73 2.02 21.52
CA TYR A 69 0.93 1.53 22.88
C TYR A 69 1.68 2.55 23.71
N SER A 70 1.25 2.74 24.96
CA SER A 70 1.88 3.69 25.86
C SER A 70 3.39 3.47 25.90
N ILE A 71 4.14 4.40 25.31
CA ILE A 71 5.59 4.31 25.28
C ILE A 71 6.23 5.70 25.37
N ALA A 72 7.16 5.85 26.30
CA ALA A 72 7.86 7.12 26.49
C ALA A 72 8.50 7.59 25.20
N SER A 73 7.78 8.39 24.43
CA SER A 73 8.28 8.91 23.16
C SER A 73 8.74 10.36 23.31
N GLY A 74 10.04 10.58 23.10
CA GLY A 74 10.58 11.93 23.21
C GLY A 74 9.95 12.89 22.22
N PRO A 75 10.60 13.05 21.06
CA PRO A 75 10.13 13.94 20.00
C PRO A 75 8.85 13.43 19.34
N SER A 76 7.95 14.34 19.01
CA SER A 76 6.68 13.98 18.37
C SER A 76 6.61 14.56 16.96
N SER A 77 5.65 14.07 16.18
CA SER A 77 5.46 14.53 14.81
C SER A 77 6.77 14.43 14.03
N GLY A 78 7.48 13.33 14.22
CA GLY A 78 8.75 13.13 13.53
C GLY A 78 8.56 12.73 12.08
N GLY A 1 -7.37 16.62 6.79
CA GLY A 1 -6.57 16.72 5.58
C GLY A 1 -5.95 15.40 5.18
N SER A 2 -5.11 14.86 6.05
CA SER A 2 -4.43 13.59 5.78
C SER A 2 -5.03 12.47 6.63
N SER A 3 -5.10 12.70 7.95
CA SER A 3 -5.64 11.70 8.87
C SER A 3 -7.08 11.37 8.50
N GLY A 4 -7.49 10.14 8.81
CA GLY A 4 -8.84 9.70 8.51
C GLY A 4 -8.89 8.30 7.94
N SER A 5 -9.68 8.13 6.88
CA SER A 5 -9.81 6.81 6.25
C SER A 5 -9.37 6.87 4.78
N SER A 6 -8.26 7.55 4.54
CA SER A 6 -7.72 7.69 3.19
C SER A 6 -7.21 6.35 2.67
N GLY A 7 -8.14 5.52 2.18
CA GLY A 7 -7.76 4.22 1.66
C GLY A 7 -6.63 3.58 2.44
N ARG A 8 -5.80 2.81 1.75
CA ARG A 8 -4.68 2.14 2.39
C ARG A 8 -3.37 2.47 1.66
N ARG A 9 -2.27 1.92 2.17
CA ARG A 9 -0.96 2.15 1.58
C ARG A 9 -0.03 0.96 1.81
N ALA A 10 0.56 0.45 0.74
CA ALA A 10 1.47 -0.68 0.83
C ALA A 10 2.89 -0.28 0.44
N LYS A 11 3.87 -0.82 1.17
CA LYS A 11 5.27 -0.51 0.90
C LYS A 11 5.88 -1.56 -0.02
N ALA A 12 6.61 -1.10 -1.03
CA ALA A 12 7.25 -2.00 -1.98
C ALA A 12 8.50 -2.64 -1.37
N LEU A 13 8.60 -3.96 -1.51
CA LEU A 13 9.74 -4.70 -0.99
C LEU A 13 10.85 -4.81 -2.02
N LEU A 14 10.50 -4.63 -3.29
CA LEU A 14 11.46 -4.71 -4.38
C LEU A 14 11.00 -3.89 -5.58
N ASP A 15 11.89 -3.72 -6.55
CA ASP A 15 11.57 -2.97 -7.76
C ASP A 15 10.73 -3.80 -8.72
N PHE A 16 9.62 -3.23 -9.18
CA PHE A 16 8.74 -3.92 -10.10
C PHE A 16 8.36 -3.02 -11.28
N GLU A 17 8.77 -3.43 -12.48
CA GLU A 17 8.49 -2.66 -13.68
C GLU A 17 7.27 -3.22 -14.42
N ARG A 18 6.12 -2.61 -14.20
CA ARG A 18 4.88 -3.06 -14.84
C ARG A 18 5.14 -3.45 -16.29
N HIS A 19 4.38 -4.43 -16.77
CA HIS A 19 4.51 -4.91 -18.14
C HIS A 19 3.36 -4.41 -19.01
N ASP A 20 2.14 -4.67 -18.55
CA ASP A 20 0.94 -4.26 -19.28
C ASP A 20 0.57 -2.82 -18.95
N ASP A 21 -0.11 -2.16 -19.87
CA ASP A 21 -0.52 -0.77 -19.67
C ASP A 21 -1.31 -0.62 -18.38
N ASP A 22 -1.94 -1.70 -17.95
CA ASP A 22 -2.72 -1.69 -16.71
C ASP A 22 -1.83 -1.94 -15.50
N GLU A 23 -0.93 -2.91 -15.62
CA GLU A 23 -0.02 -3.23 -14.53
C GLU A 23 0.64 -1.97 -13.97
N LEU A 24 0.71 -1.89 -12.64
CA LEU A 24 1.31 -0.75 -11.98
C LEU A 24 2.72 -1.07 -11.50
N GLY A 25 3.68 -0.26 -11.92
CA GLY A 25 5.06 -0.48 -11.53
C GLY A 25 5.48 0.41 -10.37
N PHE A 26 6.56 0.02 -9.69
CA PHE A 26 7.06 0.80 -8.56
C PHE A 26 8.51 0.42 -8.23
N ARG A 27 9.08 1.10 -7.25
CA ARG A 27 10.45 0.82 -6.85
C ARG A 27 10.52 0.41 -5.39
N LYS A 28 11.67 -0.13 -4.98
CA LYS A 28 11.86 -0.58 -3.61
C LYS A 28 11.69 0.58 -2.63
N ASN A 29 11.11 0.29 -1.47
CA ASN A 29 10.90 1.31 -0.46
C ASN A 29 10.00 2.42 -0.97
N ASP A 30 8.94 2.06 -1.68
CA ASP A 30 8.01 3.01 -2.24
C ASP A 30 6.60 2.80 -1.70
N ILE A 31 5.90 3.89 -1.43
CA ILE A 31 4.54 3.81 -0.90
C ILE A 31 3.51 3.95 -2.03
N ILE A 32 2.48 3.09 -1.98
CA ILE A 32 1.44 3.11 -2.99
C ILE A 32 0.06 3.08 -2.34
N THR A 33 -0.79 4.04 -2.70
CA THR A 33 -2.14 4.11 -2.16
C THR A 33 -3.03 3.05 -2.76
N ILE A 34 -3.71 2.29 -1.92
CA ILE A 34 -4.61 1.23 -2.37
C ILE A 34 -6.01 1.76 -2.58
N ILE A 35 -6.49 1.69 -3.82
CA ILE A 35 -7.83 2.17 -4.16
C ILE A 35 -8.85 1.04 -4.04
N SER A 36 -8.71 0.01 -4.86
CA SER A 36 -9.62 -1.12 -4.84
C SER A 36 -8.86 -2.44 -4.92
N GLN A 37 -8.92 -3.22 -3.84
CA GLN A 37 -8.22 -4.50 -3.79
C GLN A 37 -9.05 -5.58 -4.48
N LYS A 38 -8.85 -5.73 -5.79
CA LYS A 38 -9.58 -6.74 -6.55
C LYS A 38 -9.67 -8.05 -5.80
N ASP A 39 -8.53 -8.58 -5.39
CA ASP A 39 -8.49 -9.83 -4.64
C ASP A 39 -7.30 -9.85 -3.68
N GLU A 40 -7.17 -10.94 -2.93
CA GLU A 40 -6.08 -11.08 -1.97
C GLU A 40 -4.74 -11.20 -2.68
N HIS A 41 -4.78 -11.24 -4.01
CA HIS A 41 -3.57 -11.34 -4.81
C HIS A 41 -3.38 -10.11 -5.70
N CYS A 42 -4.44 -9.74 -6.40
CA CYS A 42 -4.39 -8.57 -7.28
C CYS A 42 -5.01 -7.36 -6.61
N TRP A 43 -4.19 -6.32 -6.41
CA TRP A 43 -4.65 -5.10 -5.77
C TRP A 43 -4.52 -3.90 -6.72
N VAL A 44 -5.37 -2.91 -6.53
CA VAL A 44 -5.34 -1.71 -7.36
C VAL A 44 -5.03 -0.47 -6.54
N GLY A 45 -3.81 0.05 -6.72
CA GLY A 45 -3.41 1.25 -5.98
C GLY A 45 -3.10 2.41 -6.89
N GLU A 46 -2.32 3.37 -6.38
CA GLU A 46 -1.96 4.55 -7.17
C GLU A 46 -0.54 4.99 -6.84
N LEU A 47 0.19 5.45 -7.86
CA LEU A 47 1.56 5.89 -7.68
C LEU A 47 2.04 6.65 -8.92
N ASN A 48 2.72 7.78 -8.69
CA ASN A 48 3.24 8.59 -9.79
C ASN A 48 2.15 8.90 -10.80
N GLY A 49 0.94 9.15 -10.30
CA GLY A 49 -0.18 9.47 -11.18
C GLY A 49 -0.56 8.29 -12.06
N LEU A 50 -0.43 7.08 -11.53
CA LEU A 50 -0.76 5.87 -12.28
C LEU A 50 -1.60 4.93 -11.43
N ARG A 51 -2.75 4.52 -11.97
CA ARG A 51 -3.64 3.62 -11.26
C ARG A 51 -3.81 2.31 -12.03
N GLY A 52 -3.48 1.20 -11.38
CA GLY A 52 -3.59 -0.10 -12.02
C GLY A 52 -3.49 -1.25 -11.03
N TRP A 53 -3.46 -2.47 -11.54
CA TRP A 53 -3.35 -3.65 -10.69
C TRP A 53 -1.89 -4.06 -10.50
N PHE A 54 -1.66 -4.91 -9.51
CA PHE A 54 -0.31 -5.38 -9.20
C PHE A 54 -0.34 -6.48 -8.15
N PRO A 55 0.68 -7.35 -8.19
CA PRO A 55 0.79 -8.46 -7.23
C PRO A 55 1.13 -7.99 -5.83
N ALA A 56 0.17 -8.13 -4.92
CA ALA A 56 0.36 -7.71 -3.53
C ALA A 56 1.63 -8.33 -2.95
N LYS A 57 1.85 -9.60 -3.24
CA LYS A 57 3.03 -10.31 -2.75
C LYS A 57 4.28 -9.45 -2.91
N PHE A 58 4.39 -8.78 -4.04
CA PHE A 58 5.55 -7.93 -4.32
C PHE A 58 5.67 -6.83 -3.27
N VAL A 59 4.53 -6.36 -2.76
CA VAL A 59 4.52 -5.32 -1.75
C VAL A 59 3.99 -5.85 -0.42
N GLU A 60 3.90 -4.97 0.57
CA GLU A 60 3.41 -5.34 1.89
C GLU A 60 2.43 -4.31 2.43
N VAL A 61 1.34 -4.78 3.01
CA VAL A 61 0.32 -3.89 3.56
C VAL A 61 0.85 -3.15 4.79
N LEU A 62 0.22 -2.02 5.10
CA LEU A 62 0.64 -1.21 6.24
C LEU A 62 -0.59 -0.63 6.95
N ASP A 63 -0.68 -0.86 8.25
CA ASP A 63 -1.80 -0.34 9.05
C ASP A 63 -1.43 0.99 9.68
N GLU A 64 -0.60 1.77 8.99
CA GLU A 64 -0.18 3.07 9.49
C GLU A 64 0.14 3.01 10.98
N ARG A 65 0.79 1.93 11.39
CA ARG A 65 1.16 1.73 12.79
C ARG A 65 0.03 2.21 13.71
N SER A 66 -1.18 1.76 13.44
CA SER A 66 -2.33 2.15 14.25
C SER A 66 -2.99 0.92 14.87
N LYS A 67 -2.42 0.44 15.96
CA LYS A 67 -2.95 -0.72 16.66
C LYS A 67 -2.25 -0.94 18.00
N GLU A 68 -2.68 -1.94 18.74
CA GLU A 68 -2.08 -2.24 20.04
C GLU A 68 -1.47 -3.64 20.05
N TYR A 69 -0.28 -3.75 20.62
CA TYR A 69 0.41 -5.03 20.69
C TYR A 69 0.13 -5.74 22.03
N SER A 70 0.48 -7.01 22.09
CA SER A 70 0.26 -7.80 23.30
C SER A 70 1.51 -8.61 23.66
N ILE A 71 2.23 -9.05 22.64
CA ILE A 71 3.45 -9.83 22.84
C ILE A 71 4.55 -9.39 21.88
N ALA A 72 5.80 -9.52 22.33
CA ALA A 72 6.94 -9.14 21.51
C ALA A 72 7.83 -10.34 21.22
N SER A 73 8.59 -10.25 20.12
CA SER A 73 9.48 -11.34 19.73
C SER A 73 10.61 -11.50 20.72
N GLY A 74 11.38 -12.58 20.56
CA GLY A 74 12.50 -12.83 21.45
C GLY A 74 13.61 -13.61 20.78
N PRO A 75 13.57 -14.95 20.90
CA PRO A 75 14.58 -15.83 20.31
C PRO A 75 14.49 -15.87 18.79
N SER A 76 13.38 -15.38 18.26
CA SER A 76 13.16 -15.37 16.81
C SER A 76 13.06 -16.78 16.26
N SER A 77 12.41 -17.66 17.02
CA SER A 77 12.23 -19.05 16.60
C SER A 77 10.75 -19.39 16.44
N GLY A 78 10.37 -19.76 15.23
CA GLY A 78 8.99 -20.10 14.95
C GLY A 78 8.07 -18.90 14.99
N GLY A 1 -20.59 6.08 9.93
CA GLY A 1 -21.11 7.43 9.98
C GLY A 1 -21.23 8.05 8.59
N SER A 2 -20.19 8.76 8.18
CA SER A 2 -20.18 9.41 6.87
C SER A 2 -19.01 8.92 6.03
N SER A 3 -17.80 9.08 6.54
CA SER A 3 -16.60 8.66 5.84
C SER A 3 -16.74 7.22 5.34
N GLY A 4 -16.86 7.07 4.02
CA GLY A 4 -17.01 5.76 3.44
C GLY A 4 -15.70 4.98 3.44
N SER A 5 -15.08 4.85 2.27
CA SER A 5 -13.83 4.11 2.14
C SER A 5 -12.90 4.43 3.32
N SER A 6 -11.97 3.51 3.58
CA SER A 6 -11.03 3.69 4.67
C SER A 6 -9.68 4.21 4.15
N GLY A 7 -9.25 3.68 3.02
CA GLY A 7 -7.99 4.11 2.42
C GLY A 7 -6.79 3.50 3.12
N ARG A 8 -5.92 2.86 2.35
CA ARG A 8 -4.73 2.22 2.90
C ARG A 8 -3.51 2.51 2.04
N ARG A 9 -2.37 1.94 2.40
CA ARG A 9 -1.13 2.13 1.66
C ARG A 9 -0.24 0.91 1.78
N ALA A 10 0.36 0.50 0.66
CA ALA A 10 1.24 -0.65 0.64
C ALA A 10 2.68 -0.24 0.35
N LYS A 11 3.64 -0.95 0.93
CA LYS A 11 5.04 -0.65 0.74
C LYS A 11 5.71 -1.71 -0.16
N ALA A 12 6.36 -1.24 -1.22
CA ALA A 12 7.03 -2.15 -2.15
C ALA A 12 8.29 -2.75 -1.52
N LEU A 13 8.28 -4.06 -1.31
CA LEU A 13 9.42 -4.74 -0.73
C LEU A 13 10.57 -4.84 -1.71
N LEU A 14 10.25 -4.67 -3.00
CA LEU A 14 11.27 -4.74 -4.05
C LEU A 14 10.84 -3.92 -5.26
N ASP A 15 11.65 -3.98 -6.32
CA ASP A 15 11.36 -3.24 -7.55
C ASP A 15 10.48 -4.07 -8.48
N PHE A 16 9.66 -3.38 -9.27
CA PHE A 16 8.76 -4.06 -10.20
C PHE A 16 8.50 -3.18 -11.43
N GLU A 17 8.78 -3.73 -12.60
CA GLU A 17 8.58 -3.00 -13.85
C GLU A 17 7.34 -3.51 -14.59
N ARG A 18 6.22 -2.82 -14.42
CA ARG A 18 4.97 -3.20 -15.06
C ARG A 18 5.20 -3.52 -16.54
N HIS A 19 4.26 -4.25 -17.13
CA HIS A 19 4.35 -4.62 -18.54
C HIS A 19 3.22 -3.99 -19.34
N ASP A 20 1.99 -4.22 -18.89
CA ASP A 20 0.81 -3.68 -19.56
C ASP A 20 0.50 -2.28 -19.06
N ASP A 21 0.33 -1.35 -19.99
CA ASP A 21 0.03 0.04 -19.64
C ASP A 21 -0.93 0.10 -18.47
N ASP A 22 -1.74 -0.95 -18.30
CA ASP A 22 -2.71 -1.01 -17.22
C ASP A 22 -2.02 -1.30 -15.89
N GLU A 23 -1.11 -2.28 -15.90
CA GLU A 23 -0.38 -2.65 -14.70
C GLU A 23 0.30 -1.44 -14.07
N LEU A 24 0.60 -1.53 -12.79
CA LEU A 24 1.25 -0.44 -12.07
C LEU A 24 2.60 -0.89 -11.50
N GLY A 25 3.67 -0.27 -11.99
CA GLY A 25 5.00 -0.61 -11.51
C GLY A 25 5.47 0.28 -10.38
N PHE A 26 6.61 -0.07 -9.78
CA PHE A 26 7.15 0.71 -8.68
C PHE A 26 8.57 0.24 -8.34
N ARG A 27 9.22 0.95 -7.42
CA ARG A 27 10.57 0.61 -7.00
C ARG A 27 10.60 0.18 -5.55
N LYS A 28 11.74 -0.35 -5.11
CA LYS A 28 11.90 -0.80 -3.73
C LYS A 28 11.67 0.35 -2.76
N ASN A 29 11.03 0.04 -1.63
CA ASN A 29 10.75 1.05 -0.61
C ASN A 29 9.88 2.17 -1.18
N ASP A 30 8.83 1.79 -1.89
CA ASP A 30 7.92 2.77 -2.49
C ASP A 30 6.51 2.62 -1.92
N ILE A 31 5.97 3.71 -1.41
CA ILE A 31 4.63 3.72 -0.83
C ILE A 31 3.58 3.96 -1.90
N ILE A 32 2.70 2.98 -2.11
CA ILE A 32 1.64 3.10 -3.09
C ILE A 32 0.27 3.07 -2.44
N THR A 33 -0.55 4.08 -2.74
CA THR A 33 -1.89 4.17 -2.17
C THR A 33 -2.82 3.12 -2.79
N ILE A 34 -3.41 2.29 -1.93
CA ILE A 34 -4.32 1.25 -2.39
C ILE A 34 -5.72 1.80 -2.62
N ILE A 35 -6.21 1.67 -3.85
CA ILE A 35 -7.54 2.15 -4.19
C ILE A 35 -8.58 1.04 -4.08
N SER A 36 -8.35 -0.05 -4.80
CA SER A 36 -9.27 -1.19 -4.79
C SER A 36 -8.50 -2.50 -4.88
N GLN A 37 -9.22 -3.61 -4.74
CA GLN A 37 -8.61 -4.93 -4.81
C GLN A 37 -9.42 -5.86 -5.72
N LYS A 38 -9.05 -5.90 -6.99
CA LYS A 38 -9.74 -6.74 -7.96
C LYS A 38 -9.67 -8.21 -7.55
N ASP A 39 -8.50 -8.63 -7.07
CA ASP A 39 -8.31 -10.01 -6.64
C ASP A 39 -7.42 -10.07 -5.40
N GLU A 40 -7.69 -11.06 -4.54
CA GLU A 40 -6.92 -11.22 -3.31
C GLU A 40 -5.42 -11.15 -3.59
N HIS A 41 -5.01 -11.70 -4.74
CA HIS A 41 -3.61 -11.70 -5.13
C HIS A 41 -3.26 -10.45 -5.92
N CYS A 42 -4.22 -9.96 -6.69
CA CYS A 42 -4.03 -8.76 -7.50
C CYS A 42 -4.76 -7.56 -6.89
N TRP A 43 -4.00 -6.58 -6.45
CA TRP A 43 -4.58 -5.38 -5.84
C TRP A 43 -4.43 -4.19 -6.78
N VAL A 44 -5.10 -3.08 -6.43
CA VAL A 44 -5.04 -1.87 -7.24
C VAL A 44 -4.66 -0.66 -6.38
N GLY A 45 -3.58 0.01 -6.76
CA GLY A 45 -3.13 1.18 -6.02
C GLY A 45 -2.96 2.39 -6.90
N GLU A 46 -2.19 3.37 -6.43
CA GLU A 46 -1.96 4.59 -7.18
C GLU A 46 -0.54 5.12 -6.93
N LEU A 47 0.22 5.29 -8.02
CA LEU A 47 1.59 5.79 -7.91
C LEU A 47 2.01 6.48 -9.21
N ASN A 48 2.79 7.54 -9.07
CA ASN A 48 3.28 8.30 -10.22
C ASN A 48 2.10 8.82 -11.06
N GLY A 49 0.98 9.07 -10.39
CA GLY A 49 -0.20 9.57 -11.08
C GLY A 49 -0.86 8.50 -11.94
N LEU A 50 -0.58 7.24 -11.63
CA LEU A 50 -1.16 6.14 -12.38
C LEU A 50 -1.96 5.22 -11.46
N ARG A 51 -2.98 4.56 -12.02
CA ARG A 51 -3.82 3.66 -11.25
C ARG A 51 -4.04 2.35 -11.99
N GLY A 52 -3.48 1.28 -11.45
CA GLY A 52 -3.61 -0.03 -12.08
C GLY A 52 -3.56 -1.17 -11.08
N TRP A 53 -3.45 -2.38 -11.59
CA TRP A 53 -3.38 -3.57 -10.73
C TRP A 53 -1.94 -4.00 -10.50
N PHE A 54 -1.73 -4.86 -9.52
CA PHE A 54 -0.40 -5.36 -9.20
C PHE A 54 -0.45 -6.43 -8.12
N PRO A 55 0.54 -7.33 -8.13
CA PRO A 55 0.62 -8.42 -7.15
C PRO A 55 0.96 -7.92 -5.75
N ALA A 56 0.07 -8.14 -4.80
CA ALA A 56 0.28 -7.71 -3.42
C ALA A 56 1.53 -8.35 -2.84
N LYS A 57 1.85 -9.55 -3.31
CA LYS A 57 3.03 -10.27 -2.83
C LYS A 57 4.29 -9.43 -3.02
N PHE A 58 4.26 -8.55 -4.01
CA PHE A 58 5.41 -7.68 -4.29
C PHE A 58 5.46 -6.51 -3.31
N VAL A 59 4.33 -6.24 -2.65
CA VAL A 59 4.25 -5.16 -1.69
C VAL A 59 3.83 -5.67 -0.32
N GLU A 60 3.82 -4.77 0.66
CA GLU A 60 3.43 -5.13 2.02
C GLU A 60 2.37 -4.19 2.55
N VAL A 61 1.35 -4.77 3.19
CA VAL A 61 0.26 -3.97 3.75
C VAL A 61 0.71 -3.20 4.99
N LEU A 62 0.16 -2.01 5.18
CA LEU A 62 0.50 -1.18 6.32
C LEU A 62 -0.76 -0.67 7.03
N ASP A 63 -0.84 -0.93 8.33
CA ASP A 63 -1.99 -0.50 9.12
C ASP A 63 -1.74 0.88 9.72
N GLU A 64 -2.78 1.69 9.74
CA GLU A 64 -2.68 3.05 10.29
C GLU A 64 -3.65 3.24 11.46
N ARG A 65 -3.20 2.85 12.65
CA ARG A 65 -4.03 2.98 13.84
C ARG A 65 -3.91 4.38 14.45
N SER A 66 -5.02 4.90 14.95
CA SER A 66 -5.05 6.23 15.55
C SER A 66 -6.40 6.52 16.17
N LYS A 67 -6.42 6.69 17.49
CA LYS A 67 -7.65 6.98 18.21
C LYS A 67 -7.38 7.85 19.43
N GLU A 68 -8.41 8.54 19.90
CA GLU A 68 -8.28 9.41 21.07
C GLU A 68 -8.31 8.60 22.36
N TYR A 69 -7.54 7.52 22.39
CA TYR A 69 -7.48 6.66 23.57
C TYR A 69 -6.05 6.19 23.83
N SER A 70 -5.43 6.75 24.86
CA SER A 70 -4.06 6.39 25.22
C SER A 70 -4.04 5.38 26.35
N ILE A 71 -3.05 4.48 26.32
CA ILE A 71 -2.92 3.46 27.34
C ILE A 71 -3.25 4.02 28.72
N ALA A 72 -3.83 3.18 29.57
CA ALA A 72 -4.20 3.59 30.92
C ALA A 72 -3.45 2.75 31.97
N SER A 73 -3.13 3.38 33.08
CA SER A 73 -2.42 2.70 34.16
C SER A 73 -3.09 1.38 34.53
N GLY A 74 -2.29 0.35 34.75
CA GLY A 74 -2.84 -0.95 35.10
C GLY A 74 -1.96 -2.08 34.64
N PRO A 75 -2.19 -2.56 33.41
CA PRO A 75 -1.42 -3.66 32.82
C PRO A 75 0.01 -3.26 32.49
N SER A 76 0.19 -1.99 32.14
CA SER A 76 1.51 -1.48 31.79
C SER A 76 2.21 -0.90 33.02
N SER A 77 3.39 -1.43 33.33
CA SER A 77 4.15 -0.96 34.48
C SER A 77 5.54 -1.59 34.51
N GLY A 78 6.53 -0.80 34.92
CA GLY A 78 7.89 -1.30 34.98
C GLY A 78 8.24 -1.85 36.35
N GLY A 1 -15.94 15.44 1.47
CA GLY A 1 -16.89 14.35 1.58
C GLY A 1 -17.72 14.42 2.85
N SER A 2 -18.73 13.57 2.94
CA SER A 2 -19.60 13.54 4.11
C SER A 2 -19.54 12.18 4.79
N SER A 3 -19.73 11.12 4.01
CA SER A 3 -19.71 9.76 4.55
C SER A 3 -18.28 9.34 4.90
N GLY A 4 -17.35 9.61 3.98
CA GLY A 4 -15.96 9.25 4.22
C GLY A 4 -15.50 8.15 3.29
N SER A 5 -14.18 8.04 3.12
CA SER A 5 -13.61 7.02 2.26
C SER A 5 -12.41 6.35 2.92
N SER A 6 -12.44 5.02 3.00
CA SER A 6 -11.36 4.27 3.62
C SER A 6 -10.25 3.97 2.61
N GLY A 7 -9.01 4.16 3.03
CA GLY A 7 -7.88 3.91 2.16
C GLY A 7 -6.72 3.23 2.87
N ARG A 8 -5.87 2.56 2.11
CA ARG A 8 -4.72 1.87 2.68
C ARG A 8 -3.46 2.13 1.86
N ARG A 9 -2.33 1.68 2.37
CA ARG A 9 -1.04 1.86 1.68
C ARG A 9 -0.15 0.65 1.87
N ALA A 10 0.45 0.19 0.77
CA ALA A 10 1.33 -0.97 0.82
C ALA A 10 2.75 -0.60 0.39
N LYS A 11 3.72 -0.94 1.21
CA LYS A 11 5.12 -0.64 0.93
C LYS A 11 5.74 -1.74 0.06
N ALA A 12 6.32 -1.34 -1.06
CA ALA A 12 6.96 -2.29 -1.98
C ALA A 12 8.20 -2.91 -1.34
N LEU A 13 8.32 -4.22 -1.44
CA LEU A 13 9.45 -4.94 -0.87
C LEU A 13 10.62 -4.96 -1.85
N LEU A 14 10.31 -4.87 -3.14
CA LEU A 14 11.33 -4.89 -4.18
C LEU A 14 10.89 -4.07 -5.38
N ASP A 15 11.71 -4.07 -6.44
CA ASP A 15 11.40 -3.33 -7.65
C ASP A 15 10.42 -4.10 -8.53
N PHE A 16 9.25 -3.51 -8.76
CA PHE A 16 8.23 -4.15 -9.59
C PHE A 16 8.08 -3.43 -10.92
N GLU A 17 8.48 -4.09 -12.00
CA GLU A 17 8.39 -3.51 -13.33
C GLU A 17 7.09 -3.92 -14.02
N ARG A 18 6.16 -2.97 -14.12
CA ARG A 18 4.87 -3.24 -14.75
C ARG A 18 5.06 -3.74 -16.18
N HIS A 19 4.55 -4.94 -16.45
CA HIS A 19 4.66 -5.54 -17.77
C HIS A 19 3.67 -4.89 -18.74
N ASP A 20 2.40 -4.87 -18.35
CA ASP A 20 1.36 -4.29 -19.19
C ASP A 20 1.06 -2.86 -18.76
N ASP A 21 0.79 -2.00 -19.73
CA ASP A 21 0.49 -0.60 -19.45
C ASP A 21 -0.37 -0.47 -18.20
N ASP A 22 -1.34 -1.37 -18.05
CA ASP A 22 -2.23 -1.35 -16.90
C ASP A 22 -1.45 -1.61 -15.61
N GLU A 23 -0.62 -2.63 -15.63
CA GLU A 23 0.19 -2.98 -14.45
C GLU A 23 0.81 -1.73 -13.84
N LEU A 24 0.78 -1.67 -12.50
CA LEU A 24 1.34 -0.53 -11.79
C LEU A 24 2.73 -0.85 -11.24
N GLY A 25 3.75 -0.29 -11.87
CA GLY A 25 5.12 -0.53 -11.43
C GLY A 25 5.49 0.30 -10.23
N PHE A 26 6.64 -0.01 -9.63
CA PHE A 26 7.12 0.71 -8.45
C PHE A 26 8.52 0.26 -8.07
N ARG A 27 9.21 1.09 -7.29
CA ARG A 27 10.56 0.79 -6.85
C ARG A 27 10.55 0.08 -5.50
N LYS A 28 11.73 -0.35 -5.04
CA LYS A 28 11.85 -1.03 -3.76
C LYS A 28 11.58 -0.07 -2.61
N ASN A 29 10.86 -0.57 -1.59
CA ASN A 29 10.54 0.25 -0.43
C ASN A 29 9.81 1.52 -0.83
N ASP A 30 8.85 1.38 -1.75
CA ASP A 30 8.08 2.52 -2.22
C ASP A 30 6.65 2.46 -1.69
N ILE A 31 6.10 3.63 -1.33
CA ILE A 31 4.75 3.71 -0.80
C ILE A 31 3.73 3.86 -1.94
N ILE A 32 2.71 3.01 -1.90
CA ILE A 32 1.67 3.05 -2.93
C ILE A 32 0.28 3.05 -2.30
N THR A 33 -0.58 3.95 -2.77
CA THR A 33 -1.94 4.05 -2.25
C THR A 33 -2.83 2.97 -2.82
N ILE A 34 -3.65 2.37 -1.97
CA ILE A 34 -4.57 1.32 -2.39
C ILE A 34 -5.96 1.87 -2.65
N ILE A 35 -6.36 1.88 -3.92
CA ILE A 35 -7.68 2.37 -4.30
C ILE A 35 -8.73 1.29 -4.15
N SER A 36 -8.58 0.20 -4.92
CA SER A 36 -9.53 -0.90 -4.88
C SER A 36 -8.79 -2.24 -4.95
N GLN A 37 -9.46 -3.29 -4.49
CA GLN A 37 -8.87 -4.63 -4.51
C GLN A 37 -9.57 -5.52 -5.53
N LYS A 38 -8.77 -6.21 -6.35
CA LYS A 38 -9.32 -7.10 -7.37
C LYS A 38 -9.30 -8.54 -6.90
N ASP A 39 -8.10 -9.09 -6.72
CA ASP A 39 -7.94 -10.47 -6.27
C ASP A 39 -7.06 -10.54 -5.03
N GLU A 40 -6.95 -11.73 -4.46
CA GLU A 40 -6.13 -11.94 -3.27
C GLU A 40 -4.71 -11.45 -3.50
N HIS A 41 -4.11 -11.88 -4.61
CA HIS A 41 -2.75 -11.49 -4.95
C HIS A 41 -2.74 -10.43 -6.05
N CYS A 42 -3.81 -9.65 -6.11
CA CYS A 42 -3.93 -8.59 -7.10
C CYS A 42 -4.70 -7.40 -6.55
N TRP A 43 -3.97 -6.33 -6.25
CA TRP A 43 -4.59 -5.12 -5.71
C TRP A 43 -4.38 -3.94 -6.65
N VAL A 44 -5.29 -2.96 -6.57
CA VAL A 44 -5.20 -1.78 -7.42
C VAL A 44 -4.86 -0.54 -6.59
N GLY A 45 -3.69 0.04 -6.85
CA GLY A 45 -3.26 1.22 -6.12
C GLY A 45 -3.03 2.40 -7.04
N GLU A 46 -2.44 3.46 -6.48
CA GLU A 46 -2.16 4.67 -7.26
C GLU A 46 -0.75 5.17 -6.98
N LEU A 47 0.05 5.30 -8.04
CA LEU A 47 1.42 5.78 -7.90
C LEU A 47 1.89 6.44 -9.19
N ASN A 48 2.86 7.34 -9.06
CA ASN A 48 3.40 8.05 -10.22
C ASN A 48 2.28 8.59 -11.11
N GLY A 49 1.17 8.97 -10.48
CA GLY A 49 0.05 9.50 -11.23
C GLY A 49 -0.59 8.45 -12.12
N LEU A 50 -0.58 7.19 -11.67
CA LEU A 50 -1.16 6.10 -12.44
C LEU A 50 -2.11 5.28 -11.58
N ARG A 51 -2.96 4.49 -12.22
CA ARG A 51 -3.93 3.65 -11.52
C ARG A 51 -4.09 2.31 -12.22
N GLY A 52 -3.54 1.26 -11.62
CA GLY A 52 -3.64 -0.07 -12.20
C GLY A 52 -3.58 -1.17 -11.15
N TRP A 53 -3.36 -2.40 -11.60
CA TRP A 53 -3.27 -3.54 -10.69
C TRP A 53 -1.82 -3.92 -10.43
N PHE A 54 -1.61 -4.78 -9.44
CA PHE A 54 -0.26 -5.22 -9.10
C PHE A 54 -0.31 -6.34 -8.06
N PRO A 55 0.69 -7.22 -8.09
CA PRO A 55 0.80 -8.36 -7.17
C PRO A 55 1.10 -7.92 -5.75
N ALA A 56 0.11 -8.07 -4.86
CA ALA A 56 0.28 -7.69 -3.46
C ALA A 56 1.52 -8.34 -2.86
N LYS A 57 1.83 -9.55 -3.33
CA LYS A 57 2.99 -10.28 -2.83
C LYS A 57 4.27 -9.46 -2.99
N PHE A 58 4.29 -8.61 -4.01
CA PHE A 58 5.45 -7.77 -4.27
C PHE A 58 5.54 -6.63 -3.24
N VAL A 59 4.39 -6.25 -2.69
CA VAL A 59 4.34 -5.19 -1.69
C VAL A 59 3.89 -5.73 -0.34
N GLU A 60 3.92 -4.86 0.67
CA GLU A 60 3.52 -5.26 2.02
C GLU A 60 2.52 -4.26 2.59
N VAL A 61 1.41 -4.77 3.11
CA VAL A 61 0.37 -3.93 3.70
C VAL A 61 0.93 -3.07 4.83
N LEU A 62 0.25 -1.98 5.13
CA LEU A 62 0.68 -1.07 6.20
C LEU A 62 -0.52 -0.49 6.92
N ASP A 63 -0.45 -0.45 8.25
CA ASP A 63 -1.53 0.08 9.08
C ASP A 63 -1.07 1.33 9.82
N GLU A 64 -1.44 2.49 9.29
CA GLU A 64 -1.06 3.76 9.91
C GLU A 64 -1.56 3.83 11.35
N ARG A 65 -2.80 3.41 11.56
CA ARG A 65 -3.41 3.42 12.88
C ARG A 65 -2.46 2.83 13.92
N SER A 66 -2.02 1.60 13.69
CA SER A 66 -1.11 0.92 14.61
C SER A 66 0.09 1.81 14.93
N LYS A 67 0.02 2.48 16.08
CA LYS A 67 1.10 3.36 16.50
C LYS A 67 1.67 2.91 17.85
N GLU A 68 2.66 2.03 17.81
CA GLU A 68 3.28 1.52 19.02
C GLU A 68 4.75 1.93 19.09
N TYR A 69 5.32 1.86 20.29
CA TYR A 69 6.72 2.23 20.49
C TYR A 69 7.60 0.99 20.55
N SER A 70 8.41 0.80 19.51
CA SER A 70 9.30 -0.35 19.44
C SER A 70 10.73 0.09 19.12
N ILE A 71 11.47 0.49 20.16
CA ILE A 71 12.84 0.93 20.00
C ILE A 71 13.79 0.12 20.89
N ALA A 72 14.97 -0.18 20.36
CA ALA A 72 15.97 -0.94 21.11
C ALA A 72 17.29 -0.19 21.17
N SER A 73 17.73 0.34 20.04
CA SER A 73 18.98 1.08 19.97
C SER A 73 18.77 2.46 19.36
N GLY A 74 18.34 3.41 20.19
CA GLY A 74 18.11 4.76 19.71
C GLY A 74 17.90 5.75 20.84
N PRO A 75 18.10 7.04 20.54
CA PRO A 75 17.92 8.11 21.54
C PRO A 75 16.47 8.32 21.93
N SER A 76 15.59 7.49 21.38
CA SER A 76 14.16 7.59 21.66
C SER A 76 13.76 6.57 22.72
N SER A 77 13.68 7.03 23.97
CA SER A 77 13.30 6.17 25.08
C SER A 77 11.78 6.13 25.25
N GLY A 78 11.16 7.31 25.24
CA GLY A 78 9.72 7.38 25.39
C GLY A 78 8.98 6.73 24.23
N GLY A 1 -9.56 16.11 2.99
CA GLY A 1 -9.30 15.93 1.57
C GLY A 1 -8.71 14.55 1.27
N SER A 2 -7.65 14.52 0.47
CA SER A 2 -7.01 13.27 0.10
C SER A 2 -6.14 12.76 1.24
N SER A 3 -5.78 11.48 1.17
CA SER A 3 -4.96 10.86 2.21
C SER A 3 -5.53 11.13 3.59
N GLY A 4 -6.85 11.02 3.71
CA GLY A 4 -7.51 11.25 4.99
C GLY A 4 -7.54 10.00 5.85
N SER A 5 -8.74 9.64 6.32
CA SER A 5 -8.91 8.46 7.16
C SER A 5 -9.04 7.20 6.32
N SER A 6 -9.96 7.24 5.36
CA SER A 6 -10.20 6.10 4.49
C SER A 6 -9.11 5.99 3.42
N GLY A 7 -8.64 4.77 3.19
CA GLY A 7 -7.60 4.55 2.20
C GLY A 7 -6.42 3.78 2.75
N ARG A 8 -6.00 2.76 2.02
CA ARG A 8 -4.88 1.93 2.45
C ARG A 8 -3.64 2.20 1.59
N ARG A 9 -2.48 1.79 2.08
CA ARG A 9 -1.22 1.99 1.36
C ARG A 9 -0.25 0.85 1.64
N ALA A 10 0.32 0.28 0.58
CA ALA A 10 1.26 -0.81 0.71
C ALA A 10 2.66 -0.39 0.27
N LYS A 11 3.68 -0.88 0.98
CA LYS A 11 5.06 -0.54 0.65
C LYS A 11 5.68 -1.62 -0.25
N ALA A 12 6.22 -1.18 -1.38
CA ALA A 12 6.85 -2.10 -2.32
C ALA A 12 8.15 -2.67 -1.75
N LEU A 13 8.34 -3.97 -1.90
CA LEU A 13 9.54 -4.63 -1.41
C LEU A 13 10.66 -4.54 -2.42
N LEU A 14 10.31 -4.45 -3.69
CA LEU A 14 11.30 -4.34 -4.76
C LEU A 14 10.77 -3.47 -5.91
N ASP A 15 11.54 -3.40 -6.98
CA ASP A 15 11.17 -2.60 -8.14
C ASP A 15 10.35 -3.43 -9.13
N PHE A 16 9.09 -3.05 -9.32
CA PHE A 16 8.20 -3.76 -10.24
C PHE A 16 7.94 -2.93 -11.48
N GLU A 17 8.52 -3.35 -12.60
CA GLU A 17 8.35 -2.64 -13.86
C GLU A 17 7.13 -3.16 -14.61
N ARG A 18 5.97 -2.57 -14.34
CA ARG A 18 4.72 -2.98 -14.98
C ARG A 18 4.98 -3.42 -16.43
N HIS A 19 4.63 -4.66 -16.73
CA HIS A 19 4.81 -5.20 -18.07
C HIS A 19 3.79 -4.62 -19.04
N ASP A 20 2.53 -4.55 -18.59
CA ASP A 20 1.46 -4.02 -19.42
C ASP A 20 1.05 -2.63 -18.95
N ASP A 21 0.19 -1.97 -19.73
CA ASP A 21 -0.29 -0.64 -19.39
C ASP A 21 -1.08 -0.66 -18.09
N ASP A 22 -2.01 -1.61 -17.98
CA ASP A 22 -2.84 -1.73 -16.80
C ASP A 22 -1.99 -1.91 -15.55
N GLU A 23 -1.00 -2.81 -15.63
CA GLU A 23 -0.12 -3.08 -14.51
C GLU A 23 0.51 -1.79 -13.98
N LEU A 24 0.61 -1.67 -12.67
CA LEU A 24 1.18 -0.49 -12.04
C LEU A 24 2.63 -0.74 -11.63
N GLY A 25 3.55 0.04 -12.20
CA GLY A 25 4.95 -0.11 -11.89
C GLY A 25 5.39 0.78 -10.75
N PHE A 26 6.20 0.24 -9.83
CA PHE A 26 6.68 1.00 -8.69
C PHE A 26 8.11 0.61 -8.35
N ARG A 27 8.83 1.51 -7.68
CA ARG A 27 10.21 1.27 -7.29
C ARG A 27 10.27 0.55 -5.94
N LYS A 28 11.48 0.18 -5.52
CA LYS A 28 11.67 -0.50 -4.26
C LYS A 28 11.41 0.44 -3.08
N ASN A 29 10.67 -0.06 -2.10
CA ASN A 29 10.35 0.73 -0.91
C ASN A 29 9.55 1.98 -1.29
N ASP A 30 8.59 1.80 -2.20
CA ASP A 30 7.74 2.90 -2.64
C ASP A 30 6.33 2.75 -2.10
N ILE A 31 5.82 3.83 -1.50
CA ILE A 31 4.47 3.81 -0.94
C ILE A 31 3.43 4.08 -2.01
N ILE A 32 2.44 3.19 -2.10
CA ILE A 32 1.36 3.33 -3.08
C ILE A 32 0.00 3.37 -2.41
N THR A 33 -0.90 4.18 -2.97
CA THR A 33 -2.25 4.31 -2.43
C THR A 33 -3.18 3.25 -2.99
N ILE A 34 -3.59 2.31 -2.14
CA ILE A 34 -4.47 1.23 -2.56
C ILE A 34 -5.87 1.77 -2.90
N ILE A 35 -6.23 1.70 -4.17
CA ILE A 35 -7.52 2.18 -4.63
C ILE A 35 -8.61 1.13 -4.40
N SER A 36 -8.43 -0.04 -5.00
CA SER A 36 -9.38 -1.14 -4.87
C SER A 36 -8.67 -2.48 -4.81
N GLN A 37 -9.44 -3.55 -4.61
CA GLN A 37 -8.89 -4.89 -4.54
C GLN A 37 -9.61 -5.83 -5.50
N LYS A 38 -9.29 -5.72 -6.78
CA LYS A 38 -9.91 -6.56 -7.80
C LYS A 38 -9.90 -8.02 -7.37
N ASP A 39 -8.74 -8.49 -6.91
CA ASP A 39 -8.59 -9.87 -6.47
C ASP A 39 -7.74 -9.95 -5.20
N GLU A 40 -8.15 -10.81 -4.27
CA GLU A 40 -7.42 -10.98 -3.01
C GLU A 40 -5.92 -10.98 -3.26
N HIS A 41 -5.49 -11.61 -4.34
CA HIS A 41 -4.07 -11.69 -4.68
C HIS A 41 -3.64 -10.43 -5.43
N CYS A 42 -4.42 -10.02 -6.41
CA CYS A 42 -4.11 -8.84 -7.21
C CYS A 42 -4.91 -7.63 -6.71
N TRP A 43 -4.20 -6.62 -6.23
CA TRP A 43 -4.85 -5.41 -5.73
C TRP A 43 -4.63 -4.24 -6.69
N VAL A 44 -5.22 -3.09 -6.36
CA VAL A 44 -5.08 -1.90 -7.19
C VAL A 44 -4.62 -0.71 -6.36
N GLY A 45 -3.59 -0.02 -6.84
CA GLY A 45 -3.07 1.12 -6.13
C GLY A 45 -2.77 2.29 -7.06
N GLU A 46 -2.36 3.42 -6.48
CA GLU A 46 -2.05 4.61 -7.26
C GLU A 46 -0.68 5.16 -6.89
N LEU A 47 -0.03 5.82 -7.84
CA LEU A 47 1.29 6.40 -7.61
C LEU A 47 1.70 7.29 -8.77
N ASN A 48 2.20 8.49 -8.46
CA ASN A 48 2.63 9.43 -9.47
C ASN A 48 1.51 9.73 -10.45
N GLY A 49 0.28 9.74 -9.95
CA GLY A 49 -0.87 10.01 -10.79
C GLY A 49 -1.25 8.82 -11.65
N LEU A 50 -0.63 7.69 -11.40
CA LEU A 50 -0.90 6.47 -12.16
C LEU A 50 -1.27 5.32 -11.23
N ARG A 51 -2.38 4.66 -11.52
CA ARG A 51 -2.85 3.54 -10.71
C ARG A 51 -3.15 2.33 -11.58
N GLY A 52 -3.16 1.15 -10.96
CA GLY A 52 -3.43 -0.07 -11.70
C GLY A 52 -3.36 -1.31 -10.82
N TRP A 53 -3.47 -2.47 -11.44
CA TRP A 53 -3.42 -3.73 -10.70
C TRP A 53 -1.98 -4.17 -10.49
N PHE A 54 -1.76 -4.99 -9.45
CA PHE A 54 -0.43 -5.49 -9.14
C PHE A 54 -0.49 -6.56 -8.06
N PRO A 55 0.50 -7.47 -8.07
CA PRO A 55 0.57 -8.57 -7.10
C PRO A 55 0.92 -8.07 -5.70
N ALA A 56 -0.04 -8.18 -4.79
CA ALA A 56 0.16 -7.75 -3.41
C ALA A 56 1.44 -8.36 -2.82
N LYS A 57 1.69 -9.62 -3.17
CA LYS A 57 2.87 -10.32 -2.68
C LYS A 57 4.13 -9.49 -2.90
N PHE A 58 4.17 -8.77 -4.02
CA PHE A 58 5.32 -7.93 -4.35
C PHE A 58 5.45 -6.78 -3.36
N VAL A 59 4.33 -6.36 -2.79
CA VAL A 59 4.32 -5.27 -1.81
C VAL A 59 3.92 -5.77 -0.43
N GLU A 60 4.02 -4.88 0.55
CA GLU A 60 3.67 -5.23 1.93
C GLU A 60 2.67 -4.24 2.51
N VAL A 61 1.68 -4.75 3.24
CA VAL A 61 0.66 -3.91 3.84
C VAL A 61 1.24 -3.09 5.00
N LEU A 62 0.60 -1.97 5.29
CA LEU A 62 1.05 -1.09 6.37
C LEU A 62 -0.14 -0.54 7.16
N ASP A 63 -0.25 -0.95 8.42
CA ASP A 63 -1.33 -0.51 9.27
C ASP A 63 -0.99 0.84 9.93
N GLU A 64 -0.32 1.70 9.17
CA GLU A 64 0.07 3.01 9.68
C GLU A 64 0.41 2.94 11.17
N ARG A 65 1.13 1.89 11.56
CA ARG A 65 1.51 1.72 12.96
C ARG A 65 2.77 2.51 13.28
N SER A 66 2.88 3.70 12.71
CA SER A 66 4.03 4.56 12.94
C SER A 66 3.91 5.29 14.27
N LYS A 67 4.63 4.80 15.27
CA LYS A 67 4.60 5.41 16.60
C LYS A 67 5.76 4.92 17.45
N GLU A 68 5.91 5.49 18.64
CA GLU A 68 6.99 5.11 19.54
C GLU A 68 6.43 4.38 20.77
N TYR A 69 7.33 3.88 21.61
CA TYR A 69 6.94 3.17 22.81
C TYR A 69 7.40 3.90 24.07
N SER A 70 6.77 3.58 25.19
CA SER A 70 7.12 4.21 26.46
C SER A 70 7.53 3.16 27.50
N ILE A 71 8.81 3.17 27.85
CA ILE A 71 9.33 2.22 28.83
C ILE A 71 10.21 2.92 29.86
N ALA A 72 9.88 2.75 31.14
CA ALA A 72 10.65 3.36 32.21
C ALA A 72 11.85 2.50 32.58
N SER A 73 12.74 3.05 33.41
CA SER A 73 13.93 2.33 33.84
C SER A 73 13.65 1.52 35.11
N GLY A 74 14.65 0.77 35.56
CA GLY A 74 14.49 -0.03 36.75
C GLY A 74 15.78 -0.68 37.19
N PRO A 75 16.00 -1.94 36.75
CA PRO A 75 17.20 -2.70 37.08
C PRO A 75 18.45 -2.15 36.40
N SER A 76 18.33 -1.83 35.12
CA SER A 76 19.44 -1.29 34.35
C SER A 76 18.94 -0.46 33.18
N SER A 77 19.69 0.59 32.85
CA SER A 77 19.32 1.48 31.74
C SER A 77 20.12 1.13 30.48
N GLY A 78 19.54 1.44 29.32
CA GLY A 78 20.21 1.16 28.07
C GLY A 78 20.22 2.36 27.13
N GLY A 1 -15.91 12.38 -2.94
CA GLY A 1 -15.95 11.35 -1.92
C GLY A 1 -15.77 11.91 -0.52
N SER A 2 -16.88 12.10 0.18
CA SER A 2 -16.85 12.64 1.53
C SER A 2 -16.08 11.71 2.47
N SER A 3 -16.39 10.43 2.39
CA SER A 3 -15.73 9.43 3.23
C SER A 3 -14.21 9.50 3.07
N GLY A 4 -13.49 9.21 4.15
CA GLY A 4 -12.04 9.26 4.11
C GLY A 4 -11.41 7.97 4.60
N SER A 5 -11.97 7.42 5.68
CA SER A 5 -11.46 6.18 6.26
C SER A 5 -11.03 5.20 5.17
N SER A 6 -11.90 5.02 4.18
CA SER A 6 -11.62 4.11 3.08
C SER A 6 -10.32 4.49 2.38
N GLY A 7 -9.24 3.79 2.74
CA GLY A 7 -7.95 4.07 2.14
C GLY A 7 -6.81 3.40 2.88
N ARG A 8 -5.92 2.75 2.14
CA ARG A 8 -4.78 2.05 2.72
C ARG A 8 -3.50 2.33 1.92
N ARG A 9 -2.38 1.79 2.41
CA ARG A 9 -1.10 1.97 1.74
C ARG A 9 -0.22 0.75 1.94
N ALA A 10 0.53 0.39 0.89
CA ALA A 10 1.43 -0.76 0.95
C ALA A 10 2.84 -0.37 0.55
N LYS A 11 3.82 -0.85 1.31
CA LYS A 11 5.22 -0.55 1.05
C LYS A 11 5.81 -1.56 0.07
N ALA A 12 6.48 -1.06 -0.96
CA ALA A 12 7.11 -1.91 -1.96
C ALA A 12 8.37 -2.56 -1.42
N LEU A 13 8.28 -3.86 -1.14
CA LEU A 13 9.43 -4.61 -0.62
C LEU A 13 10.57 -4.61 -1.62
N LEU A 14 10.24 -4.61 -2.90
CA LEU A 14 11.25 -4.62 -3.95
C LEU A 14 10.79 -3.79 -5.15
N ASP A 15 11.67 -3.63 -6.13
CA ASP A 15 11.36 -2.86 -7.33
C ASP A 15 10.55 -3.70 -8.31
N PHE A 16 9.62 -3.05 -9.01
CA PHE A 16 8.77 -3.74 -9.97
C PHE A 16 8.51 -2.85 -11.19
N GLU A 17 8.95 -3.31 -12.35
CA GLU A 17 8.77 -2.56 -13.60
C GLU A 17 7.58 -3.10 -14.38
N ARG A 18 6.43 -2.44 -14.24
CA ARG A 18 5.23 -2.85 -14.94
C ARG A 18 5.51 -3.09 -16.43
N HIS A 19 4.71 -3.95 -17.05
CA HIS A 19 4.87 -4.26 -18.46
C HIS A 19 3.75 -3.65 -19.29
N ASP A 20 2.50 -3.91 -18.88
CA ASP A 20 1.34 -3.37 -19.58
C ASP A 20 0.94 -2.02 -19.01
N ASP A 21 0.52 -1.12 -19.89
CA ASP A 21 0.10 0.21 -19.48
C ASP A 21 -0.77 0.14 -18.22
N ASP A 22 -1.59 -0.89 -18.13
CA ASP A 22 -2.47 -1.08 -16.98
C ASP A 22 -1.66 -1.41 -15.73
N GLU A 23 -0.76 -2.38 -15.86
CA GLU A 23 0.08 -2.79 -14.74
C GLU A 23 0.74 -1.60 -14.08
N LEU A 24 0.72 -1.56 -12.76
CA LEU A 24 1.32 -0.46 -12.00
C LEU A 24 2.67 -0.88 -11.44
N GLY A 25 3.71 -0.12 -11.78
CA GLY A 25 5.04 -0.42 -11.29
C GLY A 25 5.45 0.45 -10.12
N PHE A 26 6.63 0.19 -9.57
CA PHE A 26 7.13 0.95 -8.44
C PHE A 26 8.57 0.58 -8.12
N ARG A 27 9.14 1.24 -7.11
CA ARG A 27 10.52 0.97 -6.71
C ARG A 27 10.57 0.42 -5.29
N LYS A 28 11.77 0.06 -4.84
CA LYS A 28 11.96 -0.48 -3.50
C LYS A 28 11.78 0.61 -2.45
N ASN A 29 11.16 0.25 -1.33
CA ASN A 29 10.92 1.19 -0.24
C ASN A 29 10.07 2.36 -0.71
N ASP A 30 9.04 2.06 -1.50
CA ASP A 30 8.15 3.09 -2.03
C ASP A 30 6.74 2.91 -1.49
N ILE A 31 6.06 4.02 -1.23
CA ILE A 31 4.69 3.99 -0.72
C ILE A 31 3.67 4.10 -1.84
N ILE A 32 2.77 3.13 -1.93
CA ILE A 32 1.74 3.13 -2.95
C ILE A 32 0.35 3.09 -2.34
N THR A 33 -0.49 4.06 -2.71
CA THR A 33 -1.85 4.13 -2.19
C THR A 33 -2.73 3.05 -2.81
N ILE A 34 -3.48 2.35 -1.96
CA ILE A 34 -4.38 1.30 -2.43
C ILE A 34 -5.79 1.83 -2.65
N ILE A 35 -6.20 1.88 -3.92
CA ILE A 35 -7.52 2.37 -4.27
C ILE A 35 -8.56 1.25 -4.16
N SER A 36 -8.43 0.23 -5.00
CA SER A 36 -9.36 -0.89 -5.00
C SER A 36 -8.61 -2.21 -4.81
N GLN A 37 -9.30 -3.21 -4.25
CA GLN A 37 -8.71 -4.52 -4.02
C GLN A 37 -9.35 -5.58 -4.90
N LYS A 38 -8.95 -5.62 -6.17
CA LYS A 38 -9.49 -6.59 -7.11
C LYS A 38 -9.70 -7.95 -6.44
N ASP A 39 -8.69 -8.41 -5.72
CA ASP A 39 -8.77 -9.68 -5.03
C ASP A 39 -7.61 -9.84 -4.03
N GLU A 40 -7.74 -10.80 -3.13
CA GLU A 40 -6.71 -11.05 -2.12
C GLU A 40 -5.35 -11.24 -2.78
N HIS A 41 -5.36 -11.48 -4.08
CA HIS A 41 -4.12 -11.69 -4.82
C HIS A 41 -3.72 -10.43 -5.58
N CYS A 42 -4.63 -9.94 -6.42
CA CYS A 42 -4.37 -8.74 -7.21
C CYS A 42 -5.01 -7.51 -6.56
N TRP A 43 -4.22 -6.47 -6.39
CA TRP A 43 -4.71 -5.24 -5.78
C TRP A 43 -4.55 -4.06 -6.73
N VAL A 44 -5.26 -2.97 -6.44
CA VAL A 44 -5.19 -1.78 -7.26
C VAL A 44 -4.77 -0.55 -6.45
N GLY A 45 -3.63 0.03 -6.81
CA GLY A 45 -3.14 1.19 -6.10
C GLY A 45 -3.00 2.41 -6.99
N GLU A 46 -2.30 3.43 -6.50
CA GLU A 46 -2.11 4.65 -7.27
C GLU A 46 -0.73 5.26 -6.99
N LEU A 47 0.04 5.48 -8.05
CA LEU A 47 1.37 6.06 -7.91
C LEU A 47 1.81 6.73 -9.21
N ASN A 48 2.60 7.79 -9.09
CA ASN A 48 3.09 8.52 -10.25
C ASN A 48 1.95 8.82 -11.21
N GLY A 49 0.76 9.07 -10.67
CA GLY A 49 -0.39 9.37 -11.50
C GLY A 49 -0.85 8.18 -12.31
N LEU A 50 -0.65 6.98 -11.76
CA LEU A 50 -1.05 5.76 -12.45
C LEU A 50 -1.86 4.86 -11.52
N ARG A 51 -3.02 4.41 -11.99
CA ARG A 51 -3.89 3.55 -11.20
C ARG A 51 -4.16 2.24 -11.94
N GLY A 52 -3.54 1.16 -11.47
CA GLY A 52 -3.74 -0.14 -12.10
C GLY A 52 -3.62 -1.29 -11.12
N TRP A 53 -3.50 -2.50 -11.64
CA TRP A 53 -3.39 -3.69 -10.80
C TRP A 53 -1.92 -4.05 -10.59
N PHE A 54 -1.66 -4.89 -9.59
CA PHE A 54 -0.31 -5.32 -9.28
C PHE A 54 -0.32 -6.44 -8.23
N PRO A 55 0.72 -7.29 -8.27
CA PRO A 55 0.86 -8.40 -7.33
C PRO A 55 1.17 -7.93 -5.90
N ALA A 56 0.21 -8.11 -5.00
CA ALA A 56 0.38 -7.70 -3.62
C ALA A 56 1.62 -8.33 -3.01
N LYS A 57 1.83 -9.62 -3.30
CA LYS A 57 3.00 -10.34 -2.78
C LYS A 57 4.26 -9.50 -2.90
N PHE A 58 4.36 -8.74 -3.98
CA PHE A 58 5.51 -7.88 -4.22
C PHE A 58 5.60 -6.78 -3.15
N VAL A 59 4.45 -6.29 -2.73
CA VAL A 59 4.39 -5.23 -1.72
C VAL A 59 3.89 -5.78 -0.38
N GLU A 60 3.89 -4.93 0.63
CA GLU A 60 3.43 -5.33 1.96
C GLU A 60 2.45 -4.31 2.52
N VAL A 61 1.28 -4.80 2.96
CA VAL A 61 0.26 -3.92 3.52
C VAL A 61 0.76 -3.21 4.77
N LEU A 62 0.11 -2.10 5.11
CA LEU A 62 0.49 -1.33 6.28
C LEU A 62 -0.74 -0.76 6.99
N ASP A 63 -0.84 -1.02 8.28
CA ASP A 63 -1.96 -0.53 9.08
C ASP A 63 -1.50 0.51 10.10
N GLU A 64 -1.44 1.77 9.67
CA GLU A 64 -1.02 2.86 10.55
C GLU A 64 -2.01 3.05 11.68
N ARG A 65 -1.68 3.95 12.60
CA ARG A 65 -2.54 4.23 13.75
C ARG A 65 -2.94 2.94 14.47
N SER A 66 -2.01 2.00 14.54
CA SER A 66 -2.27 0.73 15.18
C SER A 66 -1.32 0.49 16.35
N LYS A 67 -1.75 -0.29 17.32
CA LYS A 67 -0.94 -0.58 18.50
C LYS A 67 0.33 -1.35 18.09
N GLU A 68 1.47 -0.93 18.64
CA GLU A 68 2.74 -1.57 18.34
C GLU A 68 3.75 -1.31 19.46
N TYR A 69 4.78 -2.15 19.52
CA TYR A 69 5.82 -2.02 20.53
C TYR A 69 7.18 -1.81 19.89
N SER A 70 7.53 -0.56 19.62
CA SER A 70 8.81 -0.23 19.00
C SER A 70 9.50 0.90 19.75
N ILE A 71 10.71 1.23 19.32
CA ILE A 71 11.48 2.29 19.95
C ILE A 71 10.74 3.62 19.90
N ALA A 72 10.72 4.33 21.02
CA ALA A 72 10.04 5.61 21.10
C ALA A 72 10.65 6.62 20.12
N SER A 73 9.90 7.67 19.81
CA SER A 73 10.37 8.70 18.88
C SER A 73 10.56 10.03 19.60
N GLY A 74 11.72 10.64 19.39
CA GLY A 74 12.01 11.93 20.02
C GLY A 74 10.96 12.96 19.72
N PRO A 75 11.15 14.18 20.26
CA PRO A 75 10.22 15.30 20.07
C PRO A 75 10.25 15.83 18.64
N SER A 76 11.12 15.24 17.81
CA SER A 76 11.24 15.66 16.42
C SER A 76 9.90 16.09 15.85
N SER A 77 8.87 15.29 16.10
CA SER A 77 7.53 15.58 15.60
C SER A 77 6.76 16.41 16.62
N GLY A 78 5.80 17.19 16.13
CA GLY A 78 5.00 18.04 17.00
C GLY A 78 5.84 18.97 17.84
N GLY A 1 -16.98 10.60 8.05
CA GLY A 1 -16.92 10.86 6.63
C GLY A 1 -17.80 9.92 5.82
N SER A 2 -18.30 10.40 4.68
CA SER A 2 -19.17 9.61 3.83
C SER A 2 -18.62 8.19 3.68
N SER A 3 -19.49 7.26 3.28
CA SER A 3 -19.10 5.87 3.10
C SER A 3 -18.19 5.71 1.89
N GLY A 4 -17.55 4.55 1.78
CA GLY A 4 -16.66 4.30 0.66
C GLY A 4 -15.65 3.20 0.97
N SER A 5 -14.39 3.59 1.07
CA SER A 5 -13.32 2.62 1.35
C SER A 5 -12.28 3.23 2.29
N SER A 6 -11.65 2.38 3.09
CA SER A 6 -10.63 2.83 4.03
C SER A 6 -9.27 2.95 3.36
N GLY A 7 -8.89 4.19 3.04
CA GLY A 7 -7.62 4.43 2.39
C GLY A 7 -6.48 3.70 3.07
N ARG A 8 -5.71 2.94 2.29
CA ARG A 8 -4.59 2.19 2.82
C ARG A 8 -3.33 2.43 1.99
N ARG A 9 -2.20 1.94 2.49
CA ARG A 9 -0.92 2.11 1.79
C ARG A 9 -0.05 0.88 1.96
N ALA A 10 0.56 0.43 0.87
CA ALA A 10 1.44 -0.74 0.91
C ALA A 10 2.87 -0.36 0.55
N LYS A 11 3.83 -1.00 1.22
CA LYS A 11 5.23 -0.74 0.97
C LYS A 11 5.80 -1.73 -0.05
N ALA A 12 6.51 -1.21 -1.05
CA ALA A 12 7.10 -2.05 -2.09
C ALA A 12 8.37 -2.71 -1.58
N LEU A 13 8.28 -4.00 -1.25
CA LEU A 13 9.43 -4.76 -0.76
C LEU A 13 10.54 -4.80 -1.81
N LEU A 14 10.16 -4.84 -3.07
CA LEU A 14 11.12 -4.88 -4.17
C LEU A 14 10.61 -4.10 -5.38
N ASP A 15 11.47 -3.94 -6.38
CA ASP A 15 11.10 -3.23 -7.59
C ASP A 15 10.19 -4.08 -8.47
N PHE A 16 9.17 -3.45 -9.03
CA PHE A 16 8.22 -4.14 -9.89
C PHE A 16 8.07 -3.43 -11.24
N GLU A 17 8.61 -4.06 -12.28
CA GLU A 17 8.55 -3.49 -13.63
C GLU A 17 7.27 -3.94 -14.36
N ARG A 18 6.29 -3.05 -14.43
CA ARG A 18 5.03 -3.36 -15.09
C ARG A 18 5.24 -3.61 -16.58
N HIS A 19 4.78 -4.76 -17.05
CA HIS A 19 4.93 -5.12 -18.46
C HIS A 19 3.92 -4.36 -19.32
N ASP A 20 2.67 -4.34 -18.88
CA ASP A 20 1.60 -3.65 -19.60
C ASP A 20 1.18 -2.38 -18.87
N ASP A 21 0.86 -1.34 -19.63
CA ASP A 21 0.43 -0.07 -19.05
C ASP A 21 -0.51 -0.31 -17.88
N ASP A 22 -1.60 -1.03 -18.13
CA ASP A 22 -2.58 -1.33 -17.10
C ASP A 22 -1.90 -1.56 -15.75
N GLU A 23 -0.94 -2.48 -15.74
CA GLU A 23 -0.21 -2.80 -14.51
C GLU A 23 0.40 -1.54 -13.89
N LEU A 24 0.66 -1.60 -12.60
CA LEU A 24 1.25 -0.47 -11.88
C LEU A 24 2.66 -0.79 -11.41
N GLY A 25 3.65 -0.19 -12.05
CA GLY A 25 5.03 -0.43 -11.68
C GLY A 25 5.49 0.46 -10.54
N PHE A 26 6.46 -0.02 -9.76
CA PHE A 26 6.98 0.74 -8.63
C PHE A 26 8.41 0.33 -8.32
N ARG A 27 9.04 1.03 -7.38
CA ARG A 27 10.41 0.74 -6.99
C ARG A 27 10.47 0.22 -5.56
N LYS A 28 11.65 -0.21 -5.13
CA LYS A 28 11.84 -0.73 -3.79
C LYS A 28 11.73 0.38 -2.75
N ASN A 29 11.15 0.05 -1.60
CA ASN A 29 10.97 1.02 -0.53
C ASN A 29 10.13 2.20 -1.00
N ASP A 30 9.06 1.92 -1.74
CA ASP A 30 8.19 2.95 -2.24
C ASP A 30 6.76 2.77 -1.72
N ILE A 31 6.09 3.88 -1.41
CA ILE A 31 4.73 3.84 -0.90
C ILE A 31 3.72 3.99 -2.02
N ILE A 32 2.78 3.04 -2.09
CA ILE A 32 1.75 3.06 -3.12
C ILE A 32 0.35 3.02 -2.50
N THR A 33 -0.48 3.99 -2.87
CA THR A 33 -1.84 4.07 -2.35
C THR A 33 -2.71 2.96 -2.92
N ILE A 34 -3.55 2.38 -2.08
CA ILE A 34 -4.43 1.30 -2.50
C ILE A 34 -5.85 1.83 -2.76
N ILE A 35 -6.28 1.78 -4.01
CA ILE A 35 -7.61 2.24 -4.38
C ILE A 35 -8.63 1.12 -4.28
N SER A 36 -8.46 0.09 -5.11
CA SER A 36 -9.38 -1.05 -5.11
C SER A 36 -8.61 -2.35 -4.92
N GLN A 37 -9.33 -3.39 -4.51
CA GLN A 37 -8.72 -4.69 -4.27
C GLN A 37 -9.57 -5.81 -4.86
N LYS A 38 -9.07 -6.44 -5.91
CA LYS A 38 -9.80 -7.52 -6.57
C LYS A 38 -9.65 -8.82 -5.78
N ASP A 39 -8.44 -9.14 -5.38
CA ASP A 39 -8.17 -10.35 -4.62
C ASP A 39 -6.76 -10.34 -4.02
N GLU A 40 -6.62 -10.95 -2.85
CA GLU A 40 -5.32 -10.99 -2.18
C GLU A 40 -4.19 -11.22 -3.19
N HIS A 41 -4.53 -11.85 -4.31
CA HIS A 41 -3.54 -12.12 -5.34
C HIS A 41 -3.11 -10.84 -6.05
N CYS A 42 -4.08 -10.07 -6.52
CA CYS A 42 -3.79 -8.82 -7.21
C CYS A 42 -4.64 -7.68 -6.65
N TRP A 43 -4.02 -6.53 -6.42
CA TRP A 43 -4.72 -5.37 -5.88
C TRP A 43 -4.59 -4.17 -6.82
N VAL A 44 -5.26 -3.08 -6.47
CA VAL A 44 -5.22 -1.87 -7.27
C VAL A 44 -4.77 -0.67 -6.45
N GLY A 45 -3.74 0.02 -6.91
CA GLY A 45 -3.24 1.17 -6.19
C GLY A 45 -3.07 2.38 -7.10
N GLU A 46 -2.40 3.42 -6.59
CA GLU A 46 -2.18 4.63 -7.36
C GLU A 46 -0.79 5.20 -7.09
N LEU A 47 -0.02 5.43 -8.15
CA LEU A 47 1.32 5.97 -8.03
C LEU A 47 1.75 6.68 -9.31
N ASN A 48 2.56 7.72 -9.17
CA ASN A 48 3.05 8.47 -10.31
C ASN A 48 1.88 8.99 -11.16
N GLY A 49 0.77 9.30 -10.49
CA GLY A 49 -0.40 9.82 -11.18
C GLY A 49 -1.03 8.77 -12.08
N LEU A 50 -0.94 7.50 -11.67
CA LEU A 50 -1.51 6.40 -12.42
C LEU A 50 -2.36 5.51 -11.53
N ARG A 51 -3.21 4.70 -12.16
CA ARG A 51 -4.07 3.78 -11.42
C ARG A 51 -4.18 2.43 -12.13
N GLY A 52 -3.53 1.42 -11.56
CA GLY A 52 -3.56 0.10 -12.16
C GLY A 52 -3.58 -1.00 -11.11
N TRP A 53 -3.16 -2.20 -11.50
CA TRP A 53 -3.12 -3.34 -10.60
C TRP A 53 -1.69 -3.81 -10.36
N PHE A 54 -1.52 -4.69 -9.39
CA PHE A 54 -0.19 -5.22 -9.05
C PHE A 54 -0.30 -6.33 -8.01
N PRO A 55 0.67 -7.24 -8.03
CA PRO A 55 0.72 -8.37 -7.10
C PRO A 55 1.02 -7.93 -5.67
N ALA A 56 0.07 -8.13 -4.77
CA ALA A 56 0.24 -7.76 -3.38
C ALA A 56 1.48 -8.43 -2.77
N LYS A 57 1.71 -9.68 -3.15
CA LYS A 57 2.85 -10.42 -2.64
C LYS A 57 4.14 -9.61 -2.80
N PHE A 58 4.21 -8.82 -3.86
CA PHE A 58 5.38 -8.00 -4.13
C PHE A 58 5.52 -6.90 -3.09
N VAL A 59 4.39 -6.41 -2.60
CA VAL A 59 4.38 -5.35 -1.59
C VAL A 59 3.90 -5.88 -0.24
N GLU A 60 3.86 -5.00 0.76
CA GLU A 60 3.42 -5.38 2.09
C GLU A 60 2.41 -4.37 2.63
N VAL A 61 1.28 -4.89 3.09
CA VAL A 61 0.22 -4.04 3.64
C VAL A 61 0.68 -3.35 4.93
N LEU A 62 0.20 -2.13 5.14
CA LEU A 62 0.56 -1.37 6.34
C LEU A 62 -0.69 -0.79 7.01
N ASP A 63 -0.69 -0.78 8.33
CA ASP A 63 -1.82 -0.26 9.09
C ASP A 63 -1.38 0.90 9.98
N GLU A 64 -1.51 2.12 9.47
CA GLU A 64 -1.12 3.31 10.23
C GLU A 64 -1.76 3.30 11.62
N ARG A 65 -1.34 4.26 12.46
CA ARG A 65 -1.88 4.36 13.81
C ARG A 65 -3.23 5.06 13.81
N SER A 66 -3.95 4.95 14.92
CA SER A 66 -5.26 5.57 15.05
C SER A 66 -6.17 5.16 13.89
N LYS A 67 -6.15 3.89 13.55
CA LYS A 67 -6.97 3.37 12.46
C LYS A 67 -7.73 2.11 12.88
N GLU A 68 -9.04 2.22 12.99
CA GLU A 68 -9.87 1.10 13.39
C GLU A 68 -11.36 1.45 13.31
N TYR A 69 -12.04 0.90 12.32
CA TYR A 69 -13.46 1.16 12.13
C TYR A 69 -14.29 -0.11 12.33
N SER A 70 -14.92 -0.21 13.49
CA SER A 70 -15.74 -1.38 13.81
C SER A 70 -16.77 -1.04 14.89
N ILE A 71 -17.87 -1.80 14.90
CA ILE A 71 -18.92 -1.58 15.89
C ILE A 71 -18.57 -2.21 17.22
N ALA A 72 -19.42 -2.00 18.22
CA ALA A 72 -19.20 -2.54 19.55
C ALA A 72 -19.30 -4.06 19.55
N SER A 73 -18.15 -4.73 19.43
CA SER A 73 -18.10 -6.18 19.41
C SER A 73 -17.01 -6.72 20.33
N GLY A 74 -17.28 -7.84 20.99
CA GLY A 74 -16.31 -8.42 21.88
C GLY A 74 -16.17 -9.91 21.68
N PRO A 75 -15.51 -10.59 22.65
CA PRO A 75 -15.29 -12.03 22.59
C PRO A 75 -16.59 -12.82 22.77
N SER A 76 -17.68 -12.11 23.02
CA SER A 76 -18.98 -12.75 23.21
C SER A 76 -19.11 -13.99 22.33
N SER A 77 -19.43 -15.12 22.95
CA SER A 77 -19.58 -16.38 22.22
C SER A 77 -18.28 -16.75 21.51
N GLY A 78 -17.16 -16.55 22.18
CA GLY A 78 -15.87 -16.88 21.60
C GLY A 78 -14.80 -17.07 22.65
N GLY A 1 -6.23 14.91 -2.54
CA GLY A 1 -5.36 13.78 -2.28
C GLY A 1 -6.11 12.47 -2.17
N SER A 2 -6.83 12.30 -1.08
CA SER A 2 -7.60 11.09 -0.85
C SER A 2 -9.06 11.27 -1.26
N SER A 3 -9.72 10.18 -1.64
CA SER A 3 -11.11 10.23 -2.06
C SER A 3 -11.97 9.33 -1.18
N GLY A 4 -12.58 9.94 -0.16
CA GLY A 4 -13.43 9.19 0.75
C GLY A 4 -12.81 9.04 2.13
N SER A 5 -12.92 7.84 2.70
CA SER A 5 -12.38 7.57 4.02
C SER A 5 -11.50 6.33 4.01
N SER A 6 -11.96 5.30 3.30
CA SER A 6 -11.20 4.05 3.20
C SER A 6 -9.96 4.22 2.34
N GLY A 7 -8.79 4.13 2.98
CA GLY A 7 -7.55 4.29 2.25
C GLY A 7 -6.41 3.50 2.89
N ARG A 8 -5.83 2.58 2.12
CA ARG A 8 -4.74 1.75 2.62
C ARG A 8 -3.46 2.04 1.84
N ARG A 9 -2.34 1.57 2.38
CA ARG A 9 -1.04 1.77 1.74
C ARG A 9 -0.12 0.58 1.98
N ALA A 10 0.74 0.29 1.01
CA ALA A 10 1.68 -0.82 1.11
C ALA A 10 3.09 -0.37 0.74
N LYS A 11 4.08 -1.02 1.35
CA LYS A 11 5.48 -0.70 1.09
C LYS A 11 6.08 -1.67 0.07
N ALA A 12 6.71 -1.12 -0.97
CA ALA A 12 7.32 -1.94 -2.00
C ALA A 12 8.61 -2.59 -1.50
N LEU A 13 8.54 -3.88 -1.18
CA LEU A 13 9.69 -4.62 -0.69
C LEU A 13 10.79 -4.69 -1.76
N LEU A 14 10.39 -4.55 -3.02
CA LEU A 14 11.33 -4.61 -4.12
C LEU A 14 10.81 -3.81 -5.31
N ASP A 15 11.63 -3.71 -6.36
CA ASP A 15 11.25 -2.97 -7.56
C ASP A 15 10.38 -3.84 -8.47
N PHE A 16 9.30 -3.25 -8.98
CA PHE A 16 8.38 -3.97 -9.85
C PHE A 16 8.27 -3.27 -11.21
N GLU A 17 8.75 -3.93 -12.25
CA GLU A 17 8.72 -3.37 -13.60
C GLU A 17 7.44 -3.78 -14.32
N ARG A 18 6.42 -2.92 -14.25
CA ARG A 18 5.14 -3.20 -14.89
C ARG A 18 5.35 -3.76 -16.29
N HIS A 19 4.87 -4.97 -16.52
CA HIS A 19 5.00 -5.61 -17.82
C HIS A 19 3.81 -5.26 -18.72
N ASP A 20 3.16 -4.15 -18.42
CA ASP A 20 2.02 -3.69 -19.21
C ASP A 20 1.72 -2.23 -18.94
N ASP A 21 1.15 -1.55 -19.93
CA ASP A 21 0.81 -0.14 -19.80
C ASP A 21 -0.15 0.08 -18.64
N ASP A 22 -0.93 -0.93 -18.31
CA ASP A 22 -1.90 -0.84 -17.23
C ASP A 22 -1.25 -1.20 -15.89
N GLU A 23 -0.43 -2.25 -15.91
CA GLU A 23 0.25 -2.69 -14.70
C GLU A 23 0.92 -1.53 -13.99
N LEU A 24 0.71 -1.44 -12.68
CA LEU A 24 1.29 -0.36 -11.89
C LEU A 24 2.66 -0.77 -11.35
N GLY A 25 3.71 -0.14 -11.87
CA GLY A 25 5.05 -0.45 -11.42
C GLY A 25 5.52 0.45 -10.30
N PHE A 26 6.62 0.08 -9.65
CA PHE A 26 7.16 0.86 -8.55
C PHE A 26 8.62 0.48 -8.29
N ARG A 27 9.22 1.14 -7.29
CA ARG A 27 10.61 0.87 -6.94
C ARG A 27 10.72 0.42 -5.49
N LYS A 28 11.87 -0.13 -5.13
CA LYS A 28 12.11 -0.60 -3.76
C LYS A 28 11.94 0.53 -2.77
N ASN A 29 11.30 0.24 -1.64
CA ASN A 29 11.07 1.24 -0.61
C ASN A 29 10.21 2.39 -1.13
N ASP A 30 9.06 2.04 -1.69
CA ASP A 30 8.15 3.05 -2.23
C ASP A 30 6.74 2.86 -1.67
N ILE A 31 6.07 3.96 -1.37
CA ILE A 31 4.71 3.91 -0.83
C ILE A 31 3.67 4.03 -1.94
N ILE A 32 2.70 3.13 -1.92
CA ILE A 32 1.64 3.12 -2.92
C ILE A 32 0.25 3.14 -2.27
N THR A 33 -0.63 3.96 -2.81
CA THR A 33 -1.99 4.07 -2.28
C THR A 33 -2.90 2.99 -2.88
N ILE A 34 -3.63 2.30 -2.01
CA ILE A 34 -4.53 1.25 -2.44
C ILE A 34 -5.94 1.78 -2.66
N ILE A 35 -6.37 1.82 -3.92
CA ILE A 35 -7.70 2.32 -4.27
C ILE A 35 -8.75 1.22 -4.10
N SER A 36 -8.64 0.18 -4.91
CA SER A 36 -9.58 -0.93 -4.86
C SER A 36 -8.85 -2.27 -4.89
N GLN A 37 -8.94 -3.01 -3.79
CA GLN A 37 -8.27 -4.30 -3.69
C GLN A 37 -9.00 -5.35 -4.53
N LYS A 38 -8.74 -5.34 -5.83
CA LYS A 38 -9.37 -6.28 -6.75
C LYS A 38 -9.43 -7.68 -6.13
N ASP A 39 -8.30 -8.12 -5.58
CA ASP A 39 -8.22 -9.44 -4.96
C ASP A 39 -6.88 -9.62 -4.26
N GLU A 40 -6.87 -10.47 -3.24
CA GLU A 40 -5.65 -10.74 -2.48
C GLU A 40 -4.49 -11.07 -3.42
N HIS A 41 -4.82 -11.53 -4.62
CA HIS A 41 -3.80 -11.87 -5.61
C HIS A 41 -3.42 -10.66 -6.44
N CYS A 42 -4.39 -9.78 -6.70
CA CYS A 42 -4.16 -8.58 -7.49
C CYS A 42 -4.86 -7.38 -6.86
N TRP A 43 -4.08 -6.35 -6.55
CA TRP A 43 -4.62 -5.13 -5.95
C TRP A 43 -4.45 -3.94 -6.87
N VAL A 44 -5.31 -2.93 -6.71
CA VAL A 44 -5.23 -1.73 -7.52
C VAL A 44 -4.90 -0.51 -6.68
N GLY A 45 -3.73 0.07 -6.94
CA GLY A 45 -3.31 1.25 -6.20
C GLY A 45 -3.10 2.46 -7.09
N GLU A 46 -2.48 3.50 -6.54
CA GLU A 46 -2.22 4.72 -7.29
C GLU A 46 -0.81 5.23 -7.03
N LEU A 47 -0.02 5.38 -8.08
CA LEU A 47 1.34 5.86 -7.97
C LEU A 47 1.81 6.51 -9.27
N ASN A 48 2.64 7.54 -9.14
CA ASN A 48 3.16 8.26 -10.31
C ASN A 48 2.01 8.76 -11.18
N GLY A 49 0.87 9.05 -10.57
CA GLY A 49 -0.28 9.53 -11.31
C GLY A 49 -0.87 8.48 -12.21
N LEU A 50 -0.66 7.21 -11.86
CA LEU A 50 -1.18 6.10 -12.66
C LEU A 50 -2.04 5.18 -11.79
N ARG A 51 -3.02 4.55 -12.41
CA ARG A 51 -3.91 3.64 -11.70
C ARG A 51 -4.08 2.33 -12.47
N GLY A 52 -3.62 1.24 -11.87
CA GLY A 52 -3.73 -0.06 -12.51
C GLY A 52 -3.77 -1.20 -11.52
N TRP A 53 -3.33 -2.39 -11.95
CA TRP A 53 -3.33 -3.55 -11.09
C TRP A 53 -1.90 -4.01 -10.80
N PHE A 54 -1.72 -4.71 -9.69
CA PHE A 54 -0.39 -5.20 -9.29
C PHE A 54 -0.51 -6.23 -8.18
N PRO A 55 0.45 -7.16 -8.13
CA PRO A 55 0.49 -8.22 -7.11
C PRO A 55 0.79 -7.69 -5.73
N ALA A 56 0.07 -8.19 -4.73
CA ALA A 56 0.26 -7.75 -3.35
C ALA A 56 1.47 -8.44 -2.73
N LYS A 57 1.78 -9.65 -3.20
CA LYS A 57 2.90 -10.41 -2.69
C LYS A 57 4.21 -9.65 -2.90
N PHE A 58 4.17 -8.63 -3.75
CA PHE A 58 5.34 -7.82 -4.03
C PHE A 58 5.55 -6.75 -2.96
N VAL A 59 4.45 -6.23 -2.43
CA VAL A 59 4.50 -5.21 -1.40
C VAL A 59 4.00 -5.75 -0.06
N GLU A 60 4.08 -4.92 0.97
CA GLU A 60 3.64 -5.32 2.31
C GLU A 60 2.64 -4.32 2.87
N VAL A 61 1.53 -4.83 3.39
CA VAL A 61 0.49 -3.99 3.97
C VAL A 61 0.97 -3.32 5.26
N LEU A 62 0.44 -2.13 5.54
CA LEU A 62 0.82 -1.40 6.73
C LEU A 62 -0.41 -0.84 7.44
N ASP A 63 -0.35 -0.76 8.76
CA ASP A 63 -1.46 -0.25 9.56
C ASP A 63 -0.98 0.82 10.54
N GLU A 64 -1.31 2.08 10.24
CA GLU A 64 -0.91 3.19 11.09
C GLU A 64 -2.01 3.53 12.08
N ARG A 65 -1.62 4.10 13.22
CA ARG A 65 -2.58 4.48 14.25
C ARG A 65 -3.71 3.48 14.34
N SER A 66 -3.36 2.19 14.25
CA SER A 66 -4.35 1.12 14.31
C SER A 66 -3.92 0.03 15.28
N LYS A 67 -4.84 -0.42 16.12
CA LYS A 67 -4.56 -1.46 17.09
C LYS A 67 -4.79 -2.85 16.49
N GLU A 68 -3.78 -3.37 15.81
CA GLU A 68 -3.87 -4.69 15.20
C GLU A 68 -2.53 -5.42 15.27
N TYR A 69 -2.54 -6.60 15.90
CA TYR A 69 -1.33 -7.40 16.04
C TYR A 69 -1.54 -8.81 15.49
N SER A 70 -0.43 -9.51 15.26
CA SER A 70 -0.49 -10.86 14.73
C SER A 70 0.42 -11.79 15.52
N ILE A 71 1.54 -11.26 15.99
CA ILE A 71 2.50 -12.04 16.76
C ILE A 71 1.83 -12.67 17.99
N ALA A 72 2.41 -13.76 18.48
CA ALA A 72 1.89 -14.46 19.64
C ALA A 72 2.95 -14.61 20.72
N SER A 73 2.87 -13.80 21.76
CA SER A 73 3.83 -13.86 22.85
C SER A 73 4.09 -15.30 23.28
N GLY A 74 5.15 -15.51 24.05
CA GLY A 74 5.50 -16.84 24.51
C GLY A 74 6.84 -16.88 25.21
N PRO A 75 6.89 -16.36 26.45
CA PRO A 75 8.11 -16.33 27.25
C PRO A 75 8.54 -17.72 27.72
N SER A 76 9.74 -18.12 27.33
CA SER A 76 10.26 -19.44 27.70
C SER A 76 10.53 -19.50 29.20
N SER A 77 11.17 -18.46 29.73
CA SER A 77 11.50 -18.40 31.15
C SER A 77 10.34 -17.82 31.95
N GLY A 78 9.13 -18.25 31.61
CA GLY A 78 7.95 -17.76 32.31
C GLY A 78 7.41 -18.78 33.29
N GLY A 1 -9.00 17.69 5.05
CA GLY A 1 -10.07 18.43 5.71
C GLY A 1 -10.96 17.54 6.55
N SER A 2 -10.39 16.90 7.56
CA SER A 2 -11.15 16.01 8.43
C SER A 2 -12.21 15.26 7.64
N SER A 3 -11.84 14.79 6.46
CA SER A 3 -12.76 14.05 5.60
C SER A 3 -12.91 12.61 6.09
N GLY A 4 -11.80 11.92 6.26
CA GLY A 4 -11.82 10.55 6.72
C GLY A 4 -10.46 9.88 6.65
N SER A 5 -10.22 8.96 7.58
CA SER A 5 -8.93 8.25 7.62
C SER A 5 -9.08 6.84 7.06
N SER A 6 -9.79 6.73 5.94
CA SER A 6 -10.01 5.43 5.30
C SER A 6 -9.12 5.29 4.07
N GLY A 7 -8.05 4.51 4.21
CA GLY A 7 -7.13 4.29 3.11
C GLY A 7 -6.05 3.30 3.44
N ARG A 8 -5.77 2.38 2.51
CA ARG A 8 -4.74 1.37 2.72
C ARG A 8 -3.50 1.68 1.88
N ARG A 9 -2.33 1.44 2.47
CA ARG A 9 -1.07 1.70 1.79
C ARG A 9 -0.12 0.51 1.92
N ALA A 10 0.49 0.12 0.81
CA ALA A 10 1.42 -1.01 0.81
C ALA A 10 2.81 -0.57 0.35
N LYS A 11 3.82 -0.90 1.14
CA LYS A 11 5.20 -0.54 0.81
C LYS A 11 5.82 -1.57 -0.13
N ALA A 12 6.49 -1.09 -1.16
CA ALA A 12 7.13 -1.97 -2.13
C ALA A 12 8.37 -2.63 -1.53
N LEU A 13 8.40 -3.96 -1.62
CA LEU A 13 9.53 -4.73 -1.08
C LEU A 13 10.69 -4.76 -2.07
N LEU A 14 10.36 -4.65 -3.35
CA LEU A 14 11.37 -4.67 -4.41
C LEU A 14 10.93 -3.85 -5.60
N ASP A 15 11.76 -3.82 -6.64
CA ASP A 15 11.45 -3.08 -7.86
C ASP A 15 10.58 -3.90 -8.79
N PHE A 16 9.39 -3.40 -9.09
CA PHE A 16 8.45 -4.09 -9.97
C PHE A 16 8.18 -3.27 -11.22
N GLU A 17 8.79 -3.67 -12.33
CA GLU A 17 8.61 -2.97 -13.60
C GLU A 17 7.39 -3.50 -14.35
N ARG A 18 6.37 -2.66 -14.47
CA ARG A 18 5.15 -3.04 -15.16
C ARG A 18 5.39 -3.15 -16.66
N HIS A 19 4.53 -3.91 -17.35
CA HIS A 19 4.64 -4.09 -18.79
C HIS A 19 3.48 -3.44 -19.51
N ASP A 20 2.26 -3.78 -19.09
CA ASP A 20 1.06 -3.22 -19.69
C ASP A 20 0.51 -2.07 -18.86
N ASP A 21 -0.04 -1.07 -19.54
CA ASP A 21 -0.60 0.10 -18.87
C ASP A 21 -1.40 -0.32 -17.63
N ASP A 22 -2.13 -1.43 -17.76
CA ASP A 22 -2.94 -1.93 -16.65
C ASP A 22 -2.08 -2.22 -15.43
N GLU A 23 -0.91 -2.81 -15.66
CA GLU A 23 0.00 -3.13 -14.58
C GLU A 23 0.64 -1.88 -13.99
N LEU A 24 0.76 -1.83 -12.67
CA LEU A 24 1.35 -0.68 -12.00
C LEU A 24 2.71 -1.03 -11.43
N GLY A 25 3.75 -0.37 -11.93
CA GLY A 25 5.09 -0.62 -11.46
C GLY A 25 5.49 0.29 -10.32
N PHE A 26 6.52 -0.09 -9.58
CA PHE A 26 7.00 0.70 -8.45
C PHE A 26 8.43 0.33 -8.08
N ARG A 27 9.13 1.24 -7.42
CA ARG A 27 10.50 1.01 -7.00
C ARG A 27 10.56 0.40 -5.60
N LYS A 28 11.76 -0.02 -5.19
CA LYS A 28 11.94 -0.61 -3.88
C LYS A 28 11.69 0.41 -2.77
N ASN A 29 11.03 -0.02 -1.70
CA ASN A 29 10.73 0.86 -0.58
C ASN A 29 9.85 2.03 -1.02
N ASP A 30 9.00 1.77 -2.01
CA ASP A 30 8.10 2.80 -2.52
C ASP A 30 6.69 2.59 -1.99
N ILE A 31 6.07 3.69 -1.52
CA ILE A 31 4.72 3.62 -0.98
C ILE A 31 3.69 3.87 -2.07
N ILE A 32 2.68 3.00 -2.13
CA ILE A 32 1.62 3.12 -3.12
C ILE A 32 0.24 3.10 -2.46
N THR A 33 -0.59 4.07 -2.82
CA THR A 33 -1.94 4.17 -2.26
C THR A 33 -2.85 3.09 -2.87
N ILE A 34 -3.61 2.44 -2.01
CA ILE A 34 -4.54 1.40 -2.46
C ILE A 34 -5.94 1.96 -2.69
N ILE A 35 -6.37 1.95 -3.95
CA ILE A 35 -7.69 2.46 -4.29
C ILE A 35 -8.75 1.37 -4.13
N SER A 36 -8.61 0.29 -4.87
CA SER A 36 -9.56 -0.82 -4.80
C SER A 36 -8.84 -2.17 -4.85
N GLN A 37 -9.38 -3.14 -4.14
CA GLN A 37 -8.79 -4.48 -4.09
C GLN A 37 -9.49 -5.42 -5.07
N LYS A 38 -9.15 -5.30 -6.34
CA LYS A 38 -9.75 -6.15 -7.37
C LYS A 38 -9.81 -7.60 -6.91
N ASP A 39 -8.64 -8.23 -6.76
CA ASP A 39 -8.56 -9.61 -6.32
C ASP A 39 -7.87 -9.71 -4.97
N GLU A 40 -7.79 -10.94 -4.44
CA GLU A 40 -7.15 -11.17 -3.16
C GLU A 40 -5.65 -10.95 -3.25
N HIS A 41 -5.04 -11.43 -4.32
CA HIS A 41 -3.60 -11.29 -4.53
C HIS A 41 -3.29 -10.03 -5.34
N CYS A 42 -4.15 -9.74 -6.32
CA CYS A 42 -3.97 -8.58 -7.17
C CYS A 42 -4.77 -7.39 -6.64
N TRP A 43 -4.06 -6.30 -6.34
CA TRP A 43 -4.70 -5.10 -5.82
C TRP A 43 -4.49 -3.91 -6.76
N VAL A 44 -5.33 -2.90 -6.62
CA VAL A 44 -5.23 -1.70 -7.46
C VAL A 44 -4.85 -0.47 -6.63
N GLY A 45 -3.66 0.05 -6.88
CA GLY A 45 -3.21 1.23 -6.15
C GLY A 45 -3.06 2.45 -7.03
N GLU A 46 -2.36 3.46 -6.54
CA GLU A 46 -2.14 4.69 -7.30
C GLU A 46 -0.75 5.25 -7.03
N LEU A 47 0.01 5.45 -8.10
CA LEU A 47 1.36 5.98 -8.00
C LEU A 47 1.78 6.68 -9.29
N ASN A 48 2.63 7.69 -9.16
CA ASN A 48 3.11 8.44 -10.32
C ASN A 48 1.94 8.96 -11.13
N GLY A 49 0.81 9.19 -10.48
CA GLY A 49 -0.37 9.69 -11.17
C GLY A 49 -0.99 8.64 -12.08
N LEU A 50 -0.82 7.37 -11.71
CA LEU A 50 -1.38 6.27 -12.49
C LEU A 50 -2.21 5.36 -11.62
N ARG A 51 -3.06 4.55 -12.26
CA ARG A 51 -3.92 3.61 -11.54
C ARG A 51 -4.01 2.28 -12.28
N GLY A 52 -3.43 1.24 -11.69
CA GLY A 52 -3.46 -0.07 -12.30
C GLY A 52 -3.43 -1.19 -11.28
N TRP A 53 -3.20 -2.41 -11.75
CA TRP A 53 -3.16 -3.57 -10.86
C TRP A 53 -1.71 -4.02 -10.61
N PHE A 54 -1.51 -4.76 -9.53
CA PHE A 54 -0.18 -5.25 -9.18
C PHE A 54 -0.26 -6.34 -8.11
N PRO A 55 0.73 -7.25 -8.11
CA PRO A 55 0.79 -8.34 -7.15
C PRO A 55 1.09 -7.87 -5.73
N ALA A 56 0.13 -8.07 -4.83
CA ALA A 56 0.29 -7.65 -3.44
C ALA A 56 1.49 -8.35 -2.79
N LYS A 57 1.70 -9.61 -3.17
CA LYS A 57 2.81 -10.39 -2.64
C LYS A 57 4.12 -9.64 -2.77
N PHE A 58 4.19 -8.74 -3.76
CA PHE A 58 5.39 -7.96 -4.00
C PHE A 58 5.52 -6.83 -2.98
N VAL A 59 4.38 -6.37 -2.47
CA VAL A 59 4.36 -5.29 -1.48
C VAL A 59 3.86 -5.80 -0.13
N GLU A 60 4.00 -4.96 0.89
CA GLU A 60 3.57 -5.32 2.24
C GLU A 60 2.55 -4.30 2.77
N VAL A 61 1.44 -4.80 3.27
CA VAL A 61 0.39 -3.94 3.81
C VAL A 61 0.87 -3.20 5.06
N LEU A 62 0.36 -2.00 5.27
CA LEU A 62 0.73 -1.19 6.42
C LEU A 62 -0.50 -0.64 7.14
N ASP A 63 -0.29 -0.06 8.31
CA ASP A 63 -1.38 0.51 9.09
C ASP A 63 -0.93 1.74 9.84
N GLU A 64 -1.64 2.85 9.64
CA GLU A 64 -1.31 4.11 10.30
C GLU A 64 -2.57 4.83 10.76
N ARG A 65 -2.38 5.90 11.54
CA ARG A 65 -3.50 6.67 12.04
C ARG A 65 -4.54 5.77 12.70
N SER A 66 -4.07 4.89 13.59
CA SER A 66 -4.95 3.97 14.29
C SER A 66 -4.80 4.11 15.80
N LYS A 67 -5.88 3.82 16.53
CA LYS A 67 -5.87 3.92 17.98
C LYS A 67 -4.50 3.53 18.54
N GLU A 68 -3.83 4.48 19.18
CA GLU A 68 -2.52 4.24 19.75
C GLU A 68 -2.44 4.79 21.18
N TYR A 69 -1.67 4.12 22.02
CA TYR A 69 -1.53 4.54 23.41
C TYR A 69 -0.10 5.01 23.68
N SER A 70 0.06 5.82 24.72
CA SER A 70 1.37 6.35 25.09
C SER A 70 2.03 5.48 26.16
N ILE A 71 2.88 4.55 25.72
CA ILE A 71 3.57 3.66 26.64
C ILE A 71 5.05 3.55 26.29
N ALA A 72 5.89 3.46 27.31
CA ALA A 72 7.33 3.35 27.12
C ALA A 72 7.99 2.62 28.27
N SER A 73 8.99 1.79 27.95
CA SER A 73 9.69 1.03 28.97
C SER A 73 8.74 0.51 30.03
N GLY A 74 7.50 0.25 29.63
CA GLY A 74 6.49 -0.25 30.55
C GLY A 74 6.41 -1.76 30.57
N PRO A 75 5.71 -2.33 29.57
CA PRO A 75 5.54 -3.78 29.45
C PRO A 75 6.83 -4.48 29.07
N SER A 76 7.82 -3.71 28.62
CA SER A 76 9.10 -4.26 28.21
C SER A 76 9.69 -5.14 29.31
N SER A 77 9.67 -6.45 29.09
CA SER A 77 10.19 -7.41 30.06
C SER A 77 11.51 -6.91 30.66
N GLY A 78 11.46 -6.46 31.91
CA GLY A 78 12.65 -5.96 32.57
C GLY A 78 12.34 -5.21 33.84
#